data_3F5M
#
_entry.id   3F5M
#
_cell.length_a   96.578
_cell.length_b   117.570
_cell.length_c   176.587
_cell.angle_alpha   90.00
_cell.angle_beta   90.00
_cell.angle_gamma   90.00
#
_symmetry.space_group_name_H-M   'P 21 21 21'
#
loop_
_entity.id
_entity.type
_entity.pdbx_description
1 polymer '6-phospho-1-fructokinase (ATP-dependent phosphofructokinase)'
2 non-polymer "ADENOSINE-5'-TRIPHOSPHATE"
3 non-polymer 'MAGNESIUM ION'
4 non-polymer GLYCEROL
5 non-polymer 'SODIUM ION'
6 non-polymer 'SULFATE ION'
7 water water
#
_entity_poly.entity_id   1
_entity_poly.type   'polypeptide(L)'
_entity_poly.pdbx_seq_one_letter_code
;MAVESRSRVTSKLVKAHRAMLNSVTQEDLKVDRLPGADYPNPSKKYSSRTEFRDKTDYIMYNPRPRDEPSSENPVSVSPL
LCELAAARSRIHFNPTETTIGIVTCGGICPGLNDVIRSITLTGINVYNVKRVIGFRFGYWGLSKKGSQTAIELHRGRVTN
IHHYGGTILGSSRGPQDPKEMVDTLERLGVNILFTVGGDGTQRGALVISQEAKRRGVDISVFGVPKTIDNDLSFSHRTFG
FQTAVEKAVQAIRAAYAEAVSANYGVGVVKLMGRDSGFIAAQAAVASAQANICLVPENPISEQEVMSLLERRFCHSRSCV
IIVAEGFGQDWGRGSGGYDASGNKKLIDIGVILTEKVKAFLKANKSRYPDSTVKYIDPSYMIRACPPSANDALFCATLAT
LAVHEAMAGATGCIIAMRHNNYILVPIKVATSVRRVLDLRGQLWRQVREITVDLGSDVRLARKLEIRRELEAINRNRDRL
HEELAKL
;
_entity_poly.pdbx_strand_id   A,B,C,D
#
# COMPACT_ATOMS: atom_id res chain seq x y z
N THR A 10 12.37 13.22 -24.46
CA THR A 10 12.77 11.88 -24.02
C THR A 10 12.12 10.75 -24.84
N SER A 11 11.27 11.13 -25.80
CA SER A 11 10.72 10.17 -26.76
C SER A 11 11.21 10.48 -28.18
N LYS A 12 10.88 9.60 -29.11
CA LYS A 12 11.32 9.70 -30.49
C LYS A 12 10.34 8.88 -31.30
N LEU A 13 10.05 9.30 -32.53
CA LEU A 13 9.16 8.51 -33.37
C LEU A 13 9.95 7.55 -34.26
N VAL A 14 9.29 6.52 -34.74
CA VAL A 14 9.96 5.47 -35.49
C VAL A 14 8.92 4.74 -36.34
N LYS A 15 9.33 4.21 -37.47
CA LYS A 15 8.38 3.54 -38.35
C LYS A 15 7.93 2.24 -37.69
N ALA A 16 6.64 1.99 -37.75
CA ALA A 16 6.06 0.76 -37.24
C ALA A 16 6.45 -0.45 -38.06
N HIS A 17 6.65 -1.59 -37.39
CA HIS A 17 7.06 -2.83 -38.02
C HIS A 17 6.13 -3.24 -39.16
N ARG A 18 4.91 -2.72 -39.15
CA ARG A 18 3.92 -3.10 -40.15
C ARG A 18 3.10 -1.88 -40.60
N ALA A 19 3.82 -0.78 -40.88
CA ALA A 19 3.19 0.51 -41.20
C ALA A 19 2.18 0.48 -42.36
N MET A 20 1.09 1.23 -42.21
CA MET A 20 0.11 1.39 -43.29
C MET A 20 0.37 2.65 -44.16
N LEU A 21 0.92 3.70 -43.55
CA LEU A 21 1.37 4.88 -44.29
C LEU A 21 2.89 4.95 -44.22
N ASN A 22 3.52 5.44 -45.29
CA ASN A 22 4.95 5.70 -45.24
C ASN A 22 5.24 7.17 -44.99
N SER A 23 4.27 8.00 -45.31
CA SER A 23 4.32 9.40 -44.94
C SER A 23 2.99 9.84 -44.36
N VAL A 24 3.02 10.86 -43.52
CA VAL A 24 1.79 11.34 -42.91
C VAL A 24 1.49 12.77 -43.34
N THR A 25 0.27 13.00 -43.82
CA THR A 25 -0.14 14.33 -44.24
C THR A 25 -1.37 14.75 -43.46
N GLN A 26 -1.73 16.02 -43.59
CA GLN A 26 -2.86 16.54 -42.85
C GLN A 26 -4.11 15.72 -43.12
N GLU A 27 -4.27 15.27 -44.36
CA GLU A 27 -5.49 14.57 -44.76
C GLU A 27 -5.55 13.21 -44.07
N ASP A 28 -4.41 12.55 -44.02
CA ASP A 28 -4.24 11.37 -43.19
C ASP A 28 -4.69 11.61 -41.72
N LEU A 29 -4.52 12.82 -41.22
CA LEU A 29 -4.84 13.10 -39.83
C LEU A 29 -6.33 13.40 -39.65
N LYS A 30 -7.02 13.60 -40.75
CA LYS A 30 -8.43 13.94 -40.64
C LYS A 30 -9.21 12.72 -40.21
N VAL A 31 -10.11 12.94 -39.26
CA VAL A 31 -10.87 11.86 -38.66
C VAL A 31 -12.17 11.62 -39.39
N ASP A 32 -12.40 10.36 -39.74
CA ASP A 32 -13.58 9.98 -40.49
C ASP A 32 -14.78 10.18 -39.57
N ARG A 33 -15.91 10.66 -40.14
CA ARG A 33 -17.16 10.85 -39.41
C ARG A 33 -18.36 10.26 -40.17
N LEU A 34 -19.17 9.46 -39.50
CA LEU A 34 -20.43 9.02 -40.07
C LEU A 34 -21.18 10.24 -40.56
N PRO A 35 -21.74 10.16 -41.77
CA PRO A 35 -22.41 11.27 -42.44
C PRO A 35 -23.53 11.88 -41.59
N GLY A 36 -23.46 13.19 -41.33
CA GLY A 36 -24.58 13.91 -40.77
C GLY A 36 -24.69 13.85 -39.26
N ALA A 37 -25.28 14.89 -38.69
CA ALA A 37 -25.38 15.02 -37.24
C ALA A 37 -26.65 15.80 -36.87
N ASP A 38 -27.76 15.09 -36.79
CA ASP A 38 -29.05 15.76 -36.74
C ASP A 38 -29.66 15.90 -35.36
N TYR A 39 -29.20 15.08 -34.43
CA TYR A 39 -29.77 15.13 -33.08
C TYR A 39 -28.98 16.07 -32.18
N PRO A 40 -29.67 16.66 -31.19
CA PRO A 40 -29.01 17.53 -30.21
C PRO A 40 -28.38 16.69 -29.13
N ASN A 41 -27.38 17.25 -28.45
CA ASN A 41 -26.69 16.55 -27.39
C ASN A 41 -27.31 16.84 -26.03
N PRO A 42 -27.93 15.83 -25.41
CA PRO A 42 -28.55 16.00 -24.10
C PRO A 42 -27.54 16.53 -23.08
N SER A 43 -26.29 16.12 -23.23
CA SER A 43 -25.22 16.59 -22.36
C SER A 43 -25.06 18.11 -22.42
N LYS A 44 -25.07 18.65 -23.63
CA LYS A 44 -24.91 20.09 -23.85
C LYS A 44 -26.26 20.80 -23.98
N LYS A 45 -27.16 20.54 -23.04
CA LYS A 45 -28.44 21.23 -23.00
C LYS A 45 -28.23 22.72 -22.76
N LYS A 55 -18.13 23.38 -34.17
CA LYS A 55 -17.15 22.92 -35.13
C LYS A 55 -15.87 22.43 -34.46
N THR A 56 -15.03 21.74 -35.22
CA THR A 56 -13.83 21.11 -34.69
C THR A 56 -12.69 22.08 -34.36
N ASP A 57 -12.11 21.93 -33.17
CA ASP A 57 -10.93 22.69 -32.75
C ASP A 57 -9.70 21.81 -32.93
N TYR A 58 -8.53 22.39 -33.14
CA TYR A 58 -7.31 21.61 -33.37
C TYR A 58 -6.19 22.06 -32.47
N ILE A 59 -5.10 21.28 -32.47
CA ILE A 59 -3.92 21.66 -31.72
C ILE A 59 -2.73 21.29 -32.55
N MET A 60 -1.65 22.05 -32.42
CA MET A 60 -0.49 21.83 -33.25
C MET A 60 0.16 20.54 -32.87
N TYR A 61 0.46 19.72 -33.85
CA TYR A 61 1.19 18.51 -33.59
C TYR A 61 2.52 18.86 -32.90
N ASN A 62 3.12 19.97 -33.29
CA ASN A 62 4.38 20.37 -32.69
C ASN A 62 4.45 21.87 -32.33
N PRO A 63 4.56 22.19 -31.01
CA PRO A 63 4.44 23.56 -30.51
C PRO A 63 5.76 24.30 -30.51
N ARG A 64 6.78 23.76 -31.15
CA ARG A 64 8.05 24.46 -31.28
C ARG A 64 7.99 25.39 -32.49
N PRO A 65 8.49 26.62 -32.35
CA PRO A 65 8.35 27.65 -33.38
C PRO A 65 9.45 27.58 -34.42
N ARG A 66 9.18 28.05 -35.63
CA ARG A 66 10.23 28.21 -36.64
C ARG A 66 10.76 29.63 -36.68
N GLU A 72 6.04 39.00 -34.34
CA GLU A 72 4.69 38.54 -34.67
C GLU A 72 4.53 37.05 -34.33
N ASN A 73 3.29 36.57 -34.25
CA ASN A 73 3.00 35.26 -33.66
C ASN A 73 3.83 34.09 -34.22
N PRO A 74 4.25 33.20 -33.33
CA PRO A 74 5.06 32.01 -33.62
C PRO A 74 4.38 31.04 -34.59
N VAL A 75 5.20 30.45 -35.46
CA VAL A 75 4.71 29.53 -36.47
C VAL A 75 5.31 28.15 -36.26
N SER A 76 4.46 27.13 -36.22
CA SER A 76 4.96 25.80 -35.93
C SER A 76 6.00 25.36 -36.92
N VAL A 77 6.95 24.59 -36.42
CA VAL A 77 8.01 24.01 -37.21
C VAL A 77 7.41 22.87 -38.04
N SER A 78 6.12 22.61 -37.84
CA SER A 78 5.42 21.55 -38.58
C SER A 78 4.04 22.02 -39.03
N PRO A 79 3.55 21.48 -40.17
CA PRO A 79 2.25 21.88 -40.72
C PRO A 79 1.08 21.09 -40.11
N LEU A 80 1.39 20.10 -39.28
CA LEU A 80 0.40 19.14 -38.78
C LEU A 80 -0.46 19.64 -37.62
N LEU A 81 -1.76 19.40 -37.71
CA LEU A 81 -2.69 19.74 -36.68
C LEU A 81 -3.38 18.47 -36.29
N CYS A 82 -3.72 18.31 -35.01
CA CYS A 82 -4.49 17.16 -34.54
C CYS A 82 -5.78 17.66 -33.98
N GLU A 83 -6.82 16.88 -34.25
CA GLU A 83 -8.16 17.22 -33.82
C GLU A 83 -8.35 17.00 -32.32
N LEU A 84 -8.88 18.00 -31.65
CA LEU A 84 -9.14 17.92 -30.24
C LEU A 84 -10.43 17.17 -29.94
N ALA A 85 -10.37 16.25 -28.98
CA ALA A 85 -11.54 15.49 -28.57
C ALA A 85 -12.40 16.36 -27.68
N ALA A 86 -13.71 16.33 -27.90
CA ALA A 86 -14.64 17.09 -27.07
C ALA A 86 -16.06 16.63 -27.27
N ALA A 87 -16.89 16.88 -26.26
CA ALA A 87 -18.34 16.73 -26.37
C ALA A 87 -18.86 17.69 -27.43
N ARG A 88 -19.80 17.23 -28.27
CA ARG A 88 -20.27 18.04 -29.40
C ARG A 88 -21.74 18.46 -29.32
N SER A 89 -22.04 19.69 -29.78
CA SER A 89 -23.40 20.25 -29.79
C SER A 89 -24.38 19.34 -30.49
N ARG A 90 -24.00 18.91 -31.69
CA ARG A 90 -24.81 18.00 -32.47
C ARG A 90 -24.13 16.64 -32.52
N ILE A 91 -24.95 15.60 -32.46
CA ILE A 91 -24.44 14.23 -32.53
C ILE A 91 -25.09 13.45 -33.68
N HIS A 92 -24.48 12.35 -34.07
CA HIS A 92 -24.91 11.62 -35.25
C HIS A 92 -25.93 10.53 -34.94
N PHE A 93 -25.78 9.88 -33.81
CA PHE A 93 -26.69 8.81 -33.45
C PHE A 93 -27.83 9.35 -32.60
N ASN A 94 -28.98 8.72 -32.72
CA ASN A 94 -30.09 9.07 -31.88
C ASN A 94 -29.88 8.44 -30.51
N PRO A 95 -29.48 9.26 -29.54
CA PRO A 95 -29.16 8.84 -28.16
C PRO A 95 -30.03 7.70 -27.63
N THR A 96 -31.32 7.96 -27.45
CA THR A 96 -32.20 7.00 -26.77
C THR A 96 -32.46 5.73 -27.58
N GLU A 97 -31.83 5.61 -28.74
CA GLU A 97 -31.98 4.43 -29.57
C GLU A 97 -30.64 3.79 -29.93
N THR A 98 -29.54 4.41 -29.50
CA THR A 98 -28.23 3.83 -29.82
C THR A 98 -27.84 2.70 -28.87
N THR A 99 -27.23 1.68 -29.45
CA THR A 99 -26.71 0.55 -28.72
C THR A 99 -25.20 0.57 -28.81
N ILE A 100 -24.55 0.56 -27.64
CA ILE A 100 -23.10 0.59 -27.57
C ILE A 100 -22.58 -0.79 -27.23
N GLY A 101 -21.47 -1.16 -27.86
CA GLY A 101 -20.78 -2.41 -27.57
C GLY A 101 -19.33 -2.19 -27.16
N ILE A 102 -18.82 -3.06 -26.31
CA ILE A 102 -17.45 -2.96 -25.85
C ILE A 102 -16.76 -4.30 -25.96
N VAL A 103 -15.54 -4.27 -26.48
CA VAL A 103 -14.72 -5.47 -26.49
C VAL A 103 -13.32 -5.13 -26.01
N THR A 104 -12.69 -6.02 -25.25
CA THR A 104 -11.28 -5.85 -24.85
C THR A 104 -10.41 -6.99 -25.38
N CYS A 105 -9.32 -6.65 -26.06
CA CYS A 105 -8.53 -7.67 -26.74
C CYS A 105 -7.08 -7.52 -26.38
N GLY A 106 -6.27 -8.52 -26.74
CA GLY A 106 -4.86 -8.50 -26.37
C GLY A 106 -4.57 -8.80 -24.90
N GLY A 107 -3.35 -8.45 -24.47
CA GLY A 107 -2.94 -8.67 -23.09
C GLY A 107 -3.77 -7.84 -22.13
N ILE A 108 -3.64 -8.11 -20.84
CA ILE A 108 -4.35 -7.25 -19.89
C ILE A 108 -3.44 -6.17 -19.34
N CYS A 109 -4.04 -5.10 -18.88
CA CYS A 109 -3.31 -3.93 -18.48
C CYS A 109 -4.19 -3.15 -17.49
N PRO A 110 -3.57 -2.51 -16.48
CA PRO A 110 -4.37 -1.83 -15.45
C PRO A 110 -5.25 -0.75 -16.05
N GLY A 111 -6.54 -0.79 -15.74
CA GLY A 111 -7.48 0.23 -16.20
C GLY A 111 -8.53 -0.23 -17.20
N LEU A 112 -8.42 -1.46 -17.67
CA LEU A 112 -9.46 -2.05 -18.53
C LEU A 112 -10.86 -1.91 -17.94
N ASN A 113 -11.02 -2.20 -16.66
CA ASN A 113 -12.34 -2.15 -16.06
C ASN A 113 -12.79 -0.71 -15.85
N ASP A 114 -11.85 0.20 -15.69
CA ASP A 114 -12.22 1.60 -15.60
C ASP A 114 -12.73 2.08 -16.96
N VAL A 115 -12.06 1.63 -18.02
CA VAL A 115 -12.49 1.95 -19.37
C VAL A 115 -13.89 1.36 -19.60
N ILE A 116 -14.02 0.07 -19.32
CA ILE A 116 -15.30 -0.58 -19.48
C ILE A 116 -16.38 0.15 -18.69
N ARG A 117 -16.10 0.43 -17.43
CA ARG A 117 -17.07 1.08 -16.54
C ARG A 117 -17.44 2.50 -17.01
N SER A 118 -16.45 3.26 -17.43
CA SER A 118 -16.74 4.63 -17.85
C SER A 118 -17.49 4.68 -19.18
N ILE A 119 -17.09 3.86 -20.14
CA ILE A 119 -17.86 3.82 -21.37
C ILE A 119 -19.34 3.57 -21.06
N THR A 120 -19.60 2.51 -20.31
CA THR A 120 -20.95 2.15 -19.91
C THR A 120 -21.71 3.30 -19.24
N LEU A 121 -21.12 3.85 -18.18
CA LEU A 121 -21.80 4.89 -17.43
C LEU A 121 -21.99 6.17 -18.24
N THR A 122 -21.05 6.52 -19.08
CA THR A 122 -21.19 7.73 -19.88
C THR A 122 -22.33 7.55 -20.88
N GLY A 123 -22.38 6.35 -21.45
CA GLY A 123 -23.46 6.00 -22.35
C GLY A 123 -24.77 6.06 -21.61
N ILE A 124 -24.84 5.37 -20.48
CA ILE A 124 -26.08 5.26 -19.74
C ILE A 124 -26.52 6.52 -18.99
N ASN A 125 -25.57 7.20 -18.36
CA ASN A 125 -25.89 8.41 -17.60
C ASN A 125 -26.02 9.67 -18.47
N VAL A 126 -25.08 9.84 -19.39
CA VAL A 126 -25.04 11.09 -20.13
C VAL A 126 -25.91 11.05 -21.36
N TYR A 127 -25.85 9.97 -22.11
CA TYR A 127 -26.59 9.89 -23.36
C TYR A 127 -27.87 9.09 -23.22
N ASN A 128 -27.99 8.35 -22.13
CA ASN A 128 -29.20 7.58 -21.87
C ASN A 128 -29.45 6.63 -23.04
N VAL A 129 -28.37 6.00 -23.50
CA VAL A 129 -28.43 5.09 -24.63
C VAL A 129 -29.39 3.93 -24.36
N LYS A 130 -29.82 3.27 -25.44
CA LYS A 130 -30.79 2.19 -25.32
C LYS A 130 -30.21 1.08 -24.46
N ARG A 131 -29.05 0.55 -24.88
CA ARG A 131 -28.38 -0.49 -24.10
C ARG A 131 -26.86 -0.51 -24.30
N VAL A 132 -26.15 -1.11 -23.34
CA VAL A 132 -24.73 -1.34 -23.53
C VAL A 132 -24.45 -2.83 -23.54
N ILE A 133 -23.71 -3.30 -24.54
CA ILE A 133 -23.38 -4.70 -24.63
C ILE A 133 -21.87 -4.92 -24.45
N GLY A 134 -21.53 -5.88 -23.60
CA GLY A 134 -20.15 -6.27 -23.39
C GLY A 134 -19.90 -7.58 -24.11
N PHE A 135 -18.87 -7.62 -24.96
CA PHE A 135 -18.53 -8.85 -25.68
C PHE A 135 -17.40 -9.59 -24.98
N ARG A 136 -17.56 -10.90 -24.83
CA ARG A 136 -16.66 -11.68 -23.99
C ARG A 136 -15.42 -12.09 -24.77
N PHE A 137 -14.30 -12.13 -24.06
CA PHE A 137 -13.06 -12.73 -24.58
C PHE A 137 -12.62 -12.19 -25.93
N GLY A 138 -12.50 -10.87 -26.00
CA GLY A 138 -12.03 -10.23 -27.21
C GLY A 138 -12.90 -10.50 -28.42
N TYR A 139 -12.27 -10.52 -29.57
CA TYR A 139 -13.05 -10.56 -30.79
C TYR A 139 -13.82 -11.87 -30.91
N TRP A 140 -13.29 -12.92 -30.28
CA TRP A 140 -14.04 -14.18 -30.18
C TRP A 140 -15.49 -13.99 -29.73
N GLY A 141 -15.74 -12.97 -28.93
CA GLY A 141 -17.10 -12.74 -28.45
C GLY A 141 -17.99 -12.13 -29.52
N LEU A 142 -17.41 -11.79 -30.66
CA LEU A 142 -18.17 -11.23 -31.77
C LEU A 142 -18.42 -12.29 -32.87
N SER A 143 -17.79 -13.45 -32.72
CA SER A 143 -17.96 -14.54 -33.65
C SER A 143 -19.35 -15.17 -33.48
N LYS A 144 -19.80 -15.93 -34.48
CA LYS A 144 -21.13 -16.51 -34.41
C LYS A 144 -21.21 -17.30 -33.11
N LYS A 145 -20.21 -18.14 -32.90
CA LYS A 145 -20.17 -18.95 -31.69
C LYS A 145 -20.13 -18.09 -30.45
N GLY A 146 -19.13 -17.20 -30.38
CA GLY A 146 -18.92 -16.36 -29.22
C GLY A 146 -20.11 -15.48 -28.84
N SER A 147 -20.80 -14.93 -29.83
CA SER A 147 -21.87 -13.98 -29.61
C SER A 147 -22.94 -14.46 -28.61
N GLN A 148 -23.06 -15.77 -28.44
CA GLN A 148 -24.09 -16.29 -27.56
C GLN A 148 -23.82 -15.89 -26.11
N THR A 149 -22.56 -15.53 -25.85
CA THR A 149 -22.11 -15.14 -24.51
C THR A 149 -22.13 -13.64 -24.23
N ALA A 150 -22.56 -12.84 -25.20
CA ALA A 150 -22.63 -11.41 -24.98
C ALA A 150 -23.51 -11.15 -23.78
N ILE A 151 -23.16 -10.15 -22.99
CA ILE A 151 -23.93 -9.77 -21.81
C ILE A 151 -24.31 -8.31 -21.92
N GLU A 152 -25.35 -7.93 -21.18
CA GLU A 152 -25.78 -6.54 -21.19
C GLU A 152 -25.17 -5.86 -19.99
N LEU A 153 -24.49 -4.76 -20.24
CA LEU A 153 -23.86 -3.98 -19.18
C LEU A 153 -24.82 -2.91 -18.71
N HIS A 154 -25.01 -2.85 -17.39
CA HIS A 154 -25.81 -1.80 -16.80
C HIS A 154 -25.13 -1.28 -15.55
N ARG A 155 -25.60 -0.13 -15.08
CA ARG A 155 -25.01 0.47 -13.90
C ARG A 155 -24.64 -0.59 -12.85
N GLY A 156 -25.57 -1.46 -12.50
CA GLY A 156 -25.31 -2.43 -11.44
C GLY A 156 -24.15 -3.36 -11.73
N ARG A 157 -23.89 -3.59 -13.01
CA ARG A 157 -22.85 -4.54 -13.38
C ARG A 157 -21.46 -3.92 -13.27
N VAL A 158 -21.35 -2.63 -13.53
CA VAL A 158 -20.05 -1.97 -13.66
C VAL A 158 -19.72 -1.09 -12.48
N THR A 159 -20.65 -0.96 -11.55
CA THR A 159 -20.50 -0.08 -10.41
C THR A 159 -19.15 -0.14 -9.69
N ASN A 160 -18.63 -1.35 -9.48
CA ASN A 160 -17.44 -1.55 -8.66
C ASN A 160 -16.27 -2.25 -9.37
N ILE A 161 -16.36 -2.42 -10.68
CA ILE A 161 -15.32 -3.17 -11.37
C ILE A 161 -13.98 -2.43 -11.43
N HIS A 162 -14.00 -1.10 -11.30
CA HIS A 162 -12.76 -0.32 -11.28
C HIS A 162 -11.82 -0.69 -10.12
N HIS A 163 -12.30 -1.48 -9.18
CA HIS A 163 -11.47 -1.91 -8.05
C HIS A 163 -10.65 -3.14 -8.39
N TYR A 164 -10.85 -3.68 -9.59
CA TYR A 164 -10.24 -4.94 -9.96
C TYR A 164 -9.34 -4.85 -11.19
N GLY A 165 -8.29 -5.66 -11.20
CA GLY A 165 -7.44 -5.76 -12.37
C GLY A 165 -8.12 -6.69 -13.35
N GLY A 166 -7.50 -6.88 -14.50
CA GLY A 166 -8.05 -7.73 -15.55
C GLY A 166 -9.17 -7.06 -16.30
N THR A 167 -9.98 -7.87 -16.97
CA THR A 167 -11.16 -7.34 -17.65
C THR A 167 -12.33 -8.25 -17.39
N ILE A 168 -13.46 -7.71 -16.92
CA ILE A 168 -14.60 -8.58 -16.64
C ILE A 168 -15.13 -9.22 -17.92
N LEU A 169 -14.93 -8.54 -19.04
CA LEU A 169 -15.42 -9.04 -20.31
C LEU A 169 -14.55 -10.19 -20.73
N GLY A 170 -13.30 -10.16 -20.27
CA GLY A 170 -12.32 -11.15 -20.71
C GLY A 170 -11.70 -10.75 -22.04
N SER A 171 -10.62 -11.42 -22.41
CA SER A 171 -9.93 -11.06 -23.62
C SER A 171 -9.47 -12.32 -24.32
N SER A 172 -8.92 -12.17 -25.52
CA SER A 172 -8.41 -13.31 -26.28
C SER A 172 -7.42 -12.89 -27.34
N ARG A 173 -6.76 -13.91 -27.89
CA ARG A 173 -5.74 -13.79 -28.92
C ARG A 173 -6.26 -14.55 -30.14
N GLY A 174 -5.85 -14.14 -31.33
CA GLY A 174 -6.26 -14.83 -32.55
C GLY A 174 -7.42 -14.17 -33.26
N PRO A 175 -7.45 -14.26 -34.59
CA PRO A 175 -8.39 -13.50 -35.43
C PRO A 175 -9.79 -14.11 -35.40
N GLN A 176 -10.76 -13.33 -35.84
CA GLN A 176 -12.09 -13.86 -36.12
C GLN A 176 -12.48 -13.40 -37.50
N ASP A 177 -13.54 -14.01 -38.03
CA ASP A 177 -14.07 -13.67 -39.36
C ASP A 177 -14.85 -12.34 -39.30
N PRO A 178 -14.35 -11.31 -40.01
CA PRO A 178 -14.98 -9.98 -39.97
C PRO A 178 -16.43 -10.03 -40.40
N LYS A 179 -16.78 -11.01 -41.22
CA LYS A 179 -18.16 -11.14 -41.67
C LYS A 179 -19.04 -11.65 -40.54
N GLU A 180 -18.53 -12.63 -39.79
CA GLU A 180 -19.22 -13.11 -38.60
C GLU A 180 -19.39 -11.97 -37.62
N MET A 181 -18.30 -11.24 -37.37
CA MET A 181 -18.30 -10.19 -36.36
C MET A 181 -19.34 -9.12 -36.68
N VAL A 182 -19.38 -8.71 -37.94
CA VAL A 182 -20.34 -7.70 -38.33
C VAL A 182 -21.74 -8.29 -38.31
N ASP A 183 -21.85 -9.56 -38.70
CA ASP A 183 -23.13 -10.23 -38.57
C ASP A 183 -23.63 -9.96 -37.15
N THR A 184 -22.76 -10.21 -36.17
CA THR A 184 -23.11 -10.08 -34.77
C THR A 184 -23.53 -8.66 -34.45
N LEU A 185 -22.74 -7.70 -34.88
CA LEU A 185 -23.05 -6.31 -34.62
C LEU A 185 -24.44 -5.96 -35.16
N GLU A 186 -24.78 -6.50 -36.33
CA GLU A 186 -26.07 -6.21 -36.97
C GLU A 186 -27.21 -6.86 -36.23
N ARG A 187 -27.07 -8.15 -35.97
CA ARG A 187 -28.09 -8.89 -35.27
C ARG A 187 -28.42 -8.22 -33.93
N LEU A 188 -27.42 -7.64 -33.27
CA LEU A 188 -27.59 -7.10 -31.91
C LEU A 188 -27.93 -5.62 -31.92
N GLY A 189 -27.83 -4.99 -33.08
CA GLY A 189 -28.25 -3.60 -33.19
C GLY A 189 -27.21 -2.61 -32.72
N VAL A 190 -25.93 -3.02 -32.80
CA VAL A 190 -24.85 -2.18 -32.31
C VAL A 190 -24.58 -0.97 -33.23
N ASN A 191 -24.48 0.21 -32.64
CA ASN A 191 -24.24 1.43 -33.39
C ASN A 191 -22.83 1.91 -33.16
N ILE A 192 -22.31 1.58 -31.99
CA ILE A 192 -20.91 1.86 -31.69
C ILE A 192 -20.23 0.64 -31.06
N LEU A 193 -19.17 0.18 -31.69
CA LEU A 193 -18.27 -0.80 -31.07
C LEU A 193 -17.04 -0.03 -30.57
N PHE A 194 -16.81 -0.06 -29.26
CA PHE A 194 -15.54 0.41 -28.68
C PHE A 194 -14.55 -0.76 -28.59
N THR A 195 -13.44 -0.63 -29.29
CA THR A 195 -12.42 -1.68 -29.29
C THR A 195 -11.29 -1.22 -28.40
N VAL A 196 -11.15 -1.91 -27.26
CA VAL A 196 -10.12 -1.63 -26.29
C VAL A 196 -8.99 -2.62 -26.44
N GLY A 197 -7.80 -2.12 -26.75
CA GLY A 197 -6.66 -3.00 -27.00
C GLY A 197 -5.53 -2.31 -27.72
N GLY A 198 -4.55 -3.09 -28.16
CA GLY A 198 -3.39 -2.53 -28.83
C GLY A 198 -3.46 -2.41 -30.34
N ASP A 199 -2.26 -2.39 -30.92
CA ASP A 199 -2.04 -2.29 -32.35
C ASP A 199 -2.90 -3.33 -33.09
N GLY A 200 -2.78 -4.57 -32.67
CA GLY A 200 -3.55 -5.63 -33.29
C GLY A 200 -5.02 -5.30 -33.25
N THR A 201 -5.52 -4.98 -32.07
CA THR A 201 -6.93 -4.69 -31.91
C THR A 201 -7.39 -3.61 -32.88
N GLN A 202 -6.63 -2.54 -32.96
CA GLN A 202 -7.10 -1.41 -33.76
C GLN A 202 -7.04 -1.72 -35.25
N ARG A 203 -6.03 -2.50 -35.67
CA ARG A 203 -6.02 -3.02 -37.03
C ARG A 203 -7.28 -3.85 -37.30
N GLY A 204 -7.67 -4.69 -36.34
CA GLY A 204 -8.90 -5.43 -36.46
C GLY A 204 -10.10 -4.50 -36.57
N ALA A 205 -10.03 -3.38 -35.87
CA ALA A 205 -11.15 -2.45 -35.85
C ALA A 205 -11.40 -1.89 -37.25
N LEU A 206 -10.32 -1.51 -37.94
CA LEU A 206 -10.42 -1.04 -39.31
C LEU A 206 -11.07 -2.10 -40.17
N VAL A 207 -10.63 -3.34 -40.03
CA VAL A 207 -11.25 -4.39 -40.82
C VAL A 207 -12.76 -4.40 -40.58
N ILE A 208 -13.15 -4.44 -39.30
CA ILE A 208 -14.56 -4.49 -38.93
C ILE A 208 -15.29 -3.29 -39.52
N SER A 209 -14.70 -2.12 -39.36
CA SER A 209 -15.27 -0.88 -39.86
C SER A 209 -15.48 -0.96 -41.37
N GLN A 210 -14.48 -1.49 -42.06
CA GLN A 210 -14.53 -1.61 -43.51
C GLN A 210 -15.70 -2.54 -43.96
N GLU A 211 -15.77 -3.72 -43.36
CA GLU A 211 -16.81 -4.66 -43.68
C GLU A 211 -18.20 -4.06 -43.42
N ALA A 212 -18.32 -3.26 -42.36
CA ALA A 212 -19.61 -2.62 -42.03
C ALA A 212 -20.00 -1.58 -43.07
N LYS A 213 -19.00 -0.93 -43.65
CA LYS A 213 -19.24 -0.02 -44.77
C LYS A 213 -19.71 -0.76 -46.02
N ARG A 214 -18.96 -1.78 -46.42
CA ARG A 214 -19.39 -2.61 -47.52
C ARG A 214 -20.89 -2.93 -47.43
N ARG A 215 -21.41 -3.03 -46.20
CA ARG A 215 -22.81 -3.37 -46.01
C ARG A 215 -23.75 -2.15 -45.87
N GLY A 216 -23.16 -0.95 -45.85
CA GLY A 216 -23.92 0.25 -45.55
C GLY A 216 -24.51 0.23 -44.16
N VAL A 217 -23.73 -0.28 -43.19
CA VAL A 217 -24.21 -0.28 -41.83
C VAL A 217 -23.80 1.01 -41.11
N ASP A 218 -24.75 1.59 -40.39
CA ASP A 218 -24.54 2.79 -39.61
C ASP A 218 -23.81 2.46 -38.30
N ILE A 219 -22.49 2.30 -38.39
CA ILE A 219 -21.71 1.82 -37.26
C ILE A 219 -20.42 2.59 -37.07
N SER A 220 -20.21 3.08 -35.86
CA SER A 220 -18.93 3.66 -35.51
C SER A 220 -18.03 2.61 -34.85
N VAL A 221 -16.79 2.55 -35.29
CA VAL A 221 -15.82 1.72 -34.60
C VAL A 221 -14.72 2.61 -34.08
N PHE A 222 -14.67 2.72 -32.75
CA PHE A 222 -13.83 3.69 -32.05
C PHE A 222 -12.86 2.93 -31.16
N GLY A 223 -11.58 3.28 -31.24
CA GLY A 223 -10.55 2.60 -30.44
C GLY A 223 -10.12 3.31 -29.16
N VAL A 224 -10.09 2.57 -28.06
CA VAL A 224 -9.43 3.05 -26.85
C VAL A 224 -8.11 2.31 -26.73
N PRO A 225 -7.00 3.02 -26.93
CA PRO A 225 -5.67 2.42 -27.07
C PRO A 225 -5.17 1.79 -25.77
N LYS A 226 -4.67 0.57 -25.87
CA LYS A 226 -4.18 -0.16 -24.71
C LYS A 226 -2.76 -0.59 -24.96
N THR A 227 -1.84 0.06 -24.30
CA THR A 227 -0.46 -0.38 -24.33
C THR A 227 0.20 0.03 -23.02
N ILE A 228 0.53 -0.97 -22.22
CA ILE A 228 1.12 -0.69 -20.91
C ILE A 228 2.50 -0.06 -21.09
N ASP A 229 3.07 -0.21 -22.27
CA ASP A 229 4.42 0.30 -22.59
C ASP A 229 4.53 1.79 -22.84
N ASN A 230 3.40 2.46 -23.09
CA ASN A 230 3.44 3.90 -23.40
C ASN A 230 4.20 4.18 -24.70
N ASP A 231 4.08 3.28 -25.67
CA ASP A 231 4.82 3.40 -26.93
C ASP A 231 3.92 3.79 -28.12
N LEU A 232 2.72 4.25 -27.79
CA LEU A 232 1.79 4.70 -28.81
C LEU A 232 2.26 6.02 -29.38
N SER A 233 2.15 6.16 -30.70
CA SER A 233 2.54 7.40 -31.34
C SER A 233 1.43 8.43 -31.10
N PHE A 234 1.74 9.71 -31.30
CA PHE A 234 0.76 10.77 -31.11
C PHE A 234 0.17 10.71 -29.71
N SER A 235 0.99 10.27 -28.77
CA SER A 235 0.54 10.07 -27.41
C SER A 235 1.71 10.21 -26.43
N HIS A 236 1.48 10.91 -25.33
CA HIS A 236 2.50 11.03 -24.28
C HIS A 236 2.20 10.14 -23.07
N ARG A 237 1.01 9.54 -23.06
CA ARG A 237 0.58 8.75 -21.92
C ARG A 237 -0.56 7.88 -22.30
N THR A 238 -0.43 6.57 -22.08
CA THR A 238 -1.55 5.66 -22.25
C THR A 238 -1.96 5.06 -20.89
N PHE A 239 -3.24 4.74 -20.70
CA PHE A 239 -3.70 4.23 -19.40
C PHE A 239 -2.96 2.96 -18.98
N GLY A 240 -2.80 2.81 -17.68
CA GLY A 240 -2.04 1.68 -17.14
C GLY A 240 -0.57 1.94 -16.89
N PHE A 241 0.03 2.82 -17.71
CA PHE A 241 1.48 3.07 -17.66
C PHE A 241 1.99 3.53 -16.28
N GLN A 242 1.36 4.56 -15.71
CA GLN A 242 1.83 5.05 -14.42
C GLN A 242 1.70 4.01 -13.33
N THR A 243 0.65 3.20 -13.40
CA THR A 243 0.48 2.11 -12.47
C THR A 243 1.60 1.08 -12.61
N ALA A 244 1.93 0.74 -13.86
CA ALA A 244 3.01 -0.18 -14.14
C ALA A 244 4.32 0.29 -13.50
N VAL A 245 4.62 1.58 -13.64
CA VAL A 245 5.80 2.17 -13.04
C VAL A 245 5.80 2.04 -11.51
N GLU A 246 4.69 2.32 -10.84
CA GLU A 246 4.61 2.13 -9.38
C GLU A 246 5.01 0.72 -9.02
N LYS A 247 4.33 -0.24 -9.63
CA LYS A 247 4.58 -1.64 -9.39
C LYS A 247 6.01 -2.08 -9.70
N ALA A 248 6.49 -1.72 -10.88
CA ALA A 248 7.87 -1.99 -11.26
C ALA A 248 8.85 -1.53 -10.19
N VAL A 249 8.64 -0.34 -9.65
CA VAL A 249 9.54 0.18 -8.63
C VAL A 249 9.52 -0.70 -7.40
N GLN A 250 8.35 -1.23 -7.08
CA GLN A 250 8.21 -2.15 -5.96
C GLN A 250 8.98 -3.45 -6.23
N ALA A 251 8.91 -3.92 -7.45
CA ALA A 251 9.74 -5.04 -7.87
C ALA A 251 11.25 -4.72 -7.71
N ILE A 252 11.64 -3.53 -8.12
CA ILE A 252 13.04 -3.14 -8.06
C ILE A 252 13.54 -3.12 -6.61
N ARG A 253 12.70 -2.69 -5.67
CA ARG A 253 13.13 -2.59 -4.28
C ARG A 253 13.43 -3.97 -3.77
N ALA A 254 12.66 -4.94 -4.24
CA ALA A 254 12.85 -6.31 -3.79
C ALA A 254 14.19 -6.82 -4.29
N ALA A 255 14.41 -6.66 -5.59
CA ALA A 255 15.70 -6.98 -6.21
C ALA A 255 16.86 -6.35 -5.48
N TYR A 256 16.67 -5.09 -5.09
CA TYR A 256 17.68 -4.35 -4.39
C TYR A 256 17.94 -4.94 -3.00
N ALA A 257 16.87 -5.30 -2.31
CA ALA A 257 16.96 -5.96 -1.03
C ALA A 257 17.75 -7.27 -1.18
N GLU A 258 17.46 -8.02 -2.22
CA GLU A 258 18.12 -9.29 -2.42
C GLU A 258 19.63 -9.13 -2.71
N ALA A 259 19.97 -8.12 -3.50
CA ALA A 259 21.35 -7.86 -3.88
C ALA A 259 22.20 -7.40 -2.69
N VAL A 260 21.63 -6.50 -1.90
CA VAL A 260 22.29 -5.96 -0.72
C VAL A 260 22.57 -7.04 0.36
N SER A 261 21.80 -8.10 0.33
CA SER A 261 21.88 -9.13 1.35
C SER A 261 22.93 -10.19 0.99
N ALA A 262 23.63 -9.99 -0.11
CA ALA A 262 24.55 -10.99 -0.58
C ALA A 262 25.82 -10.33 -1.06
N ASN A 263 26.96 -10.86 -0.62
CA ASN A 263 28.25 -10.45 -1.14
C ASN A 263 28.28 -10.74 -2.64
N TYR A 264 28.55 -9.71 -3.44
CA TYR A 264 28.45 -9.80 -4.90
C TYR A 264 27.10 -10.36 -5.29
N GLY A 265 26.07 -9.65 -4.85
CA GLY A 265 24.70 -10.01 -5.12
C GLY A 265 24.20 -9.22 -6.33
N VAL A 266 23.53 -9.94 -7.23
CA VAL A 266 22.93 -9.32 -8.40
C VAL A 266 21.44 -9.54 -8.42
N GLY A 267 20.67 -8.46 -8.45
CA GLY A 267 19.24 -8.57 -8.63
C GLY A 267 18.86 -8.18 -10.04
N VAL A 268 18.32 -9.14 -10.78
CA VAL A 268 17.88 -8.94 -12.15
C VAL A 268 16.35 -8.94 -12.19
N VAL A 269 15.77 -7.86 -12.67
CA VAL A 269 14.32 -7.76 -12.76
C VAL A 269 13.90 -7.32 -14.15
N LYS A 270 13.02 -8.11 -14.76
CA LYS A 270 12.59 -7.86 -16.11
C LYS A 270 11.35 -6.99 -16.08
N LEU A 271 11.30 -5.99 -16.95
CA LEU A 271 10.12 -5.14 -17.05
C LEU A 271 9.49 -5.17 -18.45
N MET A 272 8.39 -4.49 -18.63
CA MET A 272 7.50 -4.82 -19.71
C MET A 272 7.97 -4.52 -21.11
N GLY A 273 8.87 -3.55 -21.29
CA GLY A 273 9.09 -3.00 -22.63
C GLY A 273 9.40 -3.87 -23.84
N ARG A 274 8.39 -4.17 -24.65
CA ARG A 274 8.57 -5.01 -25.84
C ARG A 274 9.34 -4.36 -26.99
N ASP A 275 8.99 -3.13 -27.33
CA ASP A 275 9.69 -2.41 -28.41
C ASP A 275 10.28 -1.10 -27.92
N SER A 276 10.10 -0.82 -26.64
CA SER A 276 10.59 0.44 -26.11
C SER A 276 10.91 0.25 -24.65
N GLY A 277 11.58 1.23 -24.04
CA GLY A 277 12.05 1.08 -22.68
C GLY A 277 11.55 2.13 -21.69
N PHE A 278 10.39 2.70 -21.95
CA PHE A 278 9.82 3.73 -21.06
C PHE A 278 9.58 3.28 -19.62
N ILE A 279 8.93 2.14 -19.46
CA ILE A 279 8.72 1.60 -18.13
C ILE A 279 10.08 1.34 -17.47
N ALA A 280 10.93 0.59 -18.15
CA ALA A 280 12.25 0.25 -17.62
C ALA A 280 12.97 1.50 -17.16
N ALA A 281 12.98 2.51 -18.02
CA ALA A 281 13.71 3.72 -17.76
C ALA A 281 13.07 4.50 -16.61
N GLN A 282 11.76 4.74 -16.67
CA GLN A 282 11.11 5.51 -15.62
C GLN A 282 11.29 4.83 -14.28
N ALA A 283 11.08 3.51 -14.25
CA ALA A 283 11.28 2.75 -13.02
C ALA A 283 12.76 2.80 -12.53
N ALA A 284 13.70 2.70 -13.46
CA ALA A 284 15.07 2.85 -13.05
C ALA A 284 15.34 4.17 -12.26
N VAL A 285 14.85 5.29 -12.78
CA VAL A 285 15.09 6.59 -12.19
C VAL A 285 14.23 6.78 -10.93
N ALA A 286 12.94 6.51 -11.04
CA ALA A 286 12.04 6.60 -9.90
C ALA A 286 12.54 5.85 -8.65
N SER A 287 13.12 4.67 -8.84
CA SER A 287 13.58 3.87 -7.72
C SER A 287 14.92 4.35 -7.16
N ALA A 288 15.71 5.06 -7.95
CA ALA A 288 17.05 5.41 -7.52
C ALA A 288 17.93 4.17 -7.23
N GLN A 289 17.50 3.00 -7.66
CA GLN A 289 18.18 1.78 -7.24
C GLN A 289 18.82 0.94 -8.35
N ALA A 290 18.54 1.28 -9.60
CA ALA A 290 19.07 0.51 -10.70
C ALA A 290 20.54 0.86 -10.95
N ASN A 291 21.38 -0.16 -11.12
CA ASN A 291 22.77 0.02 -11.49
C ASN A 291 22.99 -0.17 -13.00
N ILE A 292 22.20 -1.04 -13.59
CA ILE A 292 22.25 -1.28 -15.01
C ILE A 292 20.82 -1.30 -15.55
N CYS A 293 20.60 -0.56 -16.62
CA CYS A 293 19.28 -0.49 -17.23
C CYS A 293 19.32 -0.85 -18.72
N LEU A 294 18.74 -2.01 -19.05
CA LEU A 294 18.79 -2.58 -20.39
C LEU A 294 17.47 -2.39 -21.17
N VAL A 295 17.53 -1.60 -22.23
CA VAL A 295 16.34 -1.30 -23.03
C VAL A 295 16.55 -1.66 -24.50
N PRO A 296 15.45 -1.81 -25.26
CA PRO A 296 15.55 -2.22 -26.65
C PRO A 296 16.15 -1.15 -27.55
N GLU A 297 16.00 0.11 -27.17
CA GLU A 297 16.58 1.23 -27.90
C GLU A 297 18.10 1.16 -27.94
N ASN A 298 18.69 0.47 -26.97
CA ASN A 298 20.12 0.49 -26.80
C ASN A 298 20.70 -0.91 -26.69
N PRO A 299 20.66 -1.67 -27.77
CA PRO A 299 21.15 -3.06 -27.81
C PRO A 299 22.65 -3.17 -27.51
N ILE A 300 23.04 -3.84 -26.43
CA ILE A 300 24.45 -4.08 -26.20
C ILE A 300 24.70 -5.57 -26.00
N SER A 301 25.97 -5.95 -26.07
CA SER A 301 26.39 -7.34 -26.11
C SER A 301 26.52 -7.87 -24.71
N GLU A 302 26.46 -9.19 -24.60
CA GLU A 302 26.66 -9.84 -23.34
C GLU A 302 27.94 -9.33 -22.70
N GLN A 303 28.99 -9.16 -23.50
CA GLN A 303 30.32 -8.73 -23.01
C GLN A 303 30.28 -7.34 -22.37
N GLU A 304 29.49 -6.43 -22.97
CA GLU A 304 29.35 -5.08 -22.44
C GLU A 304 28.63 -5.06 -21.11
N VAL A 305 27.52 -5.77 -21.03
CA VAL A 305 26.83 -5.99 -19.79
C VAL A 305 27.76 -6.59 -18.73
N MET A 306 28.45 -7.69 -19.05
CA MET A 306 29.35 -8.27 -18.07
C MET A 306 30.35 -7.22 -17.63
N SER A 307 30.74 -6.38 -18.57
CA SER A 307 31.74 -5.36 -18.28
C SER A 307 31.23 -4.27 -17.33
N LEU A 308 30.02 -3.82 -17.57
CA LEU A 308 29.38 -2.89 -16.66
C LEU A 308 29.26 -3.49 -15.27
N LEU A 309 28.92 -4.77 -15.18
CA LEU A 309 28.81 -5.48 -13.91
C LEU A 309 30.14 -5.48 -13.17
N GLU A 310 31.22 -5.81 -13.88
CA GLU A 310 32.56 -5.78 -13.32
C GLU A 310 32.89 -4.43 -12.69
N ARG A 311 32.61 -3.36 -13.42
CA ARG A 311 32.85 -2.02 -12.93
C ARG A 311 32.02 -1.72 -11.70
N ARG A 312 30.79 -2.21 -11.69
CA ARG A 312 29.94 -2.03 -10.53
C ARG A 312 30.57 -2.73 -9.33
N PHE A 313 30.98 -3.98 -9.53
CA PHE A 313 31.61 -4.80 -8.51
C PHE A 313 33.02 -4.35 -8.12
N CYS A 314 33.52 -3.27 -8.70
CA CYS A 314 34.80 -2.74 -8.29
C CYS A 314 34.66 -1.87 -7.05
N HIS A 315 33.49 -1.26 -6.88
CA HIS A 315 33.25 -0.35 -5.77
C HIS A 315 32.00 -0.67 -4.94
N SER A 316 31.34 -1.76 -5.28
CA SER A 316 30.15 -2.18 -4.57
C SER A 316 29.99 -3.69 -4.50
N ARG A 317 29.33 -4.15 -3.44
CA ARG A 317 29.05 -5.57 -3.29
C ARG A 317 27.65 -5.92 -3.82
N SER A 318 27.00 -4.98 -4.48
CA SER A 318 25.64 -5.20 -4.99
C SER A 318 25.39 -4.63 -6.37
N CYS A 319 24.55 -5.31 -7.15
CA CYS A 319 24.15 -4.79 -8.45
C CYS A 319 22.70 -5.14 -8.83
N VAL A 320 21.92 -4.12 -9.16
CA VAL A 320 20.56 -4.32 -9.65
C VAL A 320 20.51 -4.07 -11.16
N ILE A 321 19.98 -5.02 -11.90
CA ILE A 321 19.95 -4.90 -13.35
C ILE A 321 18.52 -4.93 -13.78
N ILE A 322 18.04 -3.82 -14.35
CA ILE A 322 16.73 -3.79 -14.99
C ILE A 322 16.88 -4.17 -16.45
N VAL A 323 16.06 -5.09 -16.93
CA VAL A 323 16.07 -5.43 -18.35
C VAL A 323 14.63 -5.45 -18.91
N ALA A 324 14.44 -4.73 -19.99
CA ALA A 324 13.17 -4.74 -20.68
C ALA A 324 13.07 -6.02 -21.50
N GLU A 325 11.86 -6.54 -21.63
CA GLU A 325 11.71 -7.84 -22.26
C GLU A 325 12.15 -7.90 -23.74
N GLY A 326 12.18 -6.74 -24.40
CA GLY A 326 12.57 -6.67 -25.77
C GLY A 326 14.07 -6.48 -25.94
N PHE A 327 14.79 -6.41 -24.83
CA PHE A 327 16.26 -6.32 -24.92
C PHE A 327 16.84 -7.67 -25.30
N GLY A 328 18.04 -7.65 -25.88
CA GLY A 328 18.78 -8.87 -26.11
C GLY A 328 18.05 -9.94 -26.88
N GLN A 329 17.16 -9.55 -27.80
CA GLN A 329 16.49 -10.54 -28.64
C GLN A 329 17.47 -11.09 -29.68
N ASP A 330 18.55 -10.36 -29.87
CA ASP A 330 19.62 -10.75 -30.77
C ASP A 330 20.66 -11.59 -30.04
N TRP A 331 20.34 -12.04 -28.83
CA TRP A 331 21.29 -12.81 -28.05
C TRP A 331 21.13 -14.33 -28.27
N GLY A 332 20.13 -14.72 -29.06
CA GLY A 332 19.92 -16.13 -29.30
C GLY A 332 18.93 -16.40 -30.41
N ARG A 333 18.54 -17.66 -30.55
CA ARG A 333 17.57 -18.08 -31.56
C ARG A 333 16.32 -17.22 -31.58
N TYR A 338 5.49 -17.74 -32.88
CA TYR A 338 4.39 -16.79 -32.94
C TYR A 338 3.24 -17.19 -32.02
N ASP A 339 2.43 -16.19 -31.64
CA ASP A 339 1.24 -16.43 -30.84
C ASP A 339 0.00 -16.52 -31.73
N ALA A 340 -1.15 -16.77 -31.14
CA ALA A 340 -2.35 -16.96 -31.93
C ALA A 340 -2.71 -15.75 -32.79
N SER A 341 -2.19 -14.59 -32.43
CA SER A 341 -2.54 -13.37 -33.13
C SER A 341 -1.56 -13.06 -34.24
N GLY A 342 -0.44 -13.76 -34.24
CA GLY A 342 0.59 -13.58 -35.24
C GLY A 342 1.76 -12.76 -34.73
N ASN A 343 1.71 -12.44 -33.45
CA ASN A 343 2.78 -11.68 -32.81
C ASN A 343 4.01 -12.56 -32.66
N LYS A 344 5.18 -11.98 -32.89
CA LYS A 344 6.43 -12.69 -32.72
C LYS A 344 6.70 -12.90 -31.26
N LYS A 345 6.81 -14.16 -30.85
CA LYS A 345 7.18 -14.46 -29.48
C LYS A 345 8.64 -14.09 -29.22
N LEU A 346 8.88 -13.46 -28.08
CA LEU A 346 10.21 -13.06 -27.66
C LEU A 346 10.91 -14.23 -26.98
N ILE A 347 12.23 -14.26 -27.04
CA ILE A 347 12.96 -15.16 -26.16
C ILE A 347 13.05 -14.49 -24.78
N ASP A 348 12.88 -15.27 -23.72
CA ASP A 348 12.93 -14.69 -22.38
C ASP A 348 14.34 -14.20 -22.03
N ILE A 349 14.56 -12.90 -22.18
CA ILE A 349 15.87 -12.32 -21.91
C ILE A 349 16.15 -12.27 -20.43
N GLY A 350 15.10 -12.23 -19.62
CA GLY A 350 15.24 -12.30 -18.18
C GLY A 350 15.93 -13.58 -17.77
N VAL A 351 15.43 -14.69 -18.27
CA VAL A 351 16.02 -15.97 -17.96
C VAL A 351 17.42 -16.11 -18.58
N ILE A 352 17.56 -15.70 -19.83
CA ILE A 352 18.85 -15.83 -20.52
C ILE A 352 19.93 -14.97 -19.87
N LEU A 353 19.60 -13.72 -19.61
CA LEU A 353 20.54 -12.80 -19.01
C LEU A 353 20.97 -13.31 -17.65
N THR A 354 20.02 -13.85 -16.89
CA THR A 354 20.33 -14.34 -15.55
C THR A 354 21.34 -15.45 -15.64
N GLU A 355 21.14 -16.33 -16.61
CA GLU A 355 22.04 -17.44 -16.82
C GLU A 355 23.43 -16.95 -17.23
N LYS A 356 23.49 -16.08 -18.23
CA LYS A 356 24.76 -15.52 -18.63
C LYS A 356 25.50 -14.90 -17.45
N VAL A 357 24.76 -14.26 -16.53
CA VAL A 357 25.40 -13.57 -15.41
C VAL A 357 25.91 -14.61 -14.43
N LYS A 358 25.13 -15.66 -14.22
CA LYS A 358 25.59 -16.79 -13.41
C LYS A 358 26.88 -17.38 -13.99
N ALA A 359 26.83 -17.72 -15.28
CA ALA A 359 28.00 -18.20 -15.99
C ALA A 359 29.23 -17.32 -15.75
N PHE A 360 29.05 -16.01 -15.92
CA PHE A 360 30.14 -15.06 -15.76
C PHE A 360 30.72 -15.06 -14.35
N LEU A 361 29.88 -15.06 -13.33
CA LEU A 361 30.36 -14.99 -11.96
C LEU A 361 30.98 -16.32 -11.54
N LYS A 362 30.49 -17.41 -12.14
CA LYS A 362 31.03 -18.73 -11.87
C LYS A 362 32.44 -18.80 -12.43
N ALA A 363 32.59 -18.40 -13.69
CA ALA A 363 33.89 -18.40 -14.37
C ALA A 363 34.88 -17.41 -13.77
N ASN A 364 34.46 -16.67 -12.76
CA ASN A 364 35.35 -15.75 -12.09
C ASN A 364 35.29 -15.91 -10.57
N LYS A 365 35.08 -17.14 -10.11
CA LYS A 365 34.99 -17.43 -8.66
C LYS A 365 36.16 -16.81 -7.91
N SER A 366 37.30 -16.69 -8.60
CA SER A 366 38.48 -16.04 -8.04
C SER A 366 38.13 -14.66 -7.51
N ARG A 367 37.84 -13.74 -8.43
CA ARG A 367 37.60 -12.33 -8.13
C ARG A 367 36.40 -12.13 -7.22
N TYR A 368 35.37 -12.93 -7.45
CA TYR A 368 34.16 -12.88 -6.65
C TYR A 368 34.04 -14.21 -5.91
N PRO A 369 34.57 -14.26 -4.67
CA PRO A 369 34.57 -15.45 -3.83
C PRO A 369 33.17 -16.01 -3.77
N ASP A 370 32.33 -15.32 -2.99
CA ASP A 370 30.92 -15.62 -2.92
C ASP A 370 30.24 -14.82 -4.04
N SER A 371 28.97 -15.10 -4.31
CA SER A 371 28.18 -14.29 -5.25
C SER A 371 26.86 -14.97 -5.59
N THR A 372 25.80 -14.17 -5.73
CA THR A 372 24.46 -14.70 -5.92
C THR A 372 23.69 -13.91 -6.95
N VAL A 373 22.90 -14.62 -7.75
CA VAL A 373 22.01 -13.99 -8.72
C VAL A 373 20.57 -14.37 -8.43
N LYS A 374 19.74 -13.37 -8.16
CA LYS A 374 18.32 -13.59 -7.96
C LYS A 374 17.54 -12.88 -9.06
N TYR A 375 16.62 -13.59 -9.68
CA TYR A 375 15.88 -13.02 -10.79
C TYR A 375 14.43 -12.84 -10.42
N ILE A 376 13.88 -11.68 -10.73
CA ILE A 376 12.48 -11.38 -10.46
C ILE A 376 11.75 -11.07 -11.75
N ASP A 377 10.69 -11.81 -12.03
CA ASP A 377 9.82 -11.50 -13.17
C ASP A 377 8.42 -11.06 -12.71
N PRO A 378 8.26 -9.77 -12.42
CA PRO A 378 7.01 -9.33 -11.83
C PRO A 378 5.94 -9.09 -12.89
N SER A 379 6.06 -9.73 -14.05
CA SER A 379 5.22 -9.36 -15.20
C SER A 379 3.71 -9.33 -14.94
N TYR A 380 3.15 -10.49 -14.58
CA TYR A 380 1.71 -10.57 -14.37
C TYR A 380 1.21 -9.68 -13.21
N MET A 381 2.03 -9.52 -12.19
CA MET A 381 1.64 -8.69 -11.06
C MET A 381 1.53 -7.23 -11.43
N ILE A 382 2.30 -6.86 -12.45
CA ILE A 382 2.21 -5.52 -12.98
C ILE A 382 0.94 -5.37 -13.81
N ARG A 383 0.70 -6.31 -14.73
CA ARG A 383 -0.37 -6.16 -15.71
C ARG A 383 -1.74 -6.42 -15.13
N ALA A 384 -1.79 -7.27 -14.10
CA ALA A 384 -3.07 -7.77 -13.62
C ALA A 384 -3.45 -7.08 -12.30
N CYS A 385 -2.96 -5.89 -12.08
CA CYS A 385 -3.20 -5.25 -10.82
C CYS A 385 -4.03 -4.01 -11.08
N PRO A 386 -4.78 -3.57 -10.07
CA PRO A 386 -5.73 -2.48 -10.24
C PRO A 386 -5.00 -1.16 -10.39
N PRO A 387 -5.65 -0.18 -11.02
CA PRO A 387 -5.08 1.13 -11.36
C PRO A 387 -4.82 2.01 -10.14
N SER A 388 -3.74 2.76 -10.20
CA SER A 388 -3.56 3.91 -9.32
C SER A 388 -4.77 4.80 -9.47
N ALA A 389 -4.99 5.67 -8.47
CA ALA A 389 -6.07 6.67 -8.54
C ALA A 389 -5.94 7.55 -9.80
N ASN A 390 -4.72 7.97 -10.10
CA ASN A 390 -4.50 8.78 -11.28
C ASN A 390 -4.79 8.07 -12.58
N ASP A 391 -4.43 6.80 -12.65
CA ASP A 391 -4.73 6.08 -13.85
C ASP A 391 -6.25 5.97 -14.01
N ALA A 392 -6.95 5.78 -12.91
CA ALA A 392 -8.39 5.60 -12.98
C ALA A 392 -9.03 6.86 -13.58
N LEU A 393 -8.62 8.00 -13.05
CA LEU A 393 -9.12 9.27 -13.55
C LEU A 393 -8.86 9.34 -15.04
N PHE A 394 -7.68 8.88 -15.44
CA PHE A 394 -7.25 8.99 -16.81
C PHE A 394 -8.14 8.10 -17.69
N CYS A 395 -8.31 6.85 -17.29
CA CYS A 395 -9.21 5.90 -17.96
C CYS A 395 -10.62 6.47 -18.18
N ALA A 396 -11.21 6.98 -17.11
CA ALA A 396 -12.53 7.56 -17.15
C ALA A 396 -12.62 8.73 -18.12
N THR A 397 -11.61 9.59 -18.14
CA THR A 397 -11.62 10.72 -19.03
C THR A 397 -11.58 10.24 -20.49
N LEU A 398 -10.64 9.34 -20.80
CA LEU A 398 -10.50 8.80 -22.14
C LEU A 398 -11.82 8.20 -22.60
N ALA A 399 -12.36 7.34 -21.73
CA ALA A 399 -13.57 6.63 -22.05
C ALA A 399 -14.73 7.59 -22.28
N THR A 400 -14.79 8.62 -21.44
CA THR A 400 -15.87 9.60 -21.49
C THR A 400 -15.82 10.32 -22.83
N LEU A 401 -14.63 10.80 -23.18
CA LEU A 401 -14.46 11.53 -24.42
C LEU A 401 -14.70 10.58 -25.59
N ALA A 402 -14.33 9.32 -25.42
CA ALA A 402 -14.51 8.36 -26.49
C ALA A 402 -15.99 8.26 -26.83
N VAL A 403 -16.81 8.30 -25.79
CA VAL A 403 -18.24 8.15 -26.00
C VAL A 403 -18.78 9.39 -26.68
N HIS A 404 -18.31 10.56 -26.23
CA HIS A 404 -18.74 11.83 -26.79
C HIS A 404 -18.47 11.85 -28.30
N GLU A 405 -17.24 11.55 -28.67
CA GLU A 405 -16.85 11.63 -30.07
C GLU A 405 -17.57 10.60 -30.96
N ALA A 406 -17.66 9.36 -30.49
CA ALA A 406 -18.39 8.34 -31.24
C ALA A 406 -19.88 8.68 -31.36
N MET A 407 -20.50 9.21 -30.29
CA MET A 407 -21.86 9.69 -30.42
C MET A 407 -21.93 10.70 -31.57
N ALA A 408 -20.95 11.58 -31.62
CA ALA A 408 -20.84 12.54 -32.71
C ALA A 408 -20.23 11.91 -33.97
N GLY A 409 -20.41 10.61 -34.13
CA GLY A 409 -20.02 9.94 -35.36
C GLY A 409 -18.56 9.81 -35.73
N ALA A 410 -17.64 9.94 -34.78
CA ALA A 410 -16.23 9.66 -35.09
C ALA A 410 -16.00 8.15 -35.16
N THR A 411 -15.17 7.73 -36.10
CA THR A 411 -14.95 6.31 -36.37
C THR A 411 -13.60 6.10 -37.08
N GLY A 412 -13.03 4.90 -36.95
CA GLY A 412 -11.76 4.59 -37.58
C GLY A 412 -10.58 5.21 -36.83
N CYS A 413 -10.86 5.72 -35.65
CA CYS A 413 -9.82 6.44 -34.92
C CYS A 413 -9.70 5.95 -33.48
N ILE A 414 -8.63 6.39 -32.83
CA ILE A 414 -8.47 6.17 -31.40
C ILE A 414 -8.48 7.51 -30.68
N ILE A 415 -8.70 7.49 -29.38
CA ILE A 415 -8.49 8.67 -28.55
C ILE A 415 -7.11 8.58 -27.89
N ALA A 416 -6.44 9.71 -27.76
CA ALA A 416 -5.10 9.71 -27.21
C ALA A 416 -4.85 11.02 -26.48
N MET A 417 -3.69 11.11 -25.85
CA MET A 417 -3.35 12.33 -25.15
C MET A 417 -1.95 12.82 -25.49
N ARG A 418 -1.87 14.06 -25.97
CA ARG A 418 -0.62 14.73 -26.28
C ARG A 418 -0.68 16.10 -25.68
N HIS A 419 0.46 16.52 -25.14
CA HIS A 419 0.61 17.86 -24.62
C HIS A 419 -0.57 18.24 -23.74
N ASN A 420 -0.91 17.34 -22.84
CA ASN A 420 -1.96 17.56 -21.85
C ASN A 420 -3.32 17.79 -22.46
N ASN A 421 -3.48 17.35 -23.70
CA ASN A 421 -4.76 17.47 -24.37
C ASN A 421 -5.18 16.14 -24.97
N TYR A 422 -6.49 15.95 -25.02
CA TYR A 422 -7.04 14.78 -25.67
C TYR A 422 -7.33 15.05 -27.15
N ILE A 423 -6.88 14.13 -27.98
CA ILE A 423 -7.01 14.27 -29.43
C ILE A 423 -7.56 13.02 -30.06
N LEU A 424 -8.10 13.18 -31.26
CA LEU A 424 -8.55 12.08 -32.08
C LEU A 424 -7.48 11.81 -33.12
N VAL A 425 -7.18 10.54 -33.33
CA VAL A 425 -6.15 10.11 -34.27
C VAL A 425 -6.59 8.86 -35.00
N PRO A 426 -6.63 8.94 -36.35
CA PRO A 426 -7.00 7.84 -37.25
C PRO A 426 -6.12 6.61 -37.04
N ILE A 427 -6.73 5.44 -37.00
CA ILE A 427 -6.00 4.21 -36.71
C ILE A 427 -4.82 4.00 -37.66
N LYS A 428 -5.01 4.33 -38.94
CA LYS A 428 -3.93 4.21 -39.92
C LYS A 428 -2.64 4.95 -39.55
N VAL A 429 -2.78 6.19 -39.08
CA VAL A 429 -1.63 6.99 -38.65
C VAL A 429 -0.99 6.33 -37.44
N ALA A 430 -1.82 6.06 -36.44
CA ALA A 430 -1.35 5.61 -35.15
C ALA A 430 -0.59 4.29 -35.28
N THR A 431 -1.12 3.38 -36.09
CA THR A 431 -0.47 2.08 -36.27
C THR A 431 0.73 2.14 -37.22
N SER A 432 1.07 3.33 -37.72
CA SER A 432 2.16 3.45 -38.69
C SER A 432 3.45 3.89 -38.04
N VAL A 433 3.34 4.54 -36.89
CA VAL A 433 4.52 4.95 -36.15
C VAL A 433 4.44 4.54 -34.68
N ARG A 434 5.58 4.46 -34.04
CA ARG A 434 5.62 4.11 -32.61
C ARG A 434 6.57 5.00 -31.85
N ARG A 435 6.24 5.24 -30.58
CA ARG A 435 7.07 6.05 -29.71
C ARG A 435 8.23 5.21 -29.17
N VAL A 436 9.39 5.83 -29.01
CA VAL A 436 10.56 5.11 -28.60
C VAL A 436 11.43 6.04 -27.73
N LEU A 437 12.20 5.48 -26.80
CA LEU A 437 13.12 6.29 -26.02
C LEU A 437 14.07 7.05 -26.92
N ASP A 438 14.35 8.31 -26.59
CA ASP A 438 15.41 9.07 -27.23
C ASP A 438 16.66 9.03 -26.34
N LEU A 439 17.73 8.38 -26.78
CA LEU A 439 18.89 8.23 -25.93
C LEU A 439 19.59 9.55 -25.61
N ARG A 440 19.20 10.61 -26.31
CA ARG A 440 19.74 11.94 -26.08
C ARG A 440 18.81 12.76 -25.19
N GLY A 441 17.69 12.16 -24.79
CA GLY A 441 16.70 12.83 -23.95
C GLY A 441 16.98 12.85 -22.44
N GLN A 442 16.27 13.70 -21.69
CA GLN A 442 16.50 13.81 -20.26
C GLN A 442 16.30 12.53 -19.48
N LEU A 443 15.28 11.77 -19.83
CA LEU A 443 15.01 10.54 -19.12
C LEU A 443 16.20 9.64 -19.25
N TRP A 444 16.54 9.29 -20.48
CA TRP A 444 17.71 8.46 -20.68
C TRP A 444 19.01 9.09 -20.14
N ARG A 445 19.15 10.40 -20.20
CA ARG A 445 20.33 11.02 -19.58
C ARG A 445 20.35 10.76 -18.08
N GLN A 446 19.17 10.71 -17.46
CA GLN A 446 19.10 10.40 -16.04
C GLN A 446 19.45 8.94 -15.74
N VAL A 447 19.06 8.03 -16.65
CA VAL A 447 19.48 6.64 -16.50
C VAL A 447 20.99 6.52 -16.60
N ARG A 448 21.61 7.22 -17.55
CA ARG A 448 23.07 7.25 -17.63
C ARG A 448 23.74 7.75 -16.34
N GLU A 449 23.26 8.88 -15.81
CA GLU A 449 23.77 9.39 -14.53
C GLU A 449 23.78 8.35 -13.41
N ILE A 450 22.62 7.76 -13.10
CA ILE A 450 22.50 6.87 -11.93
C ILE A 450 23.09 5.48 -12.08
N THR A 451 23.26 5.03 -13.32
CA THR A 451 23.86 3.72 -13.56
C THR A 451 25.38 3.73 -13.69
N VAL A 452 25.98 2.57 -13.47
CA VAL A 452 27.37 2.32 -13.78
C VAL A 452 27.70 2.93 -15.15
N ASP A 453 28.90 3.48 -15.29
CA ASP A 453 29.35 3.95 -16.61
C ASP A 453 30.60 3.22 -17.12
N LEU A 454 30.61 2.85 -18.39
CA LEU A 454 31.80 2.29 -19.03
C LEU A 454 32.95 3.31 -19.12
N GLY A 455 32.61 4.50 -19.58
CA GLY A 455 33.60 5.51 -19.90
C GLY A 455 34.15 6.28 -18.71
N SER A 456 34.42 5.58 -17.63
CA SER A 456 35.08 6.19 -16.48
C SER A 456 36.29 5.35 -16.09
N ASP A 457 37.43 6.00 -15.92
CA ASP A 457 38.61 5.34 -15.41
C ASP A 457 38.19 4.70 -14.10
N VAL A 458 38.03 3.39 -14.10
CA VAL A 458 37.62 2.67 -12.89
C VAL A 458 38.37 3.19 -11.66
N ARG A 459 39.68 3.34 -11.80
CA ARG A 459 40.55 3.76 -10.70
C ARG A 459 40.24 5.16 -10.17
N LEU A 460 40.56 6.19 -10.96
CA LEU A 460 40.35 7.57 -10.54
C LEU A 460 38.89 7.86 -10.18
N ALA A 461 37.95 7.10 -10.75
CA ALA A 461 36.54 7.28 -10.42
C ALA A 461 36.30 6.91 -8.96
N ARG A 462 36.82 5.76 -8.55
CA ARG A 462 36.66 5.35 -7.16
C ARG A 462 37.53 6.18 -6.23
N LYS A 463 38.68 6.63 -6.74
CA LYS A 463 39.58 7.46 -5.96
C LYS A 463 38.88 8.75 -5.59
N LEU A 464 38.11 9.28 -6.54
CA LEU A 464 37.37 10.52 -6.33
C LEU A 464 36.05 10.21 -5.63
N GLU A 465 35.76 8.93 -5.46
CA GLU A 465 34.67 8.52 -4.60
C GLU A 465 35.09 8.59 -3.14
N ILE A 466 35.92 7.63 -2.71
CA ILE A 466 36.27 7.56 -1.29
C ILE A 466 36.82 8.87 -0.72
N ARG A 467 37.32 9.75 -1.60
CA ARG A 467 37.76 11.06 -1.15
C ARG A 467 36.56 11.96 -0.81
N ARG A 468 35.59 12.03 -1.71
CA ARG A 468 34.27 12.59 -1.40
C ARG A 468 33.80 12.07 -0.05
N GLU A 469 34.06 10.78 0.20
CA GLU A 469 33.66 10.14 1.44
C GLU A 469 34.52 10.64 2.62
N LEU A 470 35.83 10.55 2.48
CA LEU A 470 36.77 11.00 3.51
C LEU A 470 36.40 12.40 3.99
N GLU A 471 36.08 13.28 3.05
CA GLU A 471 35.61 14.62 3.36
C GLU A 471 34.41 14.52 4.31
N ALA A 472 33.28 14.11 3.73
CA ALA A 472 32.03 13.89 4.44
C ALA A 472 32.19 13.44 5.89
N ILE A 473 32.94 12.37 6.11
CA ILE A 473 33.06 11.77 7.43
C ILE A 473 33.71 12.75 8.41
N ASN A 474 34.63 13.55 7.88
CA ASN A 474 35.35 14.52 8.68
C ASN A 474 34.49 15.71 9.05
N ARG A 475 33.72 16.20 8.06
CA ARG A 475 32.64 17.12 8.36
C ARG A 475 31.78 16.52 9.48
N ASN A 476 31.38 15.26 9.31
CA ASN A 476 30.62 14.55 10.33
C ASN A 476 31.31 14.59 11.67
N ARG A 477 32.59 14.19 11.68
CA ARG A 477 33.33 14.03 12.94
C ARG A 477 33.46 15.34 13.71
N ASP A 478 33.61 16.43 12.99
CA ASP A 478 33.72 17.72 13.63
C ASP A 478 32.38 18.07 14.26
N ARG A 479 31.34 18.14 13.43
CA ARG A 479 29.98 18.46 13.86
C ARG A 479 29.64 17.78 15.17
N LEU A 480 30.08 16.54 15.33
CA LEU A 480 29.65 15.77 16.49
C LEU A 480 30.53 16.04 17.72
N HIS A 481 31.79 16.37 17.48
CA HIS A 481 32.68 16.86 18.54
C HIS A 481 32.17 18.21 19.06
N GLU A 482 31.89 19.10 18.12
CA GLU A 482 31.25 20.36 18.42
C GLU A 482 29.89 20.13 19.08
N GLU A 483 29.57 18.88 19.36
CA GLU A 483 28.29 18.59 20.00
C GLU A 483 28.47 18.39 21.49
N LEU A 484 29.51 17.66 21.88
CA LEU A 484 29.81 17.48 23.29
C LEU A 484 30.01 18.83 24.01
N ALA A 485 29.17 19.09 25.02
CA ALA A 485 29.15 20.37 25.71
C ALA A 485 28.64 21.47 24.78
N ARG B 8 -12.23 22.82 -24.81
CA ARG B 8 -12.75 22.96 -23.45
C ARG B 8 -11.84 22.43 -22.32
N VAL B 9 -10.61 22.94 -22.20
CA VAL B 9 -9.69 22.45 -21.17
C VAL B 9 -10.17 22.69 -19.75
N THR B 10 -9.49 22.10 -18.76
CA THR B 10 -10.02 22.02 -17.39
C THR B 10 -9.43 23.01 -16.40
N SER B 11 -8.42 23.78 -16.84
CA SER B 11 -7.85 24.89 -16.03
C SER B 11 -8.18 26.24 -16.65
N LYS B 12 -7.82 27.30 -15.93
CA LYS B 12 -8.12 28.66 -16.34
C LYS B 12 -7.14 29.57 -15.60
N LEU B 13 -6.69 30.63 -16.25
CA LEU B 13 -5.78 31.54 -15.58
C LEU B 13 -6.55 32.65 -14.86
N VAL B 14 -5.91 33.28 -13.89
CA VAL B 14 -6.57 34.28 -13.08
C VAL B 14 -5.53 35.17 -12.44
N LYS B 15 -5.86 36.43 -12.17
CA LYS B 15 -4.87 37.32 -11.60
C LYS B 15 -4.57 36.88 -10.19
N ALA B 16 -3.30 36.92 -9.81
CA ALA B 16 -2.87 36.59 -8.47
C ALA B 16 -3.25 37.68 -7.47
N HIS B 17 -3.58 37.25 -6.25
CA HIS B 17 -4.00 38.17 -5.19
C HIS B 17 -3.00 39.28 -4.94
N ARG B 18 -1.75 39.05 -5.34
CA ARG B 18 -0.69 40.03 -5.09
C ARG B 18 0.22 40.19 -6.30
N ALA B 19 -0.38 40.31 -7.49
CA ALA B 19 0.37 40.28 -8.75
C ALA B 19 1.45 41.35 -8.86
N MET B 20 2.58 40.99 -9.47
CA MET B 20 3.67 41.93 -9.76
C MET B 20 3.57 42.54 -11.17
N LEU B 21 3.04 41.79 -12.12
CA LEU B 21 2.76 42.29 -13.45
C LEU B 21 1.25 42.30 -13.65
N ASN B 22 0.74 43.30 -14.37
CA ASN B 22 -0.67 43.30 -14.72
C ASN B 22 -0.89 42.79 -16.15
N SER B 23 0.17 42.84 -16.95
CA SER B 23 0.16 42.23 -18.26
C SER B 23 1.46 41.48 -18.48
N VAL B 24 1.46 40.49 -19.35
CA VAL B 24 2.67 39.71 -19.56
C VAL B 24 3.10 39.78 -21.00
N THR B 25 4.37 40.13 -21.22
CA THR B 25 4.90 40.26 -22.57
C THR B 25 6.08 39.34 -22.72
N GLN B 26 6.54 39.17 -23.95
CA GLN B 26 7.62 38.25 -24.24
C GLN B 26 8.87 38.56 -23.42
N GLU B 27 9.10 39.84 -23.17
CA GLU B 27 10.30 40.25 -22.46
C GLU B 27 10.22 39.83 -20.98
N ASP B 28 9.05 40.02 -20.41
CA ASP B 28 8.72 39.49 -19.11
C ASP B 28 9.05 38.00 -19.00
N LEU B 29 8.88 37.27 -20.09
CA LEU B 29 9.05 35.81 -20.10
C LEU B 29 10.50 35.42 -20.28
N LYS B 30 11.34 36.36 -20.70
CA LYS B 30 12.76 36.07 -20.84
C LYS B 30 13.43 35.89 -19.47
N VAL B 31 14.22 34.83 -19.38
CA VAL B 31 14.84 34.43 -18.13
C VAL B 31 16.19 35.09 -17.95
N ASP B 32 16.39 35.65 -16.77
CA ASP B 32 17.62 36.34 -16.44
C ASP B 32 18.76 35.32 -16.33
N ARG B 33 19.95 35.72 -16.79
CA ARG B 33 21.12 34.87 -16.74
C ARG B 33 22.32 35.64 -16.21
N LEU B 34 23.02 35.09 -15.24
CA LEU B 34 24.30 35.64 -14.83
C LEU B 34 25.14 35.82 -16.07
N PRO B 35 25.80 36.96 -16.18
CA PRO B 35 26.65 37.32 -17.32
C PRO B 35 27.71 36.26 -17.65
N GLY B 36 27.69 35.76 -18.88
CA GLY B 36 28.79 34.94 -19.37
C GLY B 36 28.77 33.48 -19.01
N ALA B 37 29.35 32.67 -19.89
CA ALA B 37 29.33 31.22 -19.74
C ALA B 37 30.60 30.65 -20.34
N ASP B 38 31.67 30.63 -19.55
CA ASP B 38 33.01 30.33 -20.08
C ASP B 38 33.49 28.89 -19.88
N TYR B 39 32.92 28.19 -18.91
CA TYR B 39 33.35 26.83 -18.67
C TYR B 39 32.54 25.84 -19.50
N PRO B 40 33.14 24.69 -19.82
CA PRO B 40 32.44 23.61 -20.52
C PRO B 40 31.66 22.73 -19.55
N ASN B 41 30.63 22.06 -20.06
CA ASN B 41 29.79 21.21 -19.23
C ASN B 41 30.30 19.78 -19.22
N PRO B 42 30.81 19.33 -18.07
CA PRO B 42 31.32 17.96 -17.92
C PRO B 42 30.25 16.94 -18.32
N SER B 43 29.00 17.27 -18.05
CA SER B 43 27.88 16.43 -18.43
C SER B 43 27.83 16.19 -19.94
N LYS B 44 28.00 17.27 -20.70
CA LYS B 44 27.94 17.20 -22.15
C LYS B 44 29.33 17.09 -22.77
N LYS B 45 30.12 16.14 -22.25
CA LYS B 45 31.44 15.85 -22.81
C LYS B 45 31.30 15.35 -24.25
N ASP B 54 23.76 25.10 -27.11
CA ASP B 54 24.52 26.07 -27.90
C ASP B 54 23.69 27.32 -28.13
N LYS B 55 22.39 27.17 -27.90
CA LYS B 55 21.49 28.30 -27.77
C LYS B 55 20.12 27.83 -27.28
N THR B 56 19.31 28.79 -26.81
CA THR B 56 18.03 28.48 -26.17
C THR B 56 16.93 28.07 -27.15
N ASP B 57 16.23 26.99 -26.83
CA ASP B 57 15.10 26.53 -27.61
C ASP B 57 13.84 27.00 -26.90
N TYR B 58 12.74 27.17 -27.63
CA TYR B 58 11.48 27.61 -27.01
C TYR B 58 10.30 26.71 -27.37
N ILE B 59 9.19 26.95 -26.69
CA ILE B 59 7.96 26.23 -26.98
C ILE B 59 6.81 27.24 -26.91
N MET B 60 5.82 27.07 -27.77
CA MET B 60 4.72 28.01 -27.77
C MET B 60 3.97 27.93 -26.47
N TYR B 61 3.69 29.09 -25.89
CA TYR B 61 2.86 29.12 -24.70
C TYR B 61 1.50 28.46 -25.02
N ASN B 62 1.02 28.68 -26.24
CA ASN B 62 -0.27 28.12 -26.63
C ASN B 62 -0.22 27.48 -28.01
N PRO B 63 -0.43 26.16 -28.08
CA PRO B 63 -0.30 25.39 -29.33
C PRO B 63 -1.57 25.35 -30.18
N ARG B 64 -2.56 26.17 -29.87
CA ARG B 64 -3.77 26.24 -30.66
C ARG B 64 -3.55 27.23 -31.79
N PRO B 65 -3.98 26.89 -33.01
CA PRO B 65 -3.68 27.69 -34.21
C PRO B 65 -4.69 28.81 -34.42
N ARG B 66 -4.27 29.87 -35.11
CA ARG B 66 -5.19 30.91 -35.56
C ARG B 66 -5.60 30.71 -37.03
N ASP B 67 -6.16 31.75 -37.65
CA ASP B 67 -6.65 31.77 -39.04
C ASP B 67 -8.01 31.09 -39.17
N SER B 70 -4.49 22.19 -41.79
CA SER B 70 -3.07 22.53 -41.87
C SER B 70 -2.76 23.75 -42.73
N SER B 71 -2.86 23.58 -44.06
CA SER B 71 -2.46 24.61 -45.04
C SER B 71 -0.97 24.90 -44.86
N GLU B 72 -0.51 26.11 -45.22
CA GLU B 72 0.84 26.48 -44.80
C GLU B 72 0.86 26.43 -43.26
N ASN B 73 2.05 26.31 -42.67
CA ASN B 73 2.19 26.01 -41.25
C ASN B 73 1.37 26.85 -40.29
N PRO B 74 0.80 26.20 -39.27
CA PRO B 74 -0.07 26.77 -38.23
C PRO B 74 0.62 27.88 -37.43
N VAL B 75 -0.14 28.92 -37.11
CA VAL B 75 0.38 30.05 -36.35
C VAL B 75 -0.32 30.13 -35.02
N SER B 76 0.45 30.26 -33.95
CA SER B 76 -0.15 30.27 -32.62
C SER B 76 -1.15 31.39 -32.47
N VAL B 77 -2.21 31.12 -31.72
CA VAL B 77 -3.20 32.12 -31.39
C VAL B 77 -2.61 33.12 -30.40
N SER B 78 -1.38 32.87 -29.95
CA SER B 78 -0.67 33.73 -29.02
C SER B 78 0.78 33.96 -29.42
N PRO B 79 1.34 35.12 -29.07
CA PRO B 79 2.70 35.49 -29.45
C PRO B 79 3.75 34.94 -28.48
N LEU B 80 3.29 34.37 -27.37
CA LEU B 80 4.21 34.05 -26.27
C LEU B 80 4.98 32.74 -26.47
N LEU B 81 6.27 32.79 -26.19
CA LEU B 81 7.10 31.61 -26.19
C LEU B 81 7.65 31.41 -24.80
N CYS B 82 7.86 30.15 -24.40
CA CYS B 82 8.48 29.87 -23.11
C CYS B 82 9.76 29.14 -23.35
N GLU B 83 10.78 29.49 -22.56
CA GLU B 83 12.09 28.88 -22.68
C GLU B 83 12.12 27.46 -22.14
N LEU B 84 12.68 26.55 -22.94
CA LEU B 84 12.75 25.14 -22.59
C LEU B 84 13.95 24.90 -21.68
N ALA B 85 13.73 24.18 -20.59
CA ALA B 85 14.81 23.85 -19.68
C ALA B 85 15.63 22.73 -20.30
N ALA B 86 16.94 22.85 -20.19
CA ALA B 86 17.82 21.80 -20.69
C ALA B 86 19.25 21.93 -20.20
N ALA B 87 19.98 20.83 -20.23
CA ALA B 87 21.42 20.86 -19.96
C ALA B 87 22.11 21.67 -21.06
N ARG B 88 23.12 22.46 -20.68
CA ARG B 88 23.74 23.40 -21.62
C ARG B 88 25.23 23.14 -21.91
N SER B 89 25.65 23.36 -23.15
CA SER B 89 27.02 23.10 -23.58
C SER B 89 28.00 23.87 -22.73
N ARG B 90 27.71 25.15 -22.57
CA ARG B 90 28.55 26.03 -21.78
C ARG B 90 27.79 26.40 -20.52
N ILE B 91 28.53 26.48 -19.42
CA ILE B 91 27.93 26.88 -18.16
C ILE B 91 28.63 28.11 -17.56
N HIS B 92 27.99 28.75 -16.59
CA HIS B 92 28.46 30.02 -16.04
C HIS B 92 29.40 29.84 -14.86
N PHE B 93 29.06 28.91 -13.99
CA PHE B 93 29.86 28.70 -12.80
C PHE B 93 30.93 27.68 -13.10
N ASN B 94 32.06 27.82 -12.42
CA ASN B 94 33.12 26.81 -12.50
C ASN B 94 32.79 25.60 -11.63
N PRO B 95 32.38 24.50 -12.28
CA PRO B 95 31.85 23.29 -11.65
C PRO B 95 32.56 22.90 -10.36
N THR B 96 33.85 22.64 -10.44
CA THR B 96 34.58 22.08 -9.30
C THR B 96 34.80 23.08 -8.19
N GLU B 97 34.29 24.29 -8.37
CA GLU B 97 34.45 25.32 -7.35
C GLU B 97 33.12 25.91 -6.89
N THR B 98 32.02 25.47 -7.52
CA THR B 98 30.70 25.96 -7.14
C THR B 98 30.16 25.31 -5.85
N THR B 99 29.61 26.14 -4.99
CA THR B 99 28.90 25.70 -3.80
C THR B 99 27.39 25.88 -3.97
N ILE B 100 26.64 24.79 -3.80
CA ILE B 100 25.18 24.82 -3.96
C ILE B 100 24.50 24.84 -2.60
N GLY B 101 23.44 25.63 -2.49
CA GLY B 101 22.63 25.70 -1.28
C GLY B 101 21.17 25.34 -1.50
N ILE B 102 20.55 24.70 -0.53
CA ILE B 102 19.16 24.33 -0.64
C ILE B 102 18.40 24.79 0.59
N VAL B 103 17.23 25.37 0.37
CA VAL B 103 16.34 25.70 1.46
C VAL B 103 14.92 25.29 1.10
N THR B 104 14.14 24.81 2.08
CA THR B 104 12.72 24.46 1.88
C THR B 104 11.81 25.27 2.81
N CYS B 105 10.85 25.97 2.22
CA CYS B 105 10.06 26.90 3.01
C CYS B 105 8.59 26.65 2.81
N GLY B 106 7.76 27.20 3.68
CA GLY B 106 6.33 26.98 3.59
C GLY B 106 5.89 25.60 4.07
N GLY B 107 4.66 25.22 3.73
CA GLY B 107 4.10 23.97 4.18
C GLY B 107 4.85 22.79 3.61
N ILE B 108 4.60 21.59 4.13
CA ILE B 108 5.28 20.44 3.55
C ILE B 108 4.39 19.76 2.52
N CYS B 109 5.02 18.97 1.67
CA CYS B 109 4.35 18.43 0.49
C CYS B 109 5.19 17.27 0.03
N PRO B 110 4.52 16.20 -0.44
CA PRO B 110 5.24 15.00 -0.88
C PRO B 110 6.27 15.33 -1.94
N GLY B 111 7.49 14.86 -1.77
CA GLY B 111 8.54 15.09 -2.76
C GLY B 111 9.64 16.08 -2.44
N LEU B 112 9.50 16.83 -1.33
CA LEU B 112 10.55 17.67 -0.81
C LEU B 112 11.92 16.98 -0.73
N ASN B 113 11.93 15.77 -0.20
CA ASN B 113 13.18 15.03 -0.01
C ASN B 113 13.71 14.47 -1.31
N ASP B 114 12.81 14.17 -2.24
CA ASP B 114 13.27 13.82 -3.57
C ASP B 114 13.93 15.02 -4.27
N VAL B 115 13.33 16.19 -4.09
CA VAL B 115 13.92 17.43 -4.62
C VAL B 115 15.28 17.64 -3.99
N ILE B 116 15.33 17.65 -2.65
CA ILE B 116 16.59 17.83 -1.93
C ILE B 116 17.63 16.83 -2.44
N ARG B 117 17.27 15.56 -2.43
CA ARG B 117 18.18 14.49 -2.84
C ARG B 117 18.69 14.64 -4.27
N SER B 118 17.81 14.94 -5.20
CA SER B 118 18.19 15.06 -6.60
C SER B 118 19.06 16.28 -6.87
N ILE B 119 18.73 17.40 -6.25
CA ILE B 119 19.60 18.57 -6.39
C ILE B 119 21.02 18.20 -5.96
N THR B 120 21.15 17.70 -4.74
CA THR B 120 22.44 17.26 -4.24
C THR B 120 23.16 16.31 -5.18
N LEU B 121 22.51 15.24 -5.58
CA LEU B 121 23.20 14.23 -6.35
C LEU B 121 23.60 14.73 -7.72
N THR B 122 22.72 15.51 -8.33
CA THR B 122 23.03 16.09 -9.65
C THR B 122 24.25 17.02 -9.55
N GLY B 123 24.28 17.81 -8.50
CA GLY B 123 25.42 18.65 -8.22
C GLY B 123 26.67 17.83 -8.00
N ILE B 124 26.56 16.85 -7.12
CA ILE B 124 27.71 16.03 -6.77
C ILE B 124 28.15 15.05 -7.85
N ASN B 125 27.20 14.37 -8.48
CA ASN B 125 27.56 13.35 -9.47
C ASN B 125 27.83 13.93 -10.84
N VAL B 126 26.96 14.82 -11.28
CA VAL B 126 27.08 15.33 -12.64
C VAL B 126 28.09 16.46 -12.77
N TYR B 127 28.03 17.43 -11.86
CA TYR B 127 28.87 18.62 -11.97
C TYR B 127 30.05 18.56 -11.02
N ASN B 128 30.00 17.63 -10.07
CA ASN B 128 31.13 17.41 -9.19
C ASN B 128 31.44 18.72 -8.45
N VAL B 129 30.38 19.36 -7.98
CA VAL B 129 30.49 20.65 -7.32
C VAL B 129 31.35 20.55 -6.07
N LYS B 130 31.82 21.70 -5.58
CA LYS B 130 32.70 21.72 -4.43
C LYS B 130 31.96 21.16 -3.22
N ARG B 131 30.81 21.75 -2.90
CA ARG B 131 30.02 21.26 -1.79
C ARG B 131 28.55 21.61 -1.93
N VAL B 132 27.70 20.86 -1.22
CA VAL B 132 26.28 21.16 -1.18
C VAL B 132 25.89 21.49 0.25
N ILE B 133 25.25 22.64 0.45
CA ILE B 133 24.81 23.02 1.78
C ILE B 133 23.29 23.00 1.90
N GLY B 134 22.78 22.40 2.97
CA GLY B 134 21.37 22.39 3.27
C GLY B 134 21.09 23.35 4.42
N PHE B 135 20.19 24.29 4.20
CA PHE B 135 19.84 25.24 5.26
C PHE B 135 18.61 24.76 6.02
N ARG B 136 18.65 24.91 7.34
CA ARG B 136 17.60 24.35 8.20
C ARG B 136 16.43 25.29 8.36
N PHE B 137 15.24 24.70 8.40
CA PHE B 137 14.02 25.40 8.78
C PHE B 137 13.72 26.64 7.94
N GLY B 138 13.71 26.46 6.63
CA GLY B 138 13.39 27.54 5.74
C GLY B 138 14.38 28.67 5.82
N TYR B 139 13.87 29.89 5.62
CA TYR B 139 14.76 31.03 5.47
C TYR B 139 15.45 31.32 6.79
N TRP B 140 14.82 30.92 7.88
CA TRP B 140 15.43 31.03 9.20
C TRP B 140 16.85 30.45 9.24
N GLY B 141 17.09 29.38 8.49
CA GLY B 141 18.42 28.82 8.42
C GLY B 141 19.43 29.71 7.73
N LEU B 142 18.97 30.79 7.09
CA LEU B 142 19.87 31.70 6.38
C LEU B 142 20.17 32.95 7.21
N SER B 143 19.44 33.11 8.31
CA SER B 143 19.64 34.22 9.24
C SER B 143 20.96 34.07 9.98
N LYS B 144 21.43 35.15 10.57
CA LYS B 144 22.71 35.10 11.28
C LYS B 144 22.62 34.00 12.30
N LYS B 145 21.54 34.00 13.07
CA LYS B 145 21.33 32.99 14.09
C LYS B 145 21.22 31.58 13.49
N GLY B 146 20.31 31.43 12.54
CA GLY B 146 20.05 30.14 11.94
C GLY B 146 21.25 29.52 11.25
N SER B 147 22.07 30.35 10.63
CA SER B 147 23.17 29.84 9.81
C SER B 147 24.08 28.87 10.54
N GLN B 148 24.07 28.93 11.86
CA GLN B 148 24.97 28.08 12.63
C GLN B 148 24.61 26.61 12.48
N THR B 149 23.37 26.37 12.05
CA THR B 149 22.86 25.03 11.92
C THR B 149 22.94 24.48 10.51
N ALA B 150 23.52 25.23 9.59
CA ALA B 150 23.64 24.74 8.23
C ALA B 150 24.40 23.42 8.29
N ILE B 151 24.05 22.48 7.42
CA ILE B 151 24.75 21.22 7.35
C ILE B 151 25.24 21.03 5.94
N GLU B 152 26.22 20.15 5.76
CA GLU B 152 26.74 19.84 4.45
C GLU B 152 26.08 18.57 3.97
N LEU B 153 25.52 18.63 2.77
CA LEU B 153 24.83 17.51 2.19
C LEU B 153 25.79 16.74 1.30
N HIS B 154 25.85 15.44 1.50
CA HIS B 154 26.67 14.58 0.66
C HIS B 154 25.92 13.31 0.36
N ARG B 155 26.42 12.58 -0.63
CA ARG B 155 25.79 11.34 -1.06
C ARG B 155 25.25 10.56 0.14
N GLY B 156 26.07 10.31 1.14
CA GLY B 156 25.63 9.51 2.28
C GLY B 156 24.44 10.06 3.06
N ARG B 157 24.25 11.37 2.99
CA ARG B 157 23.21 12.01 3.76
C ARG B 157 21.85 11.89 3.05
N VAL B 158 21.86 11.94 1.73
CA VAL B 158 20.64 12.03 0.95
C VAL B 158 20.27 10.73 0.25
N THR B 159 21.12 9.73 0.38
CA THR B 159 20.92 8.43 -0.26
C THR B 159 19.51 7.85 -0.17
N ASN B 160 18.90 7.90 1.02
CA ASN B 160 17.61 7.25 1.24
C ASN B 160 16.47 8.17 1.66
N ILE B 161 16.70 9.48 1.63
CA ILE B 161 15.68 10.40 2.13
C ILE B 161 14.40 10.42 1.27
N HIS B 162 14.49 10.05 0.01
CA HIS B 162 13.30 9.95 -0.85
C HIS B 162 12.22 8.95 -0.35
N HIS B 163 12.54 8.17 0.67
CA HIS B 163 11.57 7.23 1.22
C HIS B 163 10.69 7.88 2.27
N TYR B 164 11.00 9.13 2.62
CA TYR B 164 10.33 9.79 3.74
C TYR B 164 9.58 11.05 3.33
N GLY B 165 8.49 11.31 4.02
CA GLY B 165 7.75 12.53 3.82
C GLY B 165 8.46 13.64 4.55
N GLY B 166 7.92 14.85 4.45
CA GLY B 166 8.47 15.99 5.14
C GLY B 166 9.71 16.48 4.44
N THR B 167 10.54 17.22 5.17
CA THR B 167 11.82 17.70 4.66
C THR B 167 12.90 17.53 5.73
N ILE B 168 13.99 16.84 5.39
CA ILE B 168 15.04 16.67 6.38
C ILE B 168 15.66 18.00 6.78
N LEU B 169 15.62 18.98 5.89
CA LEU B 169 16.18 20.28 6.16
C LEU B 169 15.28 20.99 7.13
N GLY B 170 14.00 20.63 7.10
CA GLY B 170 12.99 21.32 7.89
C GLY B 170 12.59 22.61 7.20
N SER B 171 11.48 23.18 7.65
CA SER B 171 10.93 24.37 7.04
C SER B 171 10.45 25.34 8.10
N SER B 172 10.01 26.52 7.68
CA SER B 172 9.50 27.51 8.61
C SER B 172 8.65 28.56 7.92
N ARG B 173 8.03 29.39 8.75
CA ARG B 173 7.12 30.42 8.34
C ARG B 173 7.67 31.74 8.91
N GLY B 174 7.37 32.85 8.24
CA GLY B 174 7.87 34.15 8.68
C GLY B 174 9.14 34.61 7.99
N PRO B 175 9.28 35.92 7.80
CA PRO B 175 10.37 36.50 7.02
C PRO B 175 11.71 36.51 7.75
N GLN B 176 12.78 36.64 7.01
CA GLN B 176 14.06 36.96 7.60
C GLN B 176 14.62 38.19 6.92
N ASP B 177 15.69 38.74 7.48
CA ASP B 177 16.36 39.92 6.94
C ASP B 177 17.22 39.56 5.74
N PRO B 178 16.87 40.09 4.56
CA PRO B 178 17.59 39.73 3.34
C PRO B 178 19.09 39.99 3.45
N LYS B 179 19.45 40.99 4.24
CA LYS B 179 20.85 41.35 4.39
C LYS B 179 21.58 40.30 5.20
N GLU B 180 20.94 39.80 6.25
CA GLU B 180 21.47 38.65 6.97
C GLU B 180 21.63 37.44 6.05
N MET B 181 20.58 37.13 5.31
CA MET B 181 20.55 35.94 4.48
C MET B 181 21.67 35.93 3.47
N VAL B 182 21.87 37.08 2.82
CA VAL B 182 22.92 37.22 1.84
C VAL B 182 24.27 37.22 2.53
N ASP B 183 24.34 37.84 3.69
CA ASP B 183 25.52 37.74 4.52
C ASP B 183 25.92 36.28 4.64
N THR B 184 24.96 35.45 5.04
CA THR B 184 25.17 34.01 5.13
C THR B 184 25.63 33.37 3.81
N LEU B 185 24.93 33.66 2.73
CA LEU B 185 25.33 33.12 1.42
C LEU B 185 26.77 33.47 1.10
N GLU B 186 27.19 34.69 1.44
CA GLU B 186 28.56 35.15 1.16
C GLU B 186 29.59 34.44 2.02
N ARG B 187 29.35 34.46 3.31
CA ARG B 187 30.23 33.82 4.26
C ARG B 187 30.48 32.35 3.94
N LEU B 188 29.45 31.67 3.45
CA LEU B 188 29.53 30.24 3.14
C LEU B 188 29.98 29.93 1.72
N GLY B 189 29.99 30.93 0.85
CA GLY B 189 30.51 30.77 -0.50
C GLY B 189 29.50 30.18 -1.45
N VAL B 190 28.23 30.42 -1.16
CA VAL B 190 27.16 29.90 -2.01
C VAL B 190 27.11 30.58 -3.38
N ASN B 191 27.05 29.77 -4.43
CA ASN B 191 26.93 30.26 -5.80
C ASN B 191 25.52 30.06 -6.35
N ILE B 192 24.84 29.02 -5.86
CA ILE B 192 23.46 28.80 -6.21
C ILE B 192 22.67 28.47 -4.95
N LEU B 193 21.62 29.24 -4.71
CA LEU B 193 20.64 28.90 -3.71
C LEU B 193 19.43 28.37 -4.47
N PHE B 194 19.04 27.14 -4.18
CA PHE B 194 17.79 26.59 -4.65
C PHE B 194 16.71 26.79 -3.58
N THR B 195 15.66 27.54 -3.93
CA THR B 195 14.57 27.83 -3.03
C THR B 195 13.40 26.95 -3.41
N VAL B 196 13.06 26.02 -2.51
CA VAL B 196 11.97 25.06 -2.71
C VAL B 196 10.80 25.48 -1.84
N GLY B 197 9.71 25.87 -2.49
CA GLY B 197 8.56 26.36 -1.78
C GLY B 197 7.57 27.04 -2.70
N GLY B 198 6.58 27.68 -2.11
CA GLY B 198 5.55 28.31 -2.90
C GLY B 198 5.77 29.75 -3.28
N ASP B 199 4.64 30.42 -3.49
CA ASP B 199 4.57 31.81 -3.89
C ASP B 199 5.39 32.68 -2.95
N GLY B 200 5.14 32.54 -1.65
CA GLY B 200 5.88 33.29 -0.66
C GLY B 200 7.38 33.07 -0.84
N THR B 201 7.76 31.80 -0.91
CA THR B 201 9.17 31.43 -1.03
C THR B 201 9.81 32.12 -2.21
N GLN B 202 9.19 32.02 -3.36
CA GLN B 202 9.79 32.59 -4.56
C GLN B 202 9.83 34.13 -4.54
N ARG B 203 8.81 34.78 -3.98
CA ARG B 203 8.90 36.21 -3.73
C ARG B 203 10.11 36.54 -2.84
N GLY B 204 10.35 35.75 -1.80
CA GLY B 204 11.54 35.91 -1.00
C GLY B 204 12.81 35.71 -1.82
N ALA B 205 12.77 34.75 -2.73
CA ALA B 205 13.90 34.49 -3.60
C ALA B 205 14.32 35.76 -4.36
N LEU B 206 13.36 36.42 -4.98
CA LEU B 206 13.62 37.66 -5.70
C LEU B 206 14.30 38.67 -4.78
N VAL B 207 13.77 38.84 -3.57
CA VAL B 207 14.37 39.78 -2.64
C VAL B 207 15.85 39.39 -2.42
N ILE B 208 16.09 38.13 -2.09
CA ILE B 208 17.46 37.66 -1.88
C ILE B 208 18.33 37.94 -3.10
N SER B 209 17.80 37.60 -4.27
CA SER B 209 18.50 37.79 -5.53
C SER B 209 18.83 39.26 -5.73
N GLN B 210 17.89 40.14 -5.39
CA GLN B 210 18.08 41.57 -5.57
C GLN B 210 19.20 42.09 -4.66
N GLU B 211 19.15 41.69 -3.40
CA GLU B 211 20.15 42.10 -2.44
C GLU B 211 21.55 41.61 -2.84
N ALA B 212 21.65 40.40 -3.37
CA ALA B 212 22.92 39.91 -3.83
C ALA B 212 23.46 40.75 -4.99
N LYS B 213 22.55 41.21 -5.85
CA LYS B 213 22.95 42.03 -6.97
C LYS B 213 23.50 43.35 -6.44
N ARG B 214 22.76 43.98 -5.53
CA ARG B 214 23.22 45.23 -4.94
C ARG B 214 24.68 45.11 -4.53
N ARG B 215 25.08 43.90 -4.18
CA ARG B 215 26.41 43.66 -3.66
C ARG B 215 27.38 43.21 -4.75
N GLY B 216 26.87 42.93 -5.93
CA GLY B 216 27.72 42.38 -6.98
C GLY B 216 28.19 40.98 -6.60
N VAL B 217 27.29 40.19 -6.04
CA VAL B 217 27.62 38.82 -5.72
C VAL B 217 27.22 37.88 -6.85
N ASP B 218 28.12 36.97 -7.17
CA ASP B 218 27.92 36.04 -8.26
C ASP B 218 27.03 34.91 -7.78
N ILE B 219 25.72 35.12 -7.77
CA ILE B 219 24.81 34.17 -7.15
C ILE B 219 23.57 33.98 -7.96
N SER B 220 23.27 32.72 -8.29
CA SER B 220 22.00 32.37 -8.88
C SER B 220 20.98 32.05 -7.80
N VAL B 221 19.78 32.58 -7.93
CA VAL B 221 18.69 32.13 -7.07
C VAL B 221 17.63 31.46 -7.92
N PHE B 222 17.46 30.16 -7.75
CA PHE B 222 16.63 29.36 -8.64
C PHE B 222 15.52 28.75 -7.82
N GLY B 223 14.29 28.82 -8.30
CA GLY B 223 13.17 28.27 -7.57
C GLY B 223 12.65 26.93 -8.05
N VAL B 224 12.42 26.00 -7.11
CA VAL B 224 11.68 24.79 -7.44
C VAL B 224 10.32 24.91 -6.79
N PRO B 225 9.29 25.07 -7.61
CA PRO B 225 7.93 25.40 -7.16
C PRO B 225 7.26 24.29 -6.35
N LYS B 226 6.71 24.67 -5.20
CA LYS B 226 6.06 23.72 -4.30
C LYS B 226 4.65 24.18 -4.03
N THR B 227 3.70 23.49 -4.62
CA THR B 227 2.30 23.72 -4.31
C THR B 227 1.53 22.43 -4.52
N ILE B 228 1.11 21.81 -3.45
CA ILE B 228 0.42 20.54 -3.52
C ILE B 228 -0.90 20.69 -4.28
N ASP B 229 -1.35 21.93 -4.45
CA ASP B 229 -2.64 22.27 -5.08
C ASP B 229 -2.64 22.23 -6.62
N ASN B 230 -1.45 22.24 -7.22
CA ASN B 230 -1.36 22.27 -8.68
C ASN B 230 -2.03 23.53 -9.23
N ASP B 231 -1.88 24.64 -8.51
CA ASP B 231 -2.47 25.89 -8.95
C ASP B 231 -1.45 26.90 -9.53
N LEU B 232 -0.23 26.42 -9.78
CA LEU B 232 0.83 27.24 -10.36
C LEU B 232 0.51 27.57 -11.81
N SER B 233 0.75 28.82 -12.19
CA SER B 233 0.52 29.23 -13.56
C SER B 233 1.67 28.74 -14.39
N PHE B 234 1.46 28.66 -15.71
CA PHE B 234 2.50 28.21 -16.64
C PHE B 234 2.93 26.80 -16.28
N SER B 235 2.01 26.05 -15.71
CA SER B 235 2.31 24.72 -15.21
C SER B 235 1.07 23.84 -15.29
N HIS B 236 1.24 22.59 -15.69
CA HIS B 236 0.13 21.64 -15.71
C HIS B 236 0.28 20.59 -14.59
N ARG B 237 1.42 20.60 -13.93
CA ARG B 237 1.68 19.63 -12.89
C ARG B 237 2.81 20.09 -11.98
N THR B 238 2.55 20.14 -10.69
CA THR B 238 3.61 20.39 -9.71
C THR B 238 3.86 19.16 -8.84
N PHE B 239 5.07 18.99 -8.35
CA PHE B 239 5.34 17.76 -7.60
C PHE B 239 4.48 17.65 -6.35
N GLY B 240 4.23 16.41 -5.92
CA GLY B 240 3.35 16.17 -4.79
C GLY B 240 1.88 15.94 -5.16
N PHE B 241 1.42 16.56 -6.23
CA PHE B 241 -0.02 16.64 -6.55
C PHE B 241 -0.67 15.28 -6.83
N GLN B 242 -0.04 14.47 -7.66
CA GLN B 242 -0.59 13.15 -7.92
C GLN B 242 -0.63 12.31 -6.66
N THR B 243 0.36 12.48 -5.80
CA THR B 243 0.39 11.72 -4.57
C THR B 243 -0.77 12.14 -3.69
N ALA B 244 -1.04 13.44 -3.63
CA ALA B 244 -2.13 13.97 -2.84
C ALA B 244 -3.47 13.40 -3.32
N VAL B 245 -3.65 13.30 -4.63
CA VAL B 245 -4.85 12.69 -5.17
C VAL B 245 -5.00 11.21 -4.77
N GLU B 246 -3.92 10.43 -4.80
CA GLU B 246 -3.98 9.04 -4.33
C GLU B 246 -4.52 9.00 -2.90
N LYS B 247 -3.90 9.78 -2.04
CA LYS B 247 -4.24 9.79 -0.64
C LYS B 247 -5.66 10.29 -0.38
N ALA B 248 -5.98 11.45 -0.95
CA ALA B 248 -7.34 11.98 -0.91
C ALA B 248 -8.38 10.91 -1.27
N VAL B 249 -8.13 10.13 -2.33
CA VAL B 249 -9.08 9.08 -2.72
C VAL B 249 -9.25 8.05 -1.61
N GLN B 250 -8.16 7.76 -0.91
CA GLN B 250 -8.18 6.79 0.19
C GLN B 250 -8.96 7.37 1.37
N ALA B 251 -8.82 8.68 1.58
CA ALA B 251 -9.69 9.38 2.51
C ALA B 251 -11.16 9.25 2.12
N ILE B 252 -11.46 9.45 0.85
CA ILE B 252 -12.83 9.39 0.35
C ILE B 252 -13.46 8.03 0.56
N ARG B 253 -12.68 6.97 0.36
CA ARG B 253 -13.24 5.63 0.53
C ARG B 253 -13.68 5.47 1.97
N ALA B 254 -12.88 6.00 2.88
CA ALA B 254 -13.21 5.92 4.28
C ALA B 254 -14.54 6.59 4.56
N ALA B 255 -14.68 7.84 4.11
CA ALA B 255 -15.89 8.62 4.27
C ALA B 255 -17.05 7.86 3.67
N TYR B 256 -16.79 7.22 2.53
CA TYR B 256 -17.83 6.46 1.86
C TYR B 256 -18.25 5.25 2.69
N ALA B 257 -17.26 4.56 3.25
CA ALA B 257 -17.52 3.45 4.17
C ALA B 257 -18.39 3.89 5.34
N GLU B 258 -18.06 5.05 5.91
CA GLU B 258 -18.80 5.54 7.04
C GLU B 258 -20.26 5.91 6.69
N ALA B 259 -20.45 6.52 5.52
CA ALA B 259 -21.79 6.94 5.10
C ALA B 259 -22.73 5.75 4.83
N VAL B 260 -22.18 4.73 4.19
CA VAL B 260 -22.93 3.57 3.78
C VAL B 260 -23.36 2.76 4.99
N SER B 261 -22.67 2.96 6.10
CA SER B 261 -22.90 2.15 7.30
C SER B 261 -23.96 2.77 8.18
N ALA B 262 -24.49 3.92 7.76
CA ALA B 262 -25.50 4.63 8.53
C ALA B 262 -26.66 5.08 7.67
N ASN B 263 -27.87 4.86 8.19
CA ASN B 263 -29.07 5.37 7.57
C ASN B 263 -28.99 6.89 7.57
N TYR B 264 -29.09 7.49 6.39
CA TYR B 264 -28.88 8.92 6.19
C TYR B 264 -27.53 9.31 6.79
N GLY B 265 -26.51 8.64 6.27
CA GLY B 265 -25.13 8.87 6.68
C GLY B 265 -24.47 9.85 5.73
N VAL B 266 -23.73 10.80 6.30
CA VAL B 266 -23.00 11.77 5.52
C VAL B 266 -21.52 11.73 5.86
N GLY B 267 -20.69 11.44 4.86
CA GLY B 267 -19.27 11.57 5.04
C GLY B 267 -18.75 12.85 4.41
N VAL B 268 -18.24 13.73 5.26
CA VAL B 268 -17.64 14.98 4.83
C VAL B 268 -16.12 14.89 4.93
N VAL B 269 -15.44 15.11 3.82
CA VAL B 269 -13.99 15.06 3.85
C VAL B 269 -13.43 16.33 3.19
N LYS B 270 -12.55 17.01 3.92
CA LYS B 270 -11.98 18.24 3.45
C LYS B 270 -10.66 17.93 2.71
N LEU B 271 -10.48 18.55 1.55
CA LEU B 271 -9.25 18.38 0.81
C LEU B 271 -8.50 19.69 0.61
N MET B 272 -7.35 19.64 -0.04
CA MET B 272 -6.36 20.67 0.16
C MET B 272 -6.68 22.05 -0.38
N GLY B 273 -7.50 22.12 -1.42
CA GLY B 273 -7.56 23.33 -2.24
C GLY B 273 -7.80 24.73 -1.68
N ARG B 274 -6.73 25.50 -1.46
CA ARG B 274 -6.83 26.84 -0.86
C ARG B 274 -7.47 27.88 -1.77
N ASP B 275 -7.02 27.93 -3.03
CA ASP B 275 -7.57 28.92 -3.97
C ASP B 275 -8.16 28.25 -5.20
N SER B 276 -8.07 26.93 -5.25
CA SER B 276 -8.44 26.18 -6.44
C SER B 276 -8.87 24.80 -6.00
N GLY B 277 -9.58 24.07 -6.86
CA GLY B 277 -10.17 22.80 -6.50
C GLY B 277 -9.70 21.60 -7.30
N PHE B 278 -8.50 21.67 -7.87
CA PHE B 278 -7.99 20.53 -8.63
C PHE B 278 -7.91 19.23 -7.82
N ILE B 279 -7.39 19.28 -6.59
CA ILE B 279 -7.31 18.05 -5.83
C ILE B 279 -8.72 17.53 -5.56
N ALA B 280 -9.58 18.43 -5.08
CA ALA B 280 -10.92 18.05 -4.72
C ALA B 280 -11.62 17.42 -5.93
N ALA B 281 -11.52 18.07 -7.07
CA ALA B 281 -12.15 17.56 -8.30
C ALA B 281 -11.56 16.25 -8.78
N GLN B 282 -10.23 16.17 -8.89
CA GLN B 282 -9.59 14.93 -9.36
C GLN B 282 -9.97 13.78 -8.45
N ALA B 283 -9.91 14.02 -7.15
CA ALA B 283 -10.25 12.98 -6.19
C ALA B 283 -11.72 12.60 -6.30
N ALA B 284 -12.56 13.59 -6.53
CA ALA B 284 -13.99 13.30 -6.66
C ALA B 284 -14.22 12.32 -7.79
N VAL B 285 -13.65 12.60 -8.96
CA VAL B 285 -13.82 11.72 -10.12
C VAL B 285 -13.08 10.38 -9.99
N ALA B 286 -11.80 10.43 -9.60
CA ALA B 286 -11.02 9.21 -9.42
C ALA B 286 -11.71 8.20 -8.52
N SER B 287 -12.30 8.67 -7.44
CA SER B 287 -12.96 7.77 -6.47
C SER B 287 -14.29 7.23 -6.93
N ALA B 288 -14.96 7.95 -7.82
CA ALA B 288 -16.31 7.58 -8.25
C ALA B 288 -17.30 7.62 -7.08
N GLN B 289 -16.90 8.20 -5.95
CA GLN B 289 -17.69 8.08 -4.72
C GLN B 289 -18.24 9.38 -4.17
N ALA B 290 -17.79 10.51 -4.69
CA ALA B 290 -18.32 11.78 -4.22
C ALA B 290 -19.77 12.05 -4.73
N ASN B 291 -20.64 12.54 -3.85
CA ASN B 291 -22.00 12.98 -4.23
C ASN B 291 -22.10 14.50 -4.34
N ILE B 292 -21.26 15.18 -3.55
CA ILE B 292 -21.19 16.62 -3.58
C ILE B 292 -19.72 17.02 -3.51
N CYS B 293 -19.33 17.90 -4.42
CA CYS B 293 -17.97 18.36 -4.48
C CYS B 293 -17.91 19.90 -4.42
N LEU B 294 -17.40 20.40 -3.30
CA LEU B 294 -17.34 21.83 -3.02
C LEU B 294 -15.95 22.43 -3.26
N VAL B 295 -15.84 23.31 -4.27
CA VAL B 295 -14.58 23.96 -4.61
C VAL B 295 -14.68 25.47 -4.54
N PRO B 296 -13.53 26.16 -4.41
CA PRO B 296 -13.53 27.63 -4.29
C PRO B 296 -13.97 28.32 -5.58
N GLU B 297 -13.76 27.69 -6.73
CA GLU B 297 -14.18 28.23 -8.02
C GLU B 297 -15.69 28.40 -8.09
N ASN B 298 -16.41 27.66 -7.27
CA ASN B 298 -17.85 27.61 -7.41
C ASN B 298 -18.58 27.80 -6.09
N PRO B 299 -18.54 29.04 -5.57
CA PRO B 299 -19.07 29.40 -4.24
C PRO B 299 -20.58 29.24 -4.19
N ILE B 300 -21.07 28.34 -3.36
CA ILE B 300 -22.51 28.25 -3.18
C ILE B 300 -22.91 28.36 -1.71
N SER B 301 -24.21 28.54 -1.48
CA SER B 301 -24.68 28.93 -0.17
C SER B 301 -24.99 27.70 0.64
N GLU B 302 -25.01 27.85 1.95
CA GLU B 302 -25.39 26.76 2.81
C GLU B 302 -26.73 26.17 2.37
N GLN B 303 -27.62 27.01 1.87
CA GLN B 303 -28.94 26.55 1.45
C GLN B 303 -28.88 25.64 0.24
N GLU B 304 -28.00 25.96 -0.70
CA GLU B 304 -27.84 25.15 -1.90
C GLU B 304 -27.27 23.79 -1.55
N VAL B 305 -26.23 23.79 -0.70
CA VAL B 305 -25.61 22.56 -0.24
C VAL B 305 -26.69 21.71 0.44
N MET B 306 -27.41 22.30 1.39
CA MET B 306 -28.42 21.51 2.08
C MET B 306 -29.39 20.97 1.08
N SER B 307 -29.60 21.74 0.02
CA SER B 307 -30.59 21.37 -0.99
C SER B 307 -30.10 20.18 -1.81
N LEU B 308 -28.83 20.21 -2.19
CA LEU B 308 -28.23 19.09 -2.91
C LEU B 308 -28.31 17.84 -2.07
N LEU B 309 -28.09 18.01 -0.76
CA LEU B 309 -28.11 16.89 0.19
C LEU B 309 -29.48 16.27 0.25
N GLU B 310 -30.51 17.12 0.35
CA GLU B 310 -31.91 16.69 0.28
C GLU B 310 -32.18 15.83 -0.95
N ARG B 311 -31.80 16.34 -2.12
CA ARG B 311 -31.97 15.57 -3.34
C ARG B 311 -31.28 14.22 -3.26
N ARG B 312 -30.10 14.22 -2.67
CA ARG B 312 -29.32 12.98 -2.57
C ARG B 312 -30.09 11.99 -1.71
N PHE B 313 -30.61 12.51 -0.61
CA PHE B 313 -31.36 11.70 0.33
C PHE B 313 -32.77 11.35 -0.15
N CYS B 314 -33.13 11.78 -1.35
CA CYS B 314 -34.40 11.34 -1.94
C CYS B 314 -34.32 9.96 -2.54
N HIS B 315 -33.13 9.54 -2.97
CA HIS B 315 -32.94 8.26 -3.65
C HIS B 315 -31.81 7.43 -3.06
N SER B 316 -31.16 7.94 -2.02
CA SER B 316 -30.07 7.22 -1.38
C SER B 316 -30.04 7.42 0.12
N ARG B 317 -29.49 6.44 0.83
CA ARG B 317 -29.32 6.54 2.28
C ARG B 317 -27.92 7.01 2.66
N SER B 318 -27.14 7.44 1.65
CA SER B 318 -25.75 7.84 1.89
C SER B 318 -25.32 9.06 1.08
N CYS B 319 -24.42 9.86 1.66
CA CYS B 319 -23.93 11.03 0.94
C CYS B 319 -22.51 11.37 1.33
N VAL B 320 -21.63 11.41 0.33
CA VAL B 320 -20.25 11.85 0.52
C VAL B 320 -20.08 13.27 -0.02
N ILE B 321 -19.54 14.14 0.83
CA ILE B 321 -19.34 15.54 0.47
C ILE B 321 -17.86 15.85 0.55
N ILE B 322 -17.26 16.17 -0.60
CA ILE B 322 -15.89 16.66 -0.64
C ILE B 322 -15.93 18.18 -0.58
N VAL B 323 -15.10 18.77 0.27
CA VAL B 323 -15.03 20.20 0.36
C VAL B 323 -13.57 20.66 0.42
N ALA B 324 -13.22 21.56 -0.48
CA ALA B 324 -11.89 22.14 -0.51
C ALA B 324 -11.80 23.19 0.55
N GLU B 325 -10.60 23.34 1.12
CA GLU B 325 -10.48 24.16 2.30
C GLU B 325 -10.72 25.65 2.06
N GLY B 326 -10.62 26.08 0.81
CA GLY B 326 -10.93 27.46 0.48
C GLY B 326 -12.39 27.69 0.10
N PHE B 327 -13.21 26.64 0.17
CA PHE B 327 -14.63 26.84 -0.06
C PHE B 327 -15.27 27.51 1.14
N GLY B 328 -16.41 28.13 0.91
CA GLY B 328 -17.24 28.66 1.98
C GLY B 328 -16.51 29.57 2.96
N GLN B 329 -15.52 30.32 2.50
CA GLN B 329 -14.82 31.27 3.36
C GLN B 329 -15.73 32.48 3.63
N ASP B 330 -16.75 32.62 2.78
CA ASP B 330 -17.72 33.68 2.92
C ASP B 330 -18.87 33.24 3.81
N TRP B 331 -18.69 32.12 4.50
CA TRP B 331 -19.75 31.55 5.31
C TRP B 331 -19.66 32.01 6.77
N GLY B 332 -18.63 32.76 7.09
CA GLY B 332 -18.47 33.27 8.45
C GLY B 332 -17.41 34.33 8.57
N ARG B 333 -17.11 34.70 9.81
CA ARG B 333 -16.10 35.71 10.11
C ARG B 333 -14.80 35.47 9.36
N TYR B 338 -3.95 35.99 10.50
CA TYR B 338 -2.78 35.77 9.66
C TYR B 338 -1.75 34.87 10.30
N ASP B 339 -0.93 34.23 9.48
CA ASP B 339 0.16 33.39 9.96
C ASP B 339 1.47 34.18 9.97
N ALA B 340 2.54 33.55 10.44
CA ALA B 340 3.82 34.27 10.58
C ALA B 340 4.31 34.86 9.27
N SER B 341 3.86 34.29 8.16
CA SER B 341 4.36 34.71 6.85
C SER B 341 3.53 35.82 6.25
N GLY B 342 2.35 36.04 6.83
CA GLY B 342 1.44 37.08 6.36
C GLY B 342 0.30 36.50 5.54
N ASN B 343 0.25 35.18 5.47
CA ASN B 343 -0.86 34.51 4.79
C ASN B 343 -2.15 34.62 5.58
N LYS B 344 -3.25 34.86 4.88
CA LYS B 344 -4.56 34.90 5.51
C LYS B 344 -4.96 33.53 5.96
N LYS B 345 -5.20 33.39 7.26
CA LYS B 345 -5.71 32.14 7.79
C LYS B 345 -7.16 31.92 7.32
N LEU B 346 -7.47 30.70 6.92
CA LEU B 346 -8.83 30.33 6.50
C LEU B 346 -9.66 29.94 7.71
N ILE B 347 -10.98 30.15 7.65
CA ILE B 347 -11.84 29.51 8.62
C ILE B 347 -11.98 28.02 8.23
N ASP B 348 -11.98 27.13 9.20
CA ASP B 348 -12.12 25.72 8.89
C ASP B 348 -13.51 25.40 8.37
N ILE B 349 -13.63 25.32 7.05
CA ILE B 349 -14.93 25.06 6.43
C ILE B 349 -15.36 23.62 6.65
N GLY B 350 -14.38 22.74 6.86
CA GLY B 350 -14.63 21.34 7.17
C GLY B 350 -15.46 21.28 8.42
N VAL B 351 -14.97 21.93 9.47
CA VAL B 351 -15.69 21.92 10.74
C VAL B 351 -17.05 22.62 10.65
N ILE B 352 -17.07 23.80 10.02
CA ILE B 352 -18.28 24.61 9.89
C ILE B 352 -19.35 23.89 9.06
N LEU B 353 -18.96 23.39 7.89
CA LEU B 353 -19.89 22.67 7.05
C LEU B 353 -20.48 21.45 7.76
N THR B 354 -19.65 20.75 8.53
CA THR B 354 -20.10 19.56 9.25
C THR B 354 -21.17 19.96 10.23
N GLU B 355 -20.95 21.09 10.91
CA GLU B 355 -21.89 21.58 11.90
C GLU B 355 -23.19 22.00 11.25
N LYS B 356 -23.10 22.77 10.17
CA LYS B 356 -24.31 23.17 9.46
C LYS B 356 -25.10 21.94 9.00
N VAL B 357 -24.41 20.85 8.64
CA VAL B 357 -25.10 19.68 8.12
C VAL B 357 -25.78 18.95 9.28
N LYS B 358 -25.09 18.92 10.41
CA LYS B 358 -25.68 18.38 11.62
C LYS B 358 -26.93 19.18 12.00
N ALA B 359 -26.79 20.49 12.07
CA ALA B 359 -27.92 21.36 12.31
C ALA B 359 -29.09 20.98 11.40
N PHE B 360 -28.82 20.93 10.10
CA PHE B 360 -29.85 20.66 9.10
C PHE B 360 -30.59 19.34 9.34
N LEU B 361 -29.84 18.29 9.60
CA LEU B 361 -30.46 16.98 9.74
C LEU B 361 -31.17 16.86 11.07
N LYS B 362 -30.70 17.62 12.05
CA LYS B 362 -31.36 17.67 13.35
C LYS B 362 -32.72 18.35 13.21
N ALA B 363 -32.72 19.53 12.60
CA ALA B 363 -33.94 20.29 12.36
C ALA B 363 -34.93 19.58 11.42
N ASN B 364 -34.55 18.41 10.92
CA ASN B 364 -35.44 17.64 10.04
C ASN B 364 -35.52 16.19 10.48
N LYS B 365 -35.47 15.97 11.80
CA LYS B 365 -35.53 14.61 12.36
C LYS B 365 -36.73 13.84 11.80
N SER B 366 -37.79 14.58 11.47
CA SER B 366 -38.96 14.00 10.84
C SER B 366 -38.56 13.18 9.62
N ARG B 367 -38.14 13.89 8.57
CA ARG B 367 -37.83 13.31 7.26
C ARG B 367 -36.70 12.28 7.32
N TYR B 368 -35.73 12.56 8.17
CA TYR B 368 -34.59 11.68 8.37
C TYR B 368 -34.64 11.22 9.81
N PRO B 369 -35.30 10.07 10.04
CA PRO B 369 -35.45 9.49 11.38
C PRO B 369 -34.08 9.43 12.05
N ASP B 370 -33.29 8.46 11.62
CA ASP B 370 -31.91 8.33 12.04
C ASP B 370 -31.08 9.20 11.10
N SER B 371 -29.81 9.41 11.42
CA SER B 371 -28.87 10.09 10.53
C SER B 371 -27.56 10.43 11.23
N THR B 372 -26.45 10.33 10.52
CA THR B 372 -25.14 10.54 11.11
C THR B 372 -24.24 11.38 10.21
N VAL B 373 -23.41 12.22 10.82
CA VAL B 373 -22.39 12.97 10.09
C VAL B 373 -21.00 12.64 10.63
N LYS B 374 -20.15 12.11 9.76
CA LYS B 374 -18.77 11.83 10.14
C LYS B 374 -17.86 12.70 9.31
N TYR B 375 -16.93 13.39 9.96
CA TYR B 375 -16.04 14.30 9.28
C TYR B 375 -14.59 13.80 9.25
N ILE B 376 -13.97 13.82 8.08
CA ILE B 376 -12.58 13.40 7.98
C ILE B 376 -11.73 14.55 7.50
N ASP B 377 -10.70 14.89 8.24
CA ASP B 377 -9.69 15.85 7.80
C ASP B 377 -8.33 15.20 7.58
N PRO B 378 -8.09 14.67 6.37
CA PRO B 378 -6.87 13.90 6.14
C PRO B 378 -5.72 14.79 5.73
N SER B 379 -5.80 16.07 6.08
CA SER B 379 -4.78 17.04 5.69
C SER B 379 -3.31 16.67 5.89
N TYR B 380 -2.88 16.47 7.12
CA TYR B 380 -1.46 16.17 7.36
C TYR B 380 -1.04 14.83 6.78
N MET B 381 -1.93 13.86 6.76
CA MET B 381 -1.60 12.56 6.18
C MET B 381 -1.37 12.66 4.70
N ILE B 382 -2.01 13.64 4.07
CA ILE B 382 -1.77 13.86 2.65
C ILE B 382 -0.44 14.55 2.42
N ARG B 383 -0.18 15.60 3.18
CA ARG B 383 1.00 16.42 2.91
C ARG B 383 2.30 15.80 3.42
N ALA B 384 2.18 14.98 4.44
CA ALA B 384 3.37 14.50 5.14
C ALA B 384 3.65 13.06 4.79
N CYS B 385 3.15 12.63 3.65
CA CYS B 385 3.38 11.25 3.27
C CYS B 385 4.34 11.20 2.10
N PRO B 386 5.02 10.06 1.93
CA PRO B 386 6.05 9.94 0.88
C PRO B 386 5.41 9.93 -0.50
N PRO B 387 6.19 10.29 -1.52
CA PRO B 387 5.75 10.40 -2.90
C PRO B 387 5.46 9.05 -3.55
N SER B 388 4.44 9.04 -4.40
CA SER B 388 4.25 7.98 -5.35
C SER B 388 5.53 7.83 -6.18
N ALA B 389 5.73 6.67 -6.80
CA ALA B 389 6.87 6.47 -7.68
C ALA B 389 6.91 7.55 -8.77
N ASN B 390 5.76 7.87 -9.35
CA ASN B 390 5.69 8.86 -10.42
C ASN B 390 6.03 10.24 -9.96
N ASP B 391 5.56 10.60 -8.77
CA ASP B 391 5.96 11.88 -8.23
C ASP B 391 7.48 11.94 -8.00
N ALA B 392 8.08 10.83 -7.56
CA ALA B 392 9.50 10.79 -7.32
C ALA B 392 10.25 11.10 -8.61
N LEU B 393 9.88 10.38 -9.67
CA LEU B 393 10.49 10.57 -10.98
C LEU B 393 10.37 12.02 -11.35
N PHE B 394 9.22 12.59 -11.09
CA PHE B 394 8.95 13.98 -11.43
C PHE B 394 9.87 14.95 -10.67
N CYS B 395 9.90 14.81 -9.36
CA CYS B 395 10.80 15.55 -8.50
C CYS B 395 12.25 15.52 -8.99
N ALA B 396 12.74 14.32 -9.27
CA ALA B 396 14.12 14.12 -9.72
C ALA B 396 14.40 14.83 -11.04
N THR B 397 13.45 14.80 -11.96
CA THR B 397 13.62 15.44 -13.23
C THR B 397 13.69 16.95 -13.03
N LEU B 398 12.73 17.50 -12.29
CA LEU B 398 12.70 18.94 -12.03
C LEU B 398 14.00 19.37 -11.40
N ALA B 399 14.39 18.68 -10.35
CA ALA B 399 15.58 19.03 -9.62
C ALA B 399 16.84 18.96 -10.48
N THR B 400 16.91 17.93 -11.33
CA THR B 400 18.04 17.71 -12.21
C THR B 400 18.16 18.87 -13.17
N LEU B 401 17.07 19.15 -13.90
CA LEU B 401 17.05 20.26 -14.81
C LEU B 401 17.34 21.58 -14.09
N ALA B 402 16.87 21.69 -12.84
CA ALA B 402 17.07 22.91 -12.08
C ALA B 402 18.55 23.17 -11.94
N VAL B 403 19.31 22.11 -11.66
CA VAL B 403 20.74 22.23 -11.49
C VAL B 403 21.43 22.52 -12.81
N HIS B 404 20.93 21.94 -13.88
CA HIS B 404 21.52 22.20 -15.17
C HIS B 404 21.44 23.67 -15.48
N GLU B 405 20.24 24.23 -15.33
CA GLU B 405 20.01 25.60 -15.77
C GLU B 405 20.73 26.61 -14.87
N ALA B 406 20.69 26.36 -13.56
CA ALA B 406 21.39 27.26 -12.65
C ALA B 406 22.90 27.21 -12.89
N MET B 407 23.42 26.03 -13.19
CA MET B 407 24.84 25.95 -13.51
C MET B 407 25.11 26.86 -14.71
N ALA B 408 24.20 26.83 -15.68
CA ALA B 408 24.27 27.70 -16.86
C ALA B 408 23.76 29.09 -16.53
N GLY B 409 23.85 29.49 -15.27
CA GLY B 409 23.53 30.85 -14.87
C GLY B 409 22.10 31.34 -14.90
N ALA B 410 21.11 30.46 -14.95
CA ALA B 410 19.73 30.94 -14.85
C ALA B 410 19.42 31.37 -13.39
N THR B 411 18.66 32.44 -13.24
CA THR B 411 18.34 32.99 -11.93
C THR B 411 17.02 33.79 -11.98
N GLY B 412 16.36 33.94 -10.84
CA GLY B 412 15.16 34.74 -10.76
C GLY B 412 13.99 34.03 -11.38
N CYS B 413 14.15 32.73 -11.58
CA CYS B 413 13.12 31.93 -12.21
C CYS B 413 12.84 30.62 -11.48
N ILE B 414 11.75 29.99 -11.89
CA ILE B 414 11.40 28.67 -11.41
C ILE B 414 11.41 27.71 -12.60
N ILE B 415 11.57 26.41 -12.32
CA ILE B 415 11.31 25.38 -13.31
C ILE B 415 9.89 24.88 -13.20
N ALA B 416 9.28 24.59 -14.34
CA ALA B 416 7.88 24.17 -14.38
C ALA B 416 7.62 23.21 -15.54
N MET B 417 6.41 22.70 -15.61
CA MET B 417 6.11 21.78 -16.67
C MET B 417 4.78 22.11 -17.34
N ARG B 418 4.86 22.30 -18.65
CA ARG B 418 3.70 22.59 -19.47
C ARG B 418 3.79 21.70 -20.68
N HIS B 419 2.64 21.19 -21.09
CA HIS B 419 2.52 20.44 -22.33
C HIS B 419 3.62 19.39 -22.44
N ASN B 420 3.83 18.70 -21.32
CA ASN B 420 4.78 17.60 -21.25
C ASN B 420 6.20 18.05 -21.51
N ASN B 421 6.45 19.33 -21.34
CA ASN B 421 7.80 19.86 -21.46
C ASN B 421 8.20 20.67 -20.25
N TYR B 422 9.49 20.67 -19.94
CA TYR B 422 10.03 21.47 -18.86
C TYR B 422 10.48 22.85 -19.34
N ILE B 423 10.02 23.87 -18.65
CA ILE B 423 10.29 25.22 -19.08
C ILE B 423 10.87 26.03 -17.95
N LEU B 424 11.51 27.14 -18.30
CA LEU B 424 11.93 28.13 -17.31
C LEU B 424 10.96 29.30 -17.34
N VAL B 425 10.56 29.75 -16.15
CA VAL B 425 9.63 30.86 -16.00
C VAL B 425 10.07 31.79 -14.90
N PRO B 426 10.22 33.08 -15.22
CA PRO B 426 10.62 34.12 -14.27
C PRO B 426 9.63 34.29 -13.11
N ILE B 427 10.17 34.38 -11.90
CA ILE B 427 9.32 34.43 -10.72
C ILE B 427 8.19 35.46 -10.85
N LYS B 428 8.53 36.64 -11.37
CA LYS B 428 7.57 37.73 -11.52
C LYS B 428 6.31 37.33 -12.30
N VAL B 429 6.49 36.66 -13.44
CA VAL B 429 5.38 36.13 -14.22
C VAL B 429 4.57 35.14 -13.43
N ALA B 430 5.26 34.12 -12.91
CA ALA B 430 4.62 33.01 -12.21
C ALA B 430 3.81 33.46 -10.99
N THR B 431 4.35 34.41 -10.22
CA THR B 431 3.66 34.88 -9.03
C THR B 431 2.57 35.89 -9.37
N SER B 432 2.37 36.17 -10.66
CA SER B 432 1.37 37.16 -11.08
C SER B 432 0.05 36.55 -11.47
N VAL B 433 0.09 35.27 -11.83
CA VAL B 433 -1.13 34.58 -12.23
C VAL B 433 -1.22 33.22 -11.52
N ARG B 434 -2.43 32.70 -11.45
CA ARG B 434 -2.66 31.39 -10.80
C ARG B 434 -3.60 30.54 -11.63
N ARG B 435 -3.40 29.23 -11.56
CA ARG B 435 -4.23 28.29 -12.29
C ARG B 435 -5.48 28.02 -11.45
N VAL B 436 -6.60 27.87 -12.13
CA VAL B 436 -7.87 27.70 -11.48
C VAL B 436 -8.77 26.74 -12.29
N LEU B 437 -9.63 25.99 -11.60
CA LEU B 437 -10.59 25.12 -12.31
C LEU B 437 -11.45 25.91 -13.30
N ASP B 438 -11.64 25.36 -14.49
CA ASP B 438 -12.58 25.93 -15.46
C ASP B 438 -13.88 25.16 -15.35
N LEU B 439 -14.96 25.83 -14.93
CA LEU B 439 -16.19 25.09 -14.69
C LEU B 439 -16.79 24.58 -15.99
N ARG B 440 -16.26 25.06 -17.11
CA ARG B 440 -16.73 24.60 -18.42
C ARG B 440 -15.86 23.46 -18.95
N GLY B 441 -14.86 23.06 -18.17
CA GLY B 441 -13.90 22.05 -18.60
C GLY B 441 -14.34 20.62 -18.39
N GLN B 442 -13.65 19.66 -19.01
CA GLN B 442 -13.98 18.22 -18.86
C GLN B 442 -13.92 17.70 -17.45
N LEU B 443 -12.89 18.08 -16.70
CA LEU B 443 -12.79 17.65 -15.32
C LEU B 443 -14.04 18.07 -14.56
N TRP B 444 -14.29 19.37 -14.52
CA TRP B 444 -15.49 19.84 -13.83
C TRP B 444 -16.80 19.31 -14.44
N ARG B 445 -16.84 19.10 -15.75
CA ARG B 445 -18.02 18.46 -16.34
C ARG B 445 -18.21 17.05 -15.81
N GLN B 446 -17.11 16.34 -15.55
CA GLN B 446 -17.23 15.01 -14.94
C GLN B 446 -17.70 15.07 -13.48
N VAL B 447 -17.28 16.06 -12.73
CA VAL B 447 -17.77 16.22 -11.37
C VAL B 447 -19.29 16.46 -11.39
N ARG B 448 -19.75 17.30 -12.33
CA ARG B 448 -21.19 17.55 -12.46
C ARG B 448 -21.98 16.26 -12.81
N GLU B 449 -21.47 15.46 -13.75
CA GLU B 449 -22.04 14.12 -14.05
C GLU B 449 -22.23 13.24 -12.79
N ILE B 450 -21.15 12.95 -12.06
CA ILE B 450 -21.21 11.98 -10.95
C ILE B 450 -21.89 12.49 -9.68
N THR B 451 -21.97 13.81 -9.51
CA THR B 451 -22.59 14.35 -8.32
C THR B 451 -24.12 14.57 -8.45
N VAL B 452 -24.80 14.58 -7.32
CA VAL B 452 -26.17 15.04 -7.27
C VAL B 452 -26.35 16.31 -8.13
N ASP B 453 -27.49 16.44 -8.81
CA ASP B 453 -27.77 17.65 -9.57
C ASP B 453 -29.01 18.39 -9.06
N LEU B 454 -28.93 19.71 -8.93
CA LEU B 454 -30.10 20.52 -8.60
C LEU B 454 -31.11 20.44 -9.73
N GLY B 455 -30.65 20.72 -10.95
CA GLY B 455 -31.53 20.93 -12.10
C GLY B 455 -32.14 19.68 -12.69
N SER B 456 -32.58 18.79 -11.81
CA SER B 456 -33.28 17.59 -12.24
C SER B 456 -34.58 17.47 -11.45
N ASP B 457 -35.68 17.30 -12.16
CA ASP B 457 -36.95 17.02 -11.50
C ASP B 457 -36.70 15.81 -10.60
N VAL B 458 -36.64 16.06 -9.30
CA VAL B 458 -36.40 14.99 -8.33
C VAL B 458 -37.22 13.74 -8.66
N ARG B 459 -38.50 13.96 -8.95
CA ARG B 459 -39.45 12.88 -9.23
C ARG B 459 -39.08 12.05 -10.47
N LEU B 460 -39.26 12.64 -11.66
CA LEU B 460 -38.99 11.94 -12.90
C LEU B 460 -37.56 11.41 -13.01
N ALA B 461 -36.64 12.05 -12.30
CA ALA B 461 -35.26 11.58 -12.29
C ALA B 461 -35.17 10.20 -11.63
N ARG B 462 -35.82 10.06 -10.47
CA ARG B 462 -35.82 8.78 -9.77
C ARG B 462 -36.71 7.79 -10.50
N LYS B 463 -37.76 8.29 -11.13
CA LYS B 463 -38.67 7.43 -11.86
C LYS B 463 -37.91 6.75 -13.00
N LEU B 464 -37.02 7.51 -13.63
CA LEU B 464 -36.23 7.00 -14.73
C LEU B 464 -35.02 6.26 -14.20
N GLU B 465 -34.84 6.32 -12.89
CA GLU B 465 -33.85 5.48 -12.23
C GLU B 465 -34.42 4.07 -12.07
N ILE B 466 -35.34 3.91 -11.11
CA ILE B 466 -35.84 2.57 -10.78
C ILE B 466 -36.34 1.79 -12.01
N ARG B 467 -36.68 2.52 -13.08
CA ARG B 467 -37.08 1.86 -14.32
C ARG B 467 -35.87 1.25 -15.04
N ARG B 468 -34.80 2.04 -15.18
CA ARG B 468 -33.50 1.51 -15.57
C ARG B 468 -33.18 0.26 -14.73
N GLU B 469 -33.59 0.28 -13.46
CA GLU B 469 -33.35 -0.83 -12.55
C GLU B 469 -34.26 -1.99 -12.89
N LEU B 470 -35.57 -1.72 -12.93
CA LEU B 470 -36.56 -2.74 -13.26
C LEU B 470 -36.14 -3.53 -14.52
N GLU B 471 -35.68 -2.80 -15.52
CA GLU B 471 -35.13 -3.41 -16.74
C GLU B 471 -34.04 -4.41 -16.36
N ALA B 472 -32.89 -3.88 -15.98
CA ALA B 472 -31.72 -4.64 -15.52
C ALA B 472 -32.06 -5.94 -14.80
N ILE B 473 -32.90 -5.86 -13.79
CA ILE B 473 -33.18 -7.02 -12.96
C ILE B 473 -33.86 -8.11 -13.78
N ASN B 474 -34.68 -7.68 -14.74
CA ASN B 474 -35.41 -8.61 -15.59
C ASN B 474 -34.49 -9.27 -16.60
N ARG B 475 -33.61 -8.48 -17.20
CA ARG B 475 -32.50 -9.06 -17.96
C ARG B 475 -31.75 -10.09 -17.10
N ASN B 476 -31.44 -9.69 -15.87
CA ASN B 476 -30.85 -10.61 -14.91
C ASN B 476 -31.67 -11.88 -14.74
N ARG B 477 -32.95 -11.73 -14.43
CA ARG B 477 -33.82 -12.86 -14.12
C ARG B 477 -33.90 -13.85 -15.27
N ASP B 478 -33.92 -13.34 -16.48
CA ASP B 478 -34.01 -14.21 -17.64
C ASP B 478 -32.72 -15.01 -17.74
N ARG B 479 -31.62 -14.30 -17.91
CA ARG B 479 -30.28 -14.90 -18.00
C ARG B 479 -30.11 -16.07 -17.04
N LEU B 480 -30.63 -15.93 -15.83
CA LEU B 480 -30.38 -16.95 -14.83
C LEU B 480 -31.38 -18.12 -14.92
N HIS B 481 -32.59 -17.84 -15.40
CA HIS B 481 -33.54 -18.90 -15.76
C HIS B 481 -33.01 -19.73 -16.93
N GLU B 482 -32.54 -19.01 -17.95
CA GLU B 482 -31.83 -19.60 -19.07
C GLU B 482 -30.61 -20.40 -18.60
N GLU B 483 -30.60 -20.71 -17.30
CA GLU B 483 -29.73 -21.72 -16.72
C GLU B 483 -30.56 -22.91 -16.22
N ARG C 8 2.88 -13.34 34.39
CA ARG C 8 3.53 -12.30 33.59
C ARG C 8 2.83 -12.07 32.25
N VAL C 9 2.23 -10.89 32.07
CA VAL C 9 1.52 -10.53 30.84
C VAL C 9 1.67 -9.04 30.46
N THR C 10 1.54 -8.72 29.16
CA THR C 10 1.37 -7.32 28.77
C THR C 10 -0.10 -6.88 28.92
N SER C 11 -0.97 -7.83 29.28
CA SER C 11 -2.36 -7.52 29.59
C SER C 11 -2.66 -7.76 31.07
N LYS C 12 -3.85 -7.35 31.49
CA LYS C 12 -4.29 -7.44 32.87
C LYS C 12 -5.81 -7.42 32.85
N LEU C 13 -6.45 -8.15 33.75
CA LEU C 13 -7.90 -8.12 33.81
C LEU C 13 -8.38 -7.06 34.81
N VAL C 14 -9.63 -6.66 34.67
CA VAL C 14 -10.16 -5.56 35.46
C VAL C 14 -11.67 -5.65 35.45
N LYS C 15 -12.32 -5.19 36.52
CA LYS C 15 -13.76 -5.30 36.57
C LYS C 15 -14.38 -4.36 35.56
N ALA C 16 -15.42 -4.84 34.88
CA ALA C 16 -16.14 -4.04 33.89
C ALA C 16 -17.00 -2.97 34.56
N HIS C 17 -17.09 -1.81 33.91
CA HIS C 17 -17.83 -0.66 34.43
C HIS C 17 -19.28 -1.01 34.79
N ARG C 18 -19.78 -2.10 34.22
CA ARG C 18 -21.18 -2.47 34.44
C ARG C 18 -21.29 -4.00 34.57
N ALA C 19 -20.40 -4.58 35.37
CA ALA C 19 -20.30 -6.04 35.52
C ALA C 19 -21.60 -6.75 35.91
N MET C 20 -21.83 -7.93 35.32
CA MET C 20 -22.97 -8.79 35.69
C MET C 20 -22.62 -9.83 36.75
N LEU C 21 -21.37 -10.30 36.73
CA LEU C 21 -20.85 -11.16 37.79
C LEU C 21 -19.80 -10.40 38.59
N ASN C 22 -19.72 -10.67 39.90
CA ASN C 22 -18.63 -10.13 40.70
C ASN C 22 -17.50 -11.14 40.91
N SER C 23 -17.86 -12.42 40.79
CA SER C 23 -16.87 -13.48 40.76
C SER C 23 -17.19 -14.44 39.62
N VAL C 24 -16.18 -15.14 39.13
CA VAL C 24 -16.38 -16.08 38.04
C VAL C 24 -16.03 -17.49 38.46
N THR C 25 -16.96 -18.41 38.22
CA THR C 25 -16.75 -19.80 38.58
C THR C 25 -16.90 -20.68 37.36
N GLN C 26 -16.52 -21.93 37.48
CA GLN C 26 -16.57 -22.83 36.35
C GLN C 26 -17.96 -22.87 35.74
N GLU C 27 -18.97 -22.78 36.60
CA GLU C 27 -20.36 -22.94 36.15
C GLU C 27 -20.74 -21.74 35.28
N ASP C 28 -20.34 -20.56 35.74
CA ASP C 28 -20.41 -19.34 34.95
C ASP C 28 -19.77 -19.49 33.55
N LEU C 29 -18.72 -20.28 33.46
CA LEU C 29 -18.02 -20.46 32.20
C LEU C 29 -18.71 -21.48 31.29
N LYS C 30 -19.67 -22.22 31.83
CA LYS C 30 -20.33 -23.25 31.03
C LYS C 30 -21.23 -22.58 30.02
N VAL C 31 -21.17 -23.06 28.79
CA VAL C 31 -21.92 -22.46 27.72
C VAL C 31 -23.30 -23.08 27.55
N ASP C 32 -24.30 -22.23 27.53
CA ASP C 32 -25.68 -22.66 27.38
C ASP C 32 -25.88 -23.31 25.99
N ARG C 33 -26.64 -24.40 25.94
CA ARG C 33 -26.95 -25.11 24.69
C ARG C 33 -28.43 -25.40 24.55
N LEU C 34 -29.02 -25.01 23.42
CA LEU C 34 -30.37 -25.43 23.11
C LEU C 34 -30.48 -26.93 23.34
N PRO C 35 -31.55 -27.38 24.01
CA PRO C 35 -31.77 -28.77 24.37
C PRO C 35 -31.70 -29.73 23.18
N GLY C 36 -30.82 -30.72 23.25
CA GLY C 36 -30.83 -31.79 22.27
C GLY C 36 -30.10 -31.54 20.96
N ALA C 37 -29.62 -32.61 20.35
CA ALA C 37 -28.82 -32.53 19.13
C ALA C 37 -29.02 -33.78 18.30
N ASP C 38 -30.07 -33.78 17.49
CA ASP C 38 -30.53 -35.01 16.85
C ASP C 38 -30.10 -35.21 15.39
N TYR C 39 -29.75 -34.11 14.73
CA TYR C 39 -29.34 -34.21 13.34
C TYR C 39 -27.83 -34.42 13.22
N PRO C 40 -27.41 -35.09 12.14
CA PRO C 40 -25.99 -35.29 11.86
C PRO C 40 -25.43 -34.05 11.17
N ASN C 41 -24.13 -33.86 11.27
CA ASN C 41 -23.45 -32.73 10.66
C ASN C 41 -22.96 -33.06 9.25
N PRO C 42 -23.59 -32.47 8.23
CA PRO C 42 -23.15 -32.68 6.85
C PRO C 42 -21.66 -32.41 6.66
N SER C 43 -21.15 -31.42 7.40
CA SER C 43 -19.74 -31.08 7.36
C SER C 43 -18.86 -32.26 7.77
N LYS C 44 -19.25 -32.95 8.84
CA LYS C 44 -18.49 -34.09 9.35
C LYS C 44 -19.05 -35.42 8.85
N LYS C 45 -19.24 -35.52 7.53
CA LYS C 45 -19.68 -36.76 6.91
C LYS C 45 -18.63 -37.85 7.12
N LYS C 55 -18.01 -35.06 22.08
CA LYS C 55 -18.17 -34.33 23.34
C LYS C 55 -17.22 -33.13 23.40
N THR C 56 -17.48 -32.24 24.36
CA THR C 56 -16.76 -30.98 24.47
C THR C 56 -15.32 -31.12 25.02
N ASP C 57 -14.37 -30.49 24.32
CA ASP C 57 -12.99 -30.41 24.77
C ASP C 57 -12.75 -29.05 25.42
N TYR C 58 -11.79 -28.96 26.34
CA TYR C 58 -11.55 -27.72 27.07
C TYR C 58 -10.10 -27.34 27.03
N ILE C 59 -9.81 -26.13 27.49
CA ILE C 59 -8.44 -25.66 27.59
C ILE C 59 -8.32 -24.88 28.89
N MET C 60 -7.15 -24.92 29.51
CA MET C 60 -6.99 -24.25 30.78
C MET C 60 -7.02 -22.75 30.57
N TYR C 61 -7.80 -22.07 31.39
CA TYR C 61 -7.83 -20.62 31.35
C TYR C 61 -6.41 -20.09 31.59
N ASN C 62 -5.65 -20.79 32.43
CA ASN C 62 -4.29 -20.35 32.73
C ASN C 62 -3.25 -21.49 32.73
N PRO C 63 -2.31 -21.46 31.76
CA PRO C 63 -1.38 -22.57 31.53
C PRO C 63 -0.15 -22.50 32.40
N ARG C 64 -0.15 -21.62 33.39
CA ARG C 64 0.98 -21.54 34.33
C ARG C 64 0.79 -22.57 35.43
N PRO C 65 1.87 -23.30 35.80
CA PRO C 65 1.75 -24.41 36.75
C PRO C 65 1.84 -23.94 38.20
N ARG C 66 1.27 -24.71 39.12
CA ARG C 66 1.45 -24.45 40.54
C ARG C 66 2.50 -25.40 41.12
N ASP C 67 2.49 -25.52 42.45
CA ASP C 67 3.48 -26.29 43.25
C ASP C 67 4.83 -25.61 43.26
N GLU C 72 5.74 -35.20 38.30
CA GLU C 72 4.45 -35.59 37.72
C GLU C 72 3.76 -34.39 37.09
N ASN C 73 2.75 -34.64 36.24
CA ASN C 73 2.19 -33.61 35.38
C ASN C 73 1.78 -32.31 36.07
N PRO C 74 2.05 -31.16 35.42
CA PRO C 74 1.79 -29.80 35.90
C PRO C 74 0.30 -29.54 36.16
N VAL C 75 0.04 -28.77 37.21
CA VAL C 75 -1.31 -28.44 37.61
C VAL C 75 -1.53 -26.94 37.50
N SER C 76 -2.60 -26.55 36.85
CA SER C 76 -2.83 -25.14 36.64
C SER C 76 -2.92 -24.38 37.95
N VAL C 77 -2.45 -23.14 37.92
CA VAL C 77 -2.52 -22.25 39.06
C VAL C 77 -3.97 -21.79 39.22
N SER C 78 -4.83 -22.18 38.29
CA SER C 78 -6.24 -21.81 38.31
C SER C 78 -7.14 -23.00 37.99
N PRO C 79 -8.37 -23.02 38.55
CA PRO C 79 -9.30 -24.14 38.37
C PRO C 79 -10.12 -24.00 37.08
N LEU C 80 -9.99 -22.86 36.40
CA LEU C 80 -10.87 -22.52 35.29
C LEU C 80 -10.53 -23.21 33.96
N LEU C 81 -11.56 -23.67 33.27
CA LEU C 81 -11.39 -24.27 31.98
C LEU C 81 -12.30 -23.51 31.04
N CYS C 82 -11.91 -23.39 29.79
CA CYS C 82 -12.75 -22.72 28.81
C CYS C 82 -13.03 -23.71 27.72
N GLU C 83 -14.25 -23.65 27.20
CA GLU C 83 -14.70 -24.60 26.20
C GLU C 83 -14.13 -24.24 24.83
N LEU C 84 -13.56 -25.23 24.15
CA LEU C 84 -12.99 -25.02 22.85
C LEU C 84 -14.05 -25.02 21.78
N ALA C 85 -13.98 -24.07 20.88
CA ALA C 85 -14.92 -24.03 19.76
C ALA C 85 -14.52 -25.05 18.71
N ALA C 86 -15.49 -25.74 18.14
CA ALA C 86 -15.21 -26.72 17.10
C ALA C 86 -16.48 -27.16 16.40
N ALA C 87 -16.31 -27.65 15.17
CA ALA C 87 -17.41 -28.28 14.45
C ALA C 87 -17.83 -29.55 15.19
N ARG C 88 -19.13 -29.80 15.28
CA ARG C 88 -19.63 -30.92 16.08
C ARG C 88 -20.32 -32.03 15.28
N SER C 89 -20.11 -33.28 15.72
CA SER C 89 -20.69 -34.47 15.06
C SER C 89 -22.19 -34.39 14.94
N ARG C 90 -22.84 -34.05 16.05
CA ARG C 90 -24.28 -33.87 16.07
C ARG C 90 -24.59 -32.39 16.24
N ILE C 91 -25.64 -31.94 15.56
CA ILE C 91 -26.07 -30.55 15.67
C ILE C 91 -27.53 -30.45 16.11
N HIS C 92 -27.93 -29.28 16.58
CA HIS C 92 -29.24 -29.09 17.18
C HIS C 92 -30.29 -28.70 16.17
N PHE C 93 -29.93 -27.83 15.23
CA PHE C 93 -30.88 -27.38 14.23
C PHE C 93 -30.87 -28.30 13.00
N ASN C 94 -32.02 -28.42 12.35
CA ASN C 94 -32.08 -29.16 11.10
C ASN C 94 -31.55 -28.29 9.97
N PRO C 95 -30.31 -28.56 9.56
CA PRO C 95 -29.57 -27.80 8.54
C PRO C 95 -30.47 -27.23 7.43
N THR C 96 -31.05 -28.09 6.62
CA THR C 96 -31.76 -27.64 5.42
C THR C 96 -33.05 -26.90 5.72
N GLU C 97 -33.33 -26.67 7.00
CA GLU C 97 -34.51 -25.90 7.37
C GLU C 97 -34.18 -24.73 8.30
N THR C 98 -32.90 -24.55 8.63
CA THR C 98 -32.52 -23.45 9.51
C THR C 98 -32.38 -22.13 8.76
N THR C 99 -32.87 -21.08 9.40
CA THR C 99 -32.73 -19.73 8.88
C THR C 99 -31.77 -18.97 9.76
N ILE C 100 -30.71 -18.42 9.17
CA ILE C 100 -29.71 -17.64 9.92
C ILE C 100 -29.93 -16.14 9.72
N GLY C 101 -29.74 -15.38 10.79
CA GLY C 101 -29.79 -13.94 10.70
C GLY C 101 -28.52 -13.27 11.19
N ILE C 102 -28.21 -12.13 10.61
CA ILE C 102 -27.03 -11.39 11.01
C ILE C 102 -27.34 -9.93 11.24
N VAL C 103 -26.88 -9.41 12.35
CA VAL C 103 -26.97 -7.97 12.58
C VAL C 103 -25.62 -7.39 13.03
N THR C 104 -25.26 -6.19 12.58
CA THR C 104 -24.05 -5.52 13.05
C THR C 104 -24.38 -4.22 13.78
N CYS C 105 -23.87 -4.04 14.99
CA CYS C 105 -24.27 -2.91 15.79
C CYS C 105 -23.05 -2.19 16.32
N GLY C 106 -23.25 -0.97 16.84
CA GLY C 106 -22.15 -0.20 17.38
C GLY C 106 -21.32 0.46 16.31
N GLY C 107 -20.11 0.87 16.66
CA GLY C 107 -19.24 1.52 15.70
C GLY C 107 -18.75 0.56 14.64
N ILE C 108 -18.12 1.07 13.60
CA ILE C 108 -17.57 0.17 12.60
C ILE C 108 -16.09 -0.12 12.83
N CYS C 109 -15.62 -1.19 12.22
CA CYS C 109 -14.34 -1.74 12.55
C CYS C 109 -14.00 -2.68 11.40
N PRO C 110 -12.71 -2.70 11.01
CA PRO C 110 -12.27 -3.51 9.88
C PRO C 110 -12.63 -4.98 10.11
N GLY C 111 -13.27 -5.61 9.13
CA GLY C 111 -13.60 -7.02 9.21
C GLY C 111 -15.09 -7.37 9.35
N LEU C 112 -15.95 -6.38 9.55
CA LEU C 112 -17.39 -6.61 9.60
C LEU C 112 -17.89 -7.37 8.39
N ASN C 113 -17.45 -6.96 7.22
CA ASN C 113 -17.91 -7.61 5.98
C ASN C 113 -17.34 -9.01 5.83
N ASP C 114 -16.15 -9.24 6.36
CA ASP C 114 -15.59 -10.57 6.30
C ASP C 114 -16.37 -11.47 7.24
N VAL C 115 -16.76 -10.93 8.39
CA VAL C 115 -17.62 -11.66 9.30
C VAL C 115 -18.95 -11.98 8.61
N ILE C 116 -19.60 -10.94 8.09
CA ILE C 116 -20.88 -11.09 7.41
C ILE C 116 -20.77 -12.14 6.32
N ARG C 117 -19.74 -12.00 5.49
CA ARG C 117 -19.52 -12.89 4.36
C ARG C 117 -19.29 -14.34 4.78
N SER C 118 -18.47 -14.54 5.80
CA SER C 118 -18.14 -15.88 6.22
C SER C 118 -19.31 -16.56 6.88
N ILE C 119 -20.05 -15.82 7.72
CA ILE C 119 -21.21 -16.42 8.32
C ILE C 119 -22.12 -16.96 7.20
N THR C 120 -22.43 -16.08 6.27
CA THR C 120 -23.29 -16.42 5.15
C THR C 120 -22.81 -17.66 4.39
N LEU C 121 -21.57 -17.62 3.92
CA LEU C 121 -21.05 -18.72 3.12
C LEU C 121 -20.93 -20.03 3.91
N THR C 122 -20.57 -19.95 5.18
CA THR C 122 -20.47 -21.16 5.97
C THR C 122 -21.86 -21.78 6.11
N GLY C 123 -22.85 -20.93 6.35
CA GLY C 123 -24.23 -21.36 6.44
C GLY C 123 -24.65 -21.99 5.12
N ILE C 124 -24.46 -21.25 4.04
CA ILE C 124 -24.89 -21.69 2.72
C ILE C 124 -24.07 -22.85 2.11
N ASN C 125 -22.75 -22.81 2.27
CA ASN C 125 -21.90 -23.83 1.66
C ASN C 125 -21.78 -25.09 2.51
N VAL C 126 -21.54 -24.91 3.80
CA VAL C 126 -21.28 -26.05 4.66
C VAL C 126 -22.55 -26.70 5.16
N TYR C 127 -23.49 -25.89 5.65
CA TYR C 127 -24.70 -26.46 6.23
C TYR C 127 -25.88 -26.46 5.27
N ASN C 128 -25.76 -25.70 4.19
CA ASN C 128 -26.80 -25.66 3.19
C ASN C 128 -28.13 -25.19 3.81
N VAL C 129 -28.03 -24.20 4.69
CA VAL C 129 -29.19 -23.69 5.40
C VAL C 129 -30.25 -23.22 4.44
N LYS C 130 -31.46 -23.08 4.97
CA LYS C 130 -32.60 -22.65 4.16
C LYS C 130 -32.35 -21.25 3.59
N ARG C 131 -32.12 -20.29 4.48
CA ARG C 131 -31.81 -18.94 4.03
C ARG C 131 -30.96 -18.16 5.04
N VAL C 132 -30.29 -17.11 4.55
CA VAL C 132 -29.58 -16.19 5.43
C VAL C 132 -30.22 -14.82 5.31
N ILE C 133 -30.53 -14.23 6.46
CA ILE C 133 -31.09 -12.89 6.48
C ILE C 133 -30.10 -11.89 7.09
N GLY C 134 -29.93 -10.76 6.41
CA GLY C 134 -29.14 -9.66 6.96
C GLY C 134 -30.06 -8.55 7.43
N PHE C 135 -29.86 -8.10 8.67
CA PHE C 135 -30.73 -7.06 9.22
C PHE C 135 -30.01 -5.74 9.10
N ARG C 136 -30.74 -4.70 8.68
CA ARG C 136 -30.13 -3.40 8.40
C ARG C 136 -29.95 -2.55 9.64
N PHE C 137 -28.86 -1.81 9.68
CA PHE C 137 -28.66 -0.73 10.66
C PHE C 137 -28.81 -1.18 12.10
N GLY C 138 -28.03 -2.18 12.49
CA GLY C 138 -28.09 -2.68 13.85
C GLY C 138 -29.46 -3.19 14.28
N TYR C 139 -29.73 -3.06 15.58
CA TYR C 139 -30.93 -3.64 16.14
C TYR C 139 -32.19 -2.98 15.56
N TRP C 140 -32.06 -1.73 15.12
CA TRP C 140 -33.14 -1.05 14.41
C TRP C 140 -33.73 -1.89 13.28
N GLY C 141 -32.91 -2.73 12.65
CA GLY C 141 -33.41 -3.58 11.58
C GLY C 141 -34.25 -4.74 12.09
N LEU C 142 -34.31 -4.90 13.41
CA LEU C 142 -35.12 -5.95 14.00
C LEU C 142 -36.45 -5.41 14.55
N SER C 143 -36.58 -4.09 14.57
CA SER C 143 -37.79 -3.44 15.04
C SER C 143 -38.92 -3.62 14.02
N LYS C 144 -40.15 -3.40 14.46
CA LYS C 144 -41.28 -3.64 13.58
C LYS C 144 -41.06 -2.80 12.35
N LYS C 145 -40.74 -1.53 12.57
CA LYS C 145 -40.48 -0.62 11.46
C LYS C 145 -39.29 -1.11 10.62
N GLY C 146 -38.16 -1.33 11.29
CA GLY C 146 -36.93 -1.70 10.60
C GLY C 146 -37.01 -2.98 9.79
N SER C 147 -37.73 -3.96 10.32
CA SER C 147 -37.79 -5.29 9.71
C SER C 147 -38.20 -5.28 8.22
N GLN C 148 -38.87 -4.23 7.79
CA GLN C 148 -39.32 -4.17 6.41
C GLN C 148 -38.13 -4.10 5.45
N THR C 149 -36.97 -3.70 5.98
CA THR C 149 -35.76 -3.52 5.19
C THR C 149 -34.83 -4.74 5.20
N ALA C 150 -35.23 -5.82 5.87
CA ALA C 150 -34.36 -6.98 5.95
C ALA C 150 -34.12 -7.45 4.53
N ILE C 151 -32.93 -7.97 4.27
CA ILE C 151 -32.60 -8.46 2.95
C ILE C 151 -32.16 -9.91 3.07
N GLU C 152 -32.21 -10.65 1.97
CA GLU C 152 -31.73 -12.01 1.99
C GLU C 152 -30.29 -12.05 1.47
N LEU C 153 -29.41 -12.65 2.26
CA LEU C 153 -28.04 -12.77 1.88
C LEU C 153 -27.81 -14.08 1.16
N HIS C 154 -27.20 -13.99 -0.02
CA HIS C 154 -26.83 -15.18 -0.77
C HIS C 154 -25.43 -15.02 -1.34
N ARG C 155 -24.85 -16.13 -1.79
CA ARG C 155 -23.51 -16.12 -2.32
C ARG C 155 -23.25 -14.87 -3.16
N GLY C 156 -24.13 -14.56 -4.10
CA GLY C 156 -23.90 -13.44 -4.99
C GLY C 156 -23.78 -12.11 -4.27
N ARG C 157 -24.44 -11.99 -3.13
CA ARG C 157 -24.48 -10.74 -2.41
C ARG C 157 -23.20 -10.48 -1.63
N VAL C 158 -22.58 -11.55 -1.11
CA VAL C 158 -21.47 -11.43 -0.17
C VAL C 158 -20.14 -11.81 -0.79
N THR C 159 -20.17 -12.19 -2.06
CA THR C 159 -18.97 -12.63 -2.77
C THR C 159 -17.75 -11.72 -2.60
N ASN C 160 -17.97 -10.41 -2.70
CA ASN C 160 -16.86 -9.48 -2.77
C ASN C 160 -16.84 -8.44 -1.65
N ILE C 161 -17.73 -8.58 -0.68
CA ILE C 161 -17.82 -7.54 0.33
C ILE C 161 -16.59 -7.44 1.23
N HIS C 162 -15.79 -8.51 1.33
CA HIS C 162 -14.58 -8.50 2.15
C HIS C 162 -13.52 -7.49 1.66
N HIS C 163 -13.76 -6.90 0.49
CA HIS C 163 -12.84 -5.91 -0.05
C HIS C 163 -13.15 -4.50 0.46
N TYR C 164 -14.22 -4.38 1.24
CA TYR C 164 -14.70 -3.07 1.64
C TYR C 164 -14.75 -2.92 3.14
N GLY C 165 -14.50 -1.71 3.61
CA GLY C 165 -14.68 -1.38 5.01
C GLY C 165 -16.14 -1.12 5.29
N GLY C 166 -16.45 -0.84 6.54
CA GLY C 166 -17.84 -0.62 6.94
C GLY C 166 -18.60 -1.92 7.05
N THR C 167 -19.92 -1.80 7.03
CA THR C 167 -20.78 -2.98 7.03
C THR C 167 -21.90 -2.78 5.99
N ILE C 168 -22.07 -3.74 5.08
CA ILE C 168 -23.11 -3.58 4.06
C ILE C 168 -24.48 -3.57 4.72
N LEU C 169 -24.59 -4.22 5.85
CA LEU C 169 -25.87 -4.29 6.52
C LEU C 169 -26.15 -2.93 7.09
N GLY C 170 -25.07 -2.23 7.45
CA GLY C 170 -25.19 -0.97 8.16
C GLY C 170 -25.35 -1.20 9.65
N SER C 171 -25.25 -0.15 10.43
CA SER C 171 -25.26 -0.29 11.89
C SER C 171 -25.99 0.89 12.50
N SER C 172 -26.21 0.85 13.81
CA SER C 172 -26.90 1.93 14.50
C SER C 172 -26.65 1.93 15.99
N ARG C 173 -27.09 3.01 16.61
CA ARG C 173 -26.91 3.25 18.02
C ARG C 173 -28.31 3.38 18.62
N GLY C 174 -28.48 3.06 19.89
CA GLY C 174 -29.77 3.20 20.55
C GLY C 174 -30.55 1.91 20.60
N PRO C 175 -31.36 1.73 21.65
CA PRO C 175 -32.03 0.46 21.95
C PRO C 175 -33.25 0.22 21.07
N GLN C 176 -33.70 -1.03 21.02
CA GLN C 176 -35.00 -1.32 20.43
C GLN C 176 -35.78 -2.17 21.42
N ASP C 177 -37.07 -2.32 21.17
CA ASP C 177 -37.94 -3.12 22.02
C ASP C 177 -37.71 -4.62 21.78
N PRO C 178 -37.19 -5.33 22.79
CA PRO C 178 -36.89 -6.76 22.65
C PRO C 178 -38.10 -7.56 22.19
N LYS C 179 -39.31 -7.08 22.51
CA LYS C 179 -40.50 -7.80 22.11
C LYS C 179 -40.72 -7.63 20.62
N GLU C 180 -40.43 -6.42 20.12
CA GLU C 180 -40.50 -6.17 18.68
C GLU C 180 -39.49 -7.02 17.97
N MET C 181 -38.27 -7.02 18.50
CA MET C 181 -37.16 -7.73 17.86
C MET C 181 -37.38 -9.24 17.75
N VAL C 182 -37.95 -9.82 18.80
CA VAL C 182 -38.27 -11.24 18.77
C VAL C 182 -39.49 -11.51 17.90
N ASP C 183 -40.43 -10.58 17.90
CA ASP C 183 -41.54 -10.66 16.98
C ASP C 183 -40.95 -10.87 15.58
N THR C 184 -39.99 -10.02 15.23
CA THR C 184 -39.37 -10.10 13.92
C THR C 184 -38.67 -11.44 13.68
N LEU C 185 -37.91 -11.88 14.66
CA LEU C 185 -37.23 -13.17 14.54
C LEU C 185 -38.21 -14.30 14.28
N GLU C 186 -39.36 -14.25 14.96
CA GLU C 186 -40.41 -15.25 14.81
C GLU C 186 -41.09 -15.20 13.45
N ARG C 187 -41.54 -14.00 13.09
CA ARG C 187 -42.19 -13.80 11.80
C ARG C 187 -41.32 -14.25 10.62
N LEU C 188 -40.01 -14.06 10.73
CA LEU C 188 -39.10 -14.41 9.63
C LEU C 188 -38.54 -15.83 9.72
N GLY C 189 -38.79 -16.52 10.83
CA GLY C 189 -38.34 -17.89 10.95
C GLY C 189 -36.88 -18.05 11.34
N VAL C 190 -36.34 -17.07 12.05
CA VAL C 190 -34.92 -17.10 12.36
C VAL C 190 -34.65 -18.13 13.46
N ASN C 191 -33.67 -18.99 13.23
CA ASN C 191 -33.22 -19.97 14.22
C ASN C 191 -31.91 -19.57 14.90
N ILE C 192 -31.09 -18.81 14.19
CA ILE C 192 -29.89 -18.27 14.77
C ILE C 192 -29.75 -16.80 14.37
N LEU C 193 -29.61 -15.95 15.40
CA LEU C 193 -29.23 -14.55 15.21
C LEU C 193 -27.75 -14.44 15.59
N PHE C 194 -26.93 -14.05 14.63
CA PHE C 194 -25.56 -13.68 14.96
C PHE C 194 -25.45 -12.16 15.23
N THR C 195 -25.06 -11.82 16.45
CA THR C 195 -24.95 -10.43 16.81
C THR C 195 -23.49 -10.03 16.78
N VAL C 196 -23.16 -9.15 15.84
CA VAL C 196 -21.81 -8.68 15.65
C VAL C 196 -21.65 -7.28 16.20
N GLY C 197 -20.82 -7.13 17.23
CA GLY C 197 -20.67 -5.83 17.86
C GLY C 197 -20.01 -5.94 19.21
N GLY C 198 -20.08 -4.86 19.99
CA GLY C 198 -19.39 -4.79 21.25
C GLY C 198 -20.16 -5.24 22.47
N ASP C 199 -19.71 -4.70 23.60
CA ASP C 199 -20.29 -4.93 24.91
C ASP C 199 -21.81 -4.66 24.87
N GLY C 200 -22.17 -3.50 24.35
CA GLY C 200 -23.57 -3.13 24.24
C GLY C 200 -24.33 -4.18 23.47
N THR C 201 -23.83 -4.47 22.29
CA THR C 201 -24.47 -5.44 21.42
C THR C 201 -24.75 -6.75 22.12
N GLN C 202 -23.73 -7.29 22.78
CA GLN C 202 -23.86 -8.59 23.43
C GLN C 202 -24.81 -8.57 24.64
N ARG C 203 -24.80 -7.47 25.38
CA ARG C 203 -25.83 -7.25 26.39
C ARG C 203 -27.23 -7.28 25.78
N GLY C 204 -27.40 -6.58 24.66
CA GLY C 204 -28.65 -6.67 23.92
C GLY C 204 -29.00 -8.10 23.50
N ALA C 205 -27.98 -8.87 23.13
CA ALA C 205 -28.19 -10.25 22.69
C ALA C 205 -28.82 -11.07 23.82
N LEU C 206 -28.27 -10.95 25.03
CA LEU C 206 -28.86 -11.62 26.21
C LEU C 206 -30.33 -11.26 26.38
N VAL C 207 -30.62 -9.98 26.29
CA VAL C 207 -32.02 -9.58 26.38
C VAL C 207 -32.84 -10.32 25.34
N ILE C 208 -32.39 -10.27 24.08
CA ILE C 208 -33.12 -10.91 23.01
C ILE C 208 -33.30 -12.38 23.30
N SER C 209 -32.19 -13.01 23.70
CA SER C 209 -32.19 -14.44 24.03
C SER C 209 -33.20 -14.76 25.12
N GLN C 210 -33.25 -13.91 26.14
CA GLN C 210 -34.15 -14.10 27.27
C GLN C 210 -35.62 -14.02 26.86
N GLU C 211 -35.98 -12.96 26.15
CA GLU C 211 -37.32 -12.81 25.63
C GLU C 211 -37.73 -14.01 24.73
N ALA C 212 -36.79 -14.55 23.97
CA ALA C 212 -37.11 -15.68 23.10
C ALA C 212 -37.39 -16.95 23.93
N LYS C 213 -36.74 -17.05 25.08
CA LYS C 213 -37.00 -18.15 26.00
C LYS C 213 -38.38 -18.02 26.63
N ARG C 214 -38.67 -16.83 27.15
CA ARG C 214 -40.00 -16.56 27.68
C ARG C 214 -41.10 -17.07 26.72
N ARG C 215 -40.79 -17.09 25.43
CA ARG C 215 -41.77 -17.50 24.44
C ARG C 215 -41.64 -18.97 24.05
N GLY C 216 -40.62 -19.64 24.58
CA GLY C 216 -40.30 -21.00 24.14
C GLY C 216 -39.93 -21.06 22.66
N VAL C 217 -39.17 -20.06 22.20
CA VAL C 217 -38.75 -20.07 20.81
C VAL C 217 -37.40 -20.77 20.68
N ASP C 218 -37.29 -21.58 19.64
CA ASP C 218 -36.08 -22.35 19.34
C ASP C 218 -35.07 -21.45 18.62
N ILE C 219 -34.37 -20.63 19.40
CA ILE C 219 -33.50 -19.62 18.84
C ILE C 219 -32.16 -19.52 19.56
N SER C 220 -31.10 -19.61 18.78
CA SER C 220 -29.77 -19.39 19.31
C SER C 220 -29.42 -17.93 19.10
N VAL C 221 -28.86 -17.30 20.12
CA VAL C 221 -28.30 -15.98 19.93
C VAL C 221 -26.82 -16.04 20.22
N PHE C 222 -26.02 -15.88 19.18
CA PHE C 222 -24.57 -16.09 19.24
C PHE C 222 -23.85 -14.79 18.90
N GLY C 223 -22.88 -14.41 19.73
CA GLY C 223 -22.16 -13.16 19.52
C GLY C 223 -20.78 -13.27 18.87
N VAL C 224 -20.55 -12.48 17.84
CA VAL C 224 -19.20 -12.32 17.33
C VAL C 224 -18.68 -10.97 17.82
N PRO C 225 -17.71 -11.02 18.74
CA PRO C 225 -17.22 -9.82 19.44
C PRO C 225 -16.55 -8.80 18.52
N LYS C 226 -16.94 -7.54 18.65
CA LYS C 226 -16.37 -6.46 17.85
C LYS C 226 -15.80 -5.37 18.72
N THR C 227 -14.49 -5.34 18.84
CA THR C 227 -13.82 -4.27 19.58
C THR C 227 -12.47 -4.00 18.95
N ILE C 228 -12.35 -2.87 18.28
CA ILE C 228 -11.12 -2.56 17.59
C ILE C 228 -10.01 -2.37 18.59
N ASP C 229 -10.36 -2.17 19.86
CA ASP C 229 -9.41 -1.91 20.94
C ASP C 229 -8.67 -3.13 21.46
N ASN C 230 -9.17 -4.33 21.19
CA ASN C 230 -8.57 -5.55 21.71
C ASN C 230 -8.62 -5.60 23.24
N ASP C 231 -9.70 -5.07 23.80
CA ASP C 231 -9.86 -5.00 25.26
C ASP C 231 -10.89 -6.01 25.79
N LEU C 232 -11.26 -6.97 24.96
CA LEU C 232 -12.15 -8.05 25.37
C LEU C 232 -11.46 -9.01 26.34
N SER C 233 -12.15 -9.36 27.41
CA SER C 233 -11.62 -10.34 28.35
C SER C 233 -11.68 -11.74 27.73
N PHE C 234 -10.90 -12.67 28.27
CA PHE C 234 -10.85 -14.03 27.76
C PHE C 234 -10.52 -14.04 26.29
N SER C 235 -9.69 -13.08 25.88
CA SER C 235 -9.35 -12.92 24.49
C SER C 235 -7.99 -12.26 24.37
N HIS C 236 -7.18 -12.74 23.44
CA HIS C 236 -5.88 -12.12 23.18
C HIS C 236 -5.87 -11.34 21.88
N ARG C 237 -6.93 -11.49 21.09
CA ARG C 237 -7.01 -10.87 19.78
C ARG C 237 -8.43 -10.78 19.31
N THR C 238 -8.91 -9.58 18.98
CA THR C 238 -10.21 -9.45 18.35
C THR C 238 -10.04 -8.95 16.91
N PHE C 239 -10.95 -9.33 16.01
CA PHE C 239 -10.81 -8.92 14.61
C PHE C 239 -10.76 -7.39 14.44
N GLY C 240 -10.03 -6.95 13.42
CA GLY C 240 -9.81 -5.53 13.16
C GLY C 240 -8.58 -4.94 13.82
N PHE C 241 -8.21 -5.47 14.98
CA PHE C 241 -7.14 -4.90 15.79
C PHE C 241 -5.81 -4.77 15.03
N GLN C 242 -5.34 -5.86 14.45
CA GLN C 242 -4.08 -5.78 13.72
C GLN C 242 -4.11 -4.75 12.58
N THR C 243 -5.24 -4.67 11.90
CA THR C 243 -5.42 -3.67 10.85
C THR C 243 -5.33 -2.23 11.40
N ALA C 244 -5.96 -2.03 12.56
CA ALA C 244 -5.91 -0.75 13.20
C ALA C 244 -4.45 -0.34 13.45
N VAL C 245 -3.66 -1.28 13.97
CA VAL C 245 -2.25 -1.02 14.23
C VAL C 245 -1.47 -0.63 12.97
N GLU C 246 -1.73 -1.30 11.85
CA GLU C 246 -1.05 -0.96 10.60
C GLU C 246 -1.33 0.48 10.28
N LYS C 247 -2.62 0.81 10.31
CA LYS C 247 -3.07 2.15 9.96
C LYS C 247 -2.58 3.23 10.92
N ALA C 248 -2.72 3.00 12.21
CA ALA C 248 -2.15 3.88 13.23
C ALA C 248 -0.69 4.20 12.95
N VAL C 249 0.10 3.18 12.62
CA VAL C 249 1.51 3.40 12.37
C VAL C 249 1.71 4.36 11.21
N GLN C 250 0.82 4.26 10.23
CA GLN C 250 0.90 5.10 9.04
C GLN C 250 0.59 6.54 9.45
N ALA C 251 -0.38 6.69 10.34
CA ALA C 251 -0.69 7.98 10.90
C ALA C 251 0.52 8.52 11.66
N ILE C 252 1.16 7.68 12.46
CA ILE C 252 2.33 8.09 13.21
C ILE C 252 3.48 8.58 12.33
N ARG C 253 3.72 7.92 11.20
CA ARG C 253 4.78 8.36 10.31
C ARG C 253 4.48 9.76 9.80
N ALA C 254 3.21 10.05 9.55
CA ALA C 254 2.85 11.39 9.07
C ALA C 254 3.18 12.42 10.16
N ALA C 255 2.67 12.20 11.36
CA ALA C 255 2.98 13.06 12.47
C ALA C 255 4.49 13.26 12.64
N TYR C 256 5.26 12.21 12.41
CA TYR C 256 6.69 12.26 12.55
C TYR C 256 7.30 13.11 11.46
N ALA C 257 6.78 12.97 10.25
CA ALA C 257 7.20 13.80 9.14
C ALA C 257 6.93 15.28 9.47
N GLU C 258 5.77 15.57 9.99
CA GLU C 258 5.45 16.93 10.32
C GLU C 258 6.35 17.50 11.42
N ALA C 259 6.63 16.69 12.43
CA ALA C 259 7.47 17.16 13.54
C ALA C 259 8.92 17.47 13.13
N VAL C 260 9.50 16.56 12.37
CA VAL C 260 10.84 16.67 11.87
C VAL C 260 11.02 17.90 10.96
N SER C 261 9.93 18.36 10.38
CA SER C 261 9.98 19.44 9.38
C SER C 261 9.92 20.81 10.05
N ALA C 262 9.86 20.82 11.36
CA ALA C 262 9.67 22.07 12.06
C ALA C 262 10.58 22.13 13.27
N ASN C 263 11.24 23.27 13.46
CA ASN C 263 12.01 23.49 14.66
C ASN C 263 11.07 23.47 15.84
N TYR C 264 11.36 22.61 16.83
CA TYR C 264 10.46 22.36 17.96
C TYR C 264 9.08 22.06 17.44
N GLY C 265 9.02 21.00 16.63
CA GLY C 265 7.81 20.52 16.02
C GLY C 265 7.23 19.41 16.86
N VAL C 266 5.93 19.47 17.10
CA VAL C 266 5.23 18.42 17.83
C VAL C 266 4.14 17.80 16.96
N GLY C 267 4.21 16.48 16.78
CA GLY C 267 3.13 15.77 16.15
C GLY C 267 2.32 15.00 17.17
N VAL C 268 1.07 15.40 17.34
CA VAL C 268 0.13 14.74 18.22
C VAL C 268 -0.88 13.93 17.40
N VAL C 269 -0.94 12.63 17.66
CA VAL C 269 -1.87 11.77 16.96
C VAL C 269 -2.66 10.96 17.96
N LYS C 270 -3.98 10.99 17.79
CA LYS C 270 -4.88 10.34 18.72
C LYS C 270 -5.24 8.97 18.16
N LEU C 271 -5.21 7.95 19.02
CA LEU C 271 -5.57 6.62 18.58
C LEU C 271 -6.74 6.07 19.39
N MET C 272 -7.17 4.87 19.06
CA MET C 272 -8.52 4.49 19.40
C MET C 272 -8.82 4.24 20.87
N GLY C 273 -7.84 3.91 21.67
CA GLY C 273 -8.13 3.30 22.98
C GLY C 273 -9.07 3.96 24.00
N ARG C 274 -10.33 3.53 24.02
CA ARG C 274 -11.32 4.11 24.95
C ARG C 274 -11.10 3.78 26.43
N ASP C 275 -10.83 2.52 26.74
CA ASP C 275 -10.62 2.11 28.12
C ASP C 275 -9.28 1.45 28.30
N SER C 276 -8.53 1.33 27.22
CA SER C 276 -7.26 0.62 27.25
C SER C 276 -6.38 1.18 26.16
N GLY C 277 -5.08 0.90 26.22
CA GLY C 277 -4.12 1.50 25.32
C GLY C 277 -3.35 0.56 24.41
N PHE C 278 -3.94 -0.59 24.08
CA PHE C 278 -3.25 -1.59 23.28
C PHE C 278 -2.83 -1.09 21.91
N ILE C 279 -3.75 -0.47 21.21
CA ILE C 279 -3.46 0.10 19.91
C ILE C 279 -2.38 1.18 20.07
N ALA C 280 -2.61 2.11 21.00
CA ALA C 280 -1.65 3.18 21.20
C ALA C 280 -0.28 2.57 21.43
N ALA C 281 -0.22 1.62 22.36
CA ALA C 281 1.04 1.03 22.73
C ALA C 281 1.71 0.25 21.59
N GLN C 282 0.96 -0.65 20.96
CA GLN C 282 1.52 -1.43 19.87
C GLN C 282 2.05 -0.54 18.75
N ALA C 283 1.23 0.43 18.35
CA ALA C 283 1.62 1.40 17.33
C ALA C 283 2.84 2.22 17.75
N ALA C 284 2.92 2.60 19.02
CA ALA C 284 4.11 3.31 19.47
C ALA C 284 5.38 2.50 19.21
N VAL C 285 5.36 1.23 19.58
CA VAL C 285 6.54 0.39 19.45
C VAL C 285 6.79 0.00 18.00
N ALA C 286 5.74 -0.47 17.31
CA ALA C 286 5.85 -0.84 15.90
C ALA C 286 6.46 0.27 15.04
N SER C 287 6.07 1.51 15.27
CA SER C 287 6.57 2.64 14.49
C SER C 287 7.99 3.06 14.83
N ALA C 288 8.44 2.79 16.06
CA ALA C 288 9.74 3.26 16.52
C ALA C 288 9.80 4.80 16.55
N GLN C 289 8.68 5.46 16.42
CA GLN C 289 8.70 6.91 16.24
C GLN C 289 8.08 7.74 17.36
N ALA C 290 7.36 7.10 18.26
CA ALA C 290 6.72 7.81 19.33
C ALA C 290 7.73 8.26 20.40
N ASN C 291 7.61 9.52 20.85
CA ASN C 291 8.40 10.04 21.96
C ASN C 291 7.61 10.06 23.28
N ILE C 292 6.32 10.26 23.15
CA ILE C 292 5.44 10.22 24.29
C ILE C 292 4.19 9.37 23.92
N CYS C 293 3.84 8.45 24.82
CA CYS C 293 2.70 7.59 24.59
C CYS C 293 1.69 7.61 25.75
N LEU C 294 0.55 8.24 25.49
CA LEU C 294 -0.46 8.52 26.52
C LEU C 294 -1.63 7.53 26.48
N VAL C 295 -1.74 6.70 27.52
CA VAL C 295 -2.77 5.69 27.58
C VAL C 295 -3.65 5.84 28.83
N PRO C 296 -4.86 5.26 28.81
CA PRO C 296 -5.79 5.39 29.95
C PRO C 296 -5.31 4.68 31.21
N GLU C 297 -4.52 3.62 31.03
CA GLU C 297 -3.98 2.86 32.13
C GLU C 297 -3.05 3.72 32.98
N ASN C 298 -2.52 4.79 32.37
CA ASN C 298 -1.48 5.55 33.03
C ASN C 298 -1.78 7.03 32.99
N PRO C 299 -2.78 7.46 33.74
CA PRO C 299 -3.23 8.86 33.78
C PRO C 299 -2.16 9.77 34.39
N ILE C 300 -1.69 10.73 33.60
CA ILE C 300 -0.78 11.71 34.13
C ILE C 300 -1.28 13.11 33.84
N SER C 301 -0.70 14.09 34.52
CA SER C 301 -1.19 15.44 34.53
C SER C 301 -0.62 16.22 33.38
N GLU C 302 -1.28 17.33 33.06
CA GLU C 302 -0.82 18.20 32.00
C GLU C 302 0.64 18.58 32.29
N GLN C 303 0.94 18.84 33.57
CA GLN C 303 2.28 19.25 33.96
C GLN C 303 3.33 18.18 33.64
N GLU C 304 2.97 16.91 33.81
CA GLU C 304 3.93 15.82 33.58
C GLU C 304 4.22 15.70 32.10
N VAL C 305 3.15 15.66 31.30
CA VAL C 305 3.28 15.70 29.85
C VAL C 305 4.14 16.88 29.41
N MET C 306 3.81 18.09 29.84
CA MET C 306 4.65 19.22 29.43
C MET C 306 6.08 18.97 29.83
N SER C 307 6.26 18.29 30.95
CA SER C 307 7.60 18.04 31.47
C SER C 307 8.36 17.04 30.62
N LEU C 308 7.69 15.96 30.24
CA LEU C 308 8.25 15.04 29.27
C LEU C 308 8.64 15.74 27.95
N LEU C 309 7.79 16.64 27.49
CA LEU C 309 8.04 17.39 26.27
C LEU C 309 9.31 18.20 26.40
N GLU C 310 9.44 18.91 27.52
CA GLU C 310 10.63 19.71 27.80
C GLU C 310 11.91 18.87 27.71
N ARG C 311 11.88 17.70 28.33
CA ARG C 311 13.02 16.80 28.30
C ARG C 311 13.35 16.34 26.90
N ARG C 312 12.31 16.08 26.12
CA ARG C 312 12.49 15.71 24.73
C ARG C 312 13.15 16.84 23.97
N PHE C 313 12.64 18.06 24.17
CA PHE C 313 13.16 19.26 23.52
C PHE C 313 14.53 19.73 24.06
N CYS C 314 15.11 18.98 24.99
CA CYS C 314 16.46 19.26 25.45
C CYS C 314 17.51 18.71 24.50
N HIS C 315 17.17 17.61 23.83
CA HIS C 315 18.12 16.92 22.96
C HIS C 315 17.59 16.68 21.54
N SER C 316 16.38 17.18 21.27
CA SER C 316 15.79 17.01 19.96
C SER C 316 14.94 18.22 19.55
N ARG C 317 14.83 18.42 18.24
CA ARG C 317 13.98 19.48 17.71
C ARG C 317 12.60 18.96 17.34
N SER C 318 12.31 17.70 17.68
CA SER C 318 11.04 17.07 17.32
C SER C 318 10.46 16.18 18.42
N CYS C 319 9.13 16.14 18.45
CA CYS C 319 8.39 15.28 19.37
C CYS C 319 7.06 14.75 18.82
N VAL C 320 6.92 13.44 18.86
CA VAL C 320 5.67 12.79 18.48
C VAL C 320 4.97 12.29 19.73
N ILE C 321 3.72 12.68 19.88
CA ILE C 321 2.94 12.31 21.05
C ILE C 321 1.75 11.49 20.59
N ILE C 322 1.69 10.23 21.02
CA ILE C 322 0.53 9.38 20.78
C ILE C 322 -0.39 9.53 21.98
N VAL C 323 -1.68 9.75 21.73
CA VAL C 323 -2.60 9.79 22.84
C VAL C 323 -3.82 8.95 22.55
N ALA C 324 -4.15 8.05 23.47
CA ALA C 324 -5.36 7.26 23.34
C ALA C 324 -6.55 8.12 23.74
N GLU C 325 -7.70 7.86 23.11
CA GLU C 325 -8.84 8.77 23.29
C GLU C 325 -9.39 8.77 24.70
N GLY C 326 -9.09 7.73 25.45
CA GLY C 326 -9.57 7.66 26.81
C GLY C 326 -8.60 8.25 27.81
N PHE C 327 -7.48 8.77 27.33
CA PHE C 327 -6.55 9.44 28.23
C PHE C 327 -7.12 10.79 28.62
N GLY C 328 -6.64 11.32 29.74
CA GLY C 328 -6.93 12.68 30.13
C GLY C 328 -8.39 13.05 30.16
N GLN C 329 -9.27 12.10 30.46
CA GLN C 329 -10.68 12.43 30.60
C GLN C 329 -10.93 13.20 31.90
N ASP C 330 -9.96 13.10 32.80
CA ASP C 330 -9.95 13.85 34.05
C ASP C 330 -9.33 15.25 33.88
N TRP C 331 -9.10 15.67 32.64
CA TRP C 331 -8.46 16.96 32.40
C TRP C 331 -9.49 18.08 32.23
N GLY C 332 -10.78 17.74 32.27
CA GLY C 332 -11.80 18.74 32.06
C GLY C 332 -13.18 18.22 32.35
N ARG C 333 -14.19 19.03 32.02
CA ARG C 333 -15.61 18.71 32.24
C ARG C 333 -15.98 17.32 31.73
N TYR C 338 -23.95 11.78 26.78
CA TYR C 338 -24.17 10.39 26.37
C TYR C 338 -24.62 10.26 24.93
N ASP C 339 -24.40 9.08 24.34
CA ASP C 339 -24.84 8.80 22.99
C ASP C 339 -26.17 8.05 23.02
N ALA C 340 -26.72 7.74 21.85
CA ALA C 340 -28.05 7.15 21.79
C ALA C 340 -28.11 5.79 22.50
N SER C 341 -26.95 5.17 22.70
CA SER C 341 -26.92 3.84 23.30
C SER C 341 -26.73 3.89 24.80
N GLY C 342 -26.38 5.08 25.31
CA GLY C 342 -26.17 5.29 26.72
C GLY C 342 -24.71 5.32 27.10
N ASN C 343 -23.85 5.27 26.08
CA ASN C 343 -22.42 5.32 26.29
C ASN C 343 -22.02 6.73 26.68
N LYS C 344 -21.10 6.83 27.64
CA LYS C 344 -20.57 8.13 28.04
C LYS C 344 -19.71 8.70 26.94
N LYS C 345 -20.08 9.87 26.44
CA LYS C 345 -19.24 10.57 25.48
C LYS C 345 -17.95 11.06 26.14
N LEU C 346 -16.83 10.90 25.44
CA LEU C 346 -15.53 11.35 25.91
C LEU C 346 -15.30 12.81 25.54
N ILE C 347 -14.53 13.53 26.32
CA ILE C 347 -14.04 14.80 25.85
C ILE C 347 -12.86 14.55 24.90
N ASP C 348 -12.79 15.29 23.79
CA ASP C 348 -11.72 15.09 22.82
C ASP C 348 -10.38 15.48 23.38
N ILE C 349 -9.63 14.48 23.81
CA ILE C 349 -8.35 14.75 24.45
C ILE C 349 -7.31 15.12 23.41
N GLY C 350 -7.51 14.65 22.18
CA GLY C 350 -6.65 15.03 21.08
C GLY C 350 -6.67 16.53 20.94
N VAL C 351 -7.87 17.11 20.88
CA VAL C 351 -8.01 18.54 20.71
C VAL C 351 -7.50 19.29 21.95
N ILE C 352 -7.86 18.80 23.12
CA ILE C 352 -7.50 19.50 24.36
C ILE C 352 -5.97 19.48 24.58
N LEU C 353 -5.38 18.31 24.39
CA LEU C 353 -3.96 18.15 24.58
C LEU C 353 -3.22 19.04 23.63
N THR C 354 -3.69 19.09 22.38
CA THR C 354 -3.04 19.90 21.38
C THR C 354 -3.01 21.34 21.83
N GLU C 355 -4.14 21.79 22.36
CA GLU C 355 -4.26 23.16 22.80
C GLU C 355 -3.35 23.44 23.97
N LYS C 356 -3.38 22.56 24.96
CA LYS C 356 -2.49 22.72 26.11
C LYS C 356 -1.01 22.78 25.66
N VAL C 357 -0.65 22.03 24.64
CA VAL C 357 0.74 22.00 24.21
C VAL C 357 1.06 23.31 23.51
N LYS C 358 0.10 23.81 22.72
CA LYS C 358 0.22 25.11 22.08
C LYS C 358 0.39 26.20 23.15
N ALA C 359 -0.53 26.23 24.11
CA ALA C 359 -0.39 27.11 25.27
C ALA C 359 1.02 27.08 25.89
N PHE C 360 1.51 25.89 26.18
CA PHE C 360 2.82 25.69 26.79
C PHE C 360 3.98 26.25 25.97
N LEU C 361 3.99 25.98 24.67
CA LEU C 361 5.08 26.43 23.83
C LEU C 361 5.00 27.94 23.60
N LYS C 362 3.79 28.48 23.64
CA LYS C 362 3.58 29.91 23.46
C LYS C 362 4.14 30.61 24.70
N ALA C 363 3.75 30.12 25.86
CA ALA C 363 4.20 30.69 27.12
C ALA C 363 5.69 30.50 27.36
N ASN C 364 6.37 29.88 26.42
CA ASN C 364 7.80 29.68 26.54
C ASN C 364 8.52 30.04 25.24
N LYS C 365 7.98 31.04 24.53
CA LYS C 365 8.57 31.51 23.27
C LYS C 365 10.07 31.75 23.40
N SER C 366 10.48 32.14 24.60
CA SER C 366 11.90 32.31 24.90
C SER C 366 12.69 31.06 24.53
N ARG C 367 12.49 29.99 25.28
CA ARG C 367 13.26 28.75 25.16
C ARG C 367 13.10 28.09 23.80
N TYR C 368 11.88 28.16 23.28
CA TYR C 368 11.58 27.63 21.97
C TYR C 368 11.20 28.81 21.08
N PRO C 369 12.19 29.36 20.34
CA PRO C 369 12.01 30.49 19.43
C PRO C 369 10.84 30.22 18.50
N ASP C 370 11.09 29.34 17.53
CA ASP C 370 10.06 28.86 16.64
C ASP C 370 9.44 27.63 17.32
N SER C 371 8.32 27.14 16.81
CA SER C 371 7.72 25.89 17.30
C SER C 371 6.32 25.67 16.73
N THR C 372 5.99 24.42 16.41
CA THR C 372 4.74 24.12 15.71
C THR C 372 4.07 22.89 16.30
N VAL C 373 2.75 22.94 16.41
CA VAL C 373 1.97 21.76 16.79
C VAL C 373 1.01 21.36 15.68
N LYS C 374 1.15 20.13 15.18
CA LYS C 374 0.21 19.60 14.20
C LYS C 374 -0.51 18.42 14.83
N TYR C 375 -1.83 18.39 14.68
CA TYR C 375 -2.61 17.33 15.28
C TYR C 375 -3.22 16.42 14.21
N ILE C 376 -3.10 15.12 14.37
CA ILE C 376 -3.72 14.20 13.45
C ILE C 376 -4.72 13.34 14.18
N ASP C 377 -5.95 13.29 13.65
CA ASP C 377 -6.99 12.38 14.16
C ASP C 377 -7.41 11.40 13.07
N PRO C 378 -6.68 10.29 12.96
CA PRO C 378 -6.92 9.36 11.86
C PRO C 378 -8.06 8.42 12.17
N SER C 379 -8.96 8.80 13.08
CA SER C 379 -9.93 7.85 13.63
C SER C 379 -10.76 7.08 12.60
N TYR C 380 -11.54 7.78 11.79
CA TYR C 380 -12.41 7.12 10.83
C TYR C 380 -11.62 6.36 9.75
N MET C 381 -10.42 6.83 9.42
CA MET C 381 -9.61 6.14 8.44
C MET C 381 -9.15 4.81 8.94
N ILE C 382 -9.00 4.70 10.24
CA ILE C 382 -8.62 3.44 10.85
C ILE C 382 -9.83 2.51 10.86
N ARG C 383 -10.96 3.01 11.32
CA ARG C 383 -12.10 2.14 11.58
C ARG C 383 -12.83 1.71 10.31
N ALA C 384 -12.76 2.56 9.29
CA ALA C 384 -13.56 2.39 8.06
C ALA C 384 -12.75 1.87 6.90
N CYS C 385 -11.67 1.18 7.19
CA CYS C 385 -10.80 0.76 6.14
C CYS C 385 -10.83 -0.74 6.14
N PRO C 386 -10.54 -1.33 4.98
CA PRO C 386 -10.64 -2.78 4.80
C PRO C 386 -9.56 -3.49 5.61
N PRO C 387 -9.82 -4.75 5.97
CA PRO C 387 -8.93 -5.61 6.74
C PRO C 387 -7.62 -5.98 6.01
N SER C 388 -6.53 -6.04 6.77
CA SER C 388 -5.34 -6.76 6.37
C SER C 388 -5.74 -8.20 5.98
N ALA C 389 -4.86 -8.87 5.23
CA ALA C 389 -5.09 -10.26 4.87
C ALA C 389 -5.21 -11.15 6.09
N ASN C 390 -4.38 -10.89 7.09
CA ASN C 390 -4.43 -11.66 8.31
C ASN C 390 -5.70 -11.45 9.10
N ASP C 391 -6.20 -10.21 9.12
CA ASP C 391 -7.46 -9.98 9.82
C ASP C 391 -8.57 -10.73 9.07
N ALA C 392 -8.47 -10.77 7.76
CA ALA C 392 -9.53 -11.40 7.00
C ALA C 392 -9.60 -12.88 7.36
N LEU C 393 -8.45 -13.53 7.35
CA LEU C 393 -8.40 -14.93 7.72
C LEU C 393 -9.00 -15.11 9.10
N PHE C 394 -8.69 -14.17 9.99
CA PHE C 394 -9.12 -14.27 11.37
C PHE C 394 -10.63 -14.19 11.42
N CYS C 395 -11.19 -13.20 10.72
CA CYS C 395 -12.63 -12.98 10.65
C CYS C 395 -13.38 -14.20 10.16
N ALA C 396 -12.86 -14.78 9.10
CA ALA C 396 -13.45 -15.97 8.48
C ALA C 396 -13.44 -17.17 9.40
N THR C 397 -12.33 -17.37 10.11
CA THR C 397 -12.24 -18.45 11.08
C THR C 397 -13.27 -18.29 12.20
N LEU C 398 -13.30 -17.10 12.83
CA LEU C 398 -14.25 -16.81 13.90
C LEU C 398 -15.66 -17.07 13.42
N ALA C 399 -15.99 -16.51 12.26
CA ALA C 399 -17.32 -16.62 11.72
C ALA C 399 -17.70 -18.08 11.42
N THR C 400 -16.74 -18.82 10.89
CA THR C 400 -16.95 -20.21 10.53
C THR C 400 -17.27 -20.98 11.78
N LEU C 401 -16.41 -20.87 12.79
CA LEU C 401 -16.60 -21.59 14.03
C LEU C 401 -17.88 -21.13 14.72
N ALA C 402 -18.23 -19.88 14.52
CA ALA C 402 -19.43 -19.34 15.13
C ALA C 402 -20.64 -20.11 14.58
N VAL C 403 -20.61 -20.38 13.29
CA VAL C 403 -21.73 -21.05 12.65
C VAL C 403 -21.78 -22.49 13.10
N HIS C 404 -20.59 -23.09 13.26
CA HIS C 404 -20.50 -24.47 13.70
C HIS C 404 -21.17 -24.62 15.07
N GLU C 405 -20.74 -23.79 16.01
CA GLU C 405 -21.22 -23.92 17.37
C GLU C 405 -22.70 -23.60 17.50
N ALA C 406 -23.16 -22.55 16.83
CA ALA C 406 -24.58 -22.22 16.90
C ALA C 406 -25.44 -23.30 16.25
N MET C 407 -24.95 -23.91 15.16
CA MET C 407 -25.69 -25.02 14.58
C MET C 407 -25.81 -26.13 15.64
N ALA C 408 -24.73 -26.32 16.39
CA ALA C 408 -24.74 -27.26 17.50
C ALA C 408 -25.39 -26.65 18.74
N GLY C 409 -26.27 -25.67 18.53
CA GLY C 409 -27.05 -25.13 19.62
C GLY C 409 -26.37 -24.34 20.73
N ALA C 410 -25.19 -23.80 20.49
CA ALA C 410 -24.61 -22.88 21.47
C ALA C 410 -25.35 -21.55 21.41
N THR C 411 -25.56 -20.92 22.56
CA THR C 411 -26.28 -19.65 22.62
C THR C 411 -25.90 -18.88 23.90
N GLY C 412 -26.08 -17.57 23.89
CA GLY C 412 -25.78 -16.76 25.07
C GLY C 412 -24.29 -16.51 25.21
N CYS C 413 -23.56 -16.84 24.17
CA CYS C 413 -22.11 -16.76 24.25
C CYS C 413 -21.51 -16.03 23.06
N ILE C 414 -20.22 -15.72 23.18
CA ILE C 414 -19.44 -15.18 22.09
C ILE C 414 -18.33 -16.18 21.74
N ILE C 415 -17.77 -16.02 20.55
CA ILE C 415 -16.54 -16.76 20.20
C ILE C 415 -15.35 -15.84 20.40
N ALA C 416 -14.25 -16.38 20.89
CA ALA C 416 -13.09 -15.59 21.18
C ALA C 416 -11.82 -16.41 20.97
N MET C 417 -10.68 -15.73 21.07
CA MET C 417 -9.44 -16.42 20.90
C MET C 417 -8.45 -16.17 22.03
N ARG C 418 -8.01 -17.25 22.68
CA ARG C 418 -7.03 -17.20 23.74
C ARG C 418 -6.01 -18.25 23.47
N HIS C 419 -4.76 -17.92 23.75
CA HIS C 419 -3.66 -18.86 23.64
C HIS C 419 -3.71 -19.64 22.33
N ASN C 420 -3.90 -18.91 21.25
CA ASN C 420 -3.92 -19.46 19.90
C ASN C 420 -5.04 -20.48 19.68
N ASN C 421 -6.05 -20.42 20.52
CA ASN C 421 -7.17 -21.34 20.38
C ASN C 421 -8.46 -20.56 20.39
N TYR C 422 -9.46 -21.10 19.70
CA TYR C 422 -10.80 -20.54 19.72
C TYR C 422 -11.62 -21.16 20.82
N ILE C 423 -12.24 -20.29 21.62
CA ILE C 423 -13.05 -20.74 22.74
C ILE C 423 -14.46 -20.15 22.70
N LEU C 424 -15.37 -20.79 23.42
CA LEU C 424 -16.71 -20.25 23.66
C LEU C 424 -16.74 -19.62 25.05
N VAL C 425 -17.34 -18.44 25.14
CA VAL C 425 -17.40 -17.72 26.39
C VAL C 425 -18.76 -17.05 26.54
N PRO C 426 -19.45 -17.36 27.63
CA PRO C 426 -20.77 -16.80 27.95
C PRO C 426 -20.72 -15.29 28.05
N ILE C 427 -21.72 -14.64 27.45
CA ILE C 427 -21.77 -13.18 27.45
C ILE C 427 -21.63 -12.57 28.83
N LYS C 428 -22.28 -13.16 29.83
CA LYS C 428 -22.21 -12.66 31.20
C LYS C 428 -20.78 -12.53 31.71
N VAL C 429 -19.94 -13.53 31.44
CA VAL C 429 -18.55 -13.52 31.90
C VAL C 429 -17.83 -12.42 31.16
N ALA C 430 -17.97 -12.46 29.83
CA ALA C 430 -17.19 -11.58 28.98
C ALA C 430 -17.46 -10.12 29.25
N THR C 431 -18.72 -9.78 29.43
CA THR C 431 -19.10 -8.39 29.74
C THR C 431 -18.83 -7.98 31.19
N SER C 432 -18.27 -8.87 32.01
CA SER C 432 -18.03 -8.55 33.41
C SER C 432 -16.60 -8.11 33.64
N VAL C 433 -15.70 -8.52 32.76
CA VAL C 433 -14.32 -8.14 32.90
C VAL C 433 -13.79 -7.57 31.58
N ARG C 434 -12.73 -6.76 31.67
CA ARG C 434 -12.11 -6.21 30.48
C ARG C 434 -10.57 -6.30 30.53
N ARG C 435 -9.97 -6.42 29.35
CA ARG C 435 -8.52 -6.50 29.24
C ARG C 435 -7.92 -5.10 29.26
N VAL C 436 -6.76 -4.97 29.86
CA VAL C 436 -6.17 -3.66 30.06
C VAL C 436 -4.66 -3.81 30.00
N LEU C 437 -3.96 -2.78 29.60
CA LEU C 437 -2.49 -2.83 29.63
C LEU C 437 -1.95 -3.14 31.04
N ASP C 438 -0.95 -3.99 31.14
CA ASP C 438 -0.19 -4.16 32.37
C ASP C 438 1.07 -3.29 32.28
N LEU C 439 1.18 -2.27 33.11
CA LEU C 439 2.34 -1.37 33.03
C LEU C 439 3.65 -2.04 33.41
N ARG C 440 3.57 -3.26 33.95
CA ARG C 440 4.75 -4.04 34.28
C ARG C 440 5.07 -5.06 33.19
N GLY C 441 4.26 -5.07 32.12
CA GLY C 441 4.41 -6.02 31.01
C GLY C 441 5.46 -5.63 29.98
N GLN C 442 5.88 -6.58 29.12
CA GLN C 442 6.89 -6.29 28.10
C GLN C 442 6.50 -5.20 27.14
N LEU C 443 5.23 -5.18 26.70
CA LEU C 443 4.79 -4.16 25.76
C LEU C 443 4.99 -2.79 26.37
N TRP C 444 4.35 -2.56 27.50
CA TRP C 444 4.55 -1.28 28.16
C TRP C 444 6.02 -1.01 28.53
N ARG C 445 6.79 -2.04 28.88
CA ARG C 445 8.21 -1.83 29.15
C ARG C 445 8.91 -1.33 27.89
N GLN C 446 8.47 -1.82 26.73
CA GLN C 446 9.04 -1.34 25.48
C GLN C 446 8.66 0.12 25.20
N VAL C 447 7.42 0.51 25.55
CA VAL C 447 7.01 1.90 25.40
C VAL C 447 7.90 2.79 26.28
N ARG C 448 8.16 2.36 27.51
CA ARG C 448 9.05 3.11 28.39
C ARG C 448 10.47 3.27 27.81
N GLU C 449 11.03 2.19 27.28
CA GLU C 449 12.33 2.24 26.59
C GLU C 449 12.40 3.33 25.53
N ILE C 450 11.51 3.29 24.54
CA ILE C 450 11.60 4.15 23.35
C ILE C 450 11.17 5.60 23.55
N THR C 451 10.36 5.84 24.57
CA THR C 451 9.90 7.18 24.86
C THR C 451 10.81 7.94 25.82
N VAL C 452 10.72 9.27 25.76
CA VAL C 452 11.33 10.17 26.73
C VAL C 452 11.12 9.63 28.15
N ASP C 453 12.11 9.76 29.02
CA ASP C 453 11.94 9.36 30.41
C ASP C 453 12.08 10.54 31.39
N LEU C 454 11.19 10.62 32.38
CA LEU C 454 11.31 11.61 33.46
C LEU C 454 12.56 11.36 34.31
N GLY C 455 12.70 10.11 34.74
CA GLY C 455 13.70 9.76 35.73
C GLY C 455 15.10 9.60 35.19
N SER C 456 15.51 10.53 34.33
CA SER C 456 16.87 10.56 33.86
C SER C 456 17.42 11.97 34.05
N ASP C 457 18.60 12.07 34.66
CA ASP C 457 19.28 13.34 34.78
C ASP C 457 19.40 13.88 33.36
N VAL C 458 18.60 14.88 33.04
CA VAL C 458 18.61 15.48 31.71
C VAL C 458 20.04 15.67 31.20
N ARG C 459 20.90 16.21 32.07
CA ARG C 459 22.28 16.52 31.73
C ARG C 459 23.12 15.28 31.37
N LEU C 460 23.44 14.46 32.36
CA LEU C 460 24.26 13.28 32.15
C LEU C 460 23.68 12.32 31.10
N ALA C 461 22.36 12.35 30.94
CA ALA C 461 21.72 11.53 29.91
C ALA C 461 22.16 11.95 28.52
N ARG C 462 22.13 13.26 28.26
CA ARG C 462 22.57 13.77 26.97
C ARG C 462 24.08 13.69 26.85
N LYS C 463 24.77 13.83 27.97
CA LYS C 463 26.24 13.77 27.97
C LYS C 463 26.67 12.39 27.50
N LEU C 464 25.94 11.38 27.96
CA LEU C 464 26.22 10.00 27.60
C LEU C 464 25.60 9.67 26.26
N GLU C 465 24.82 10.61 25.74
CA GLU C 465 24.37 10.53 24.36
C GLU C 465 25.49 10.96 23.42
N ILE C 466 25.76 12.26 23.35
CA ILE C 466 26.72 12.77 22.36
C ILE C 466 28.07 12.07 22.42
N ARG C 467 28.37 11.44 23.54
CA ARG C 467 29.61 10.66 23.68
C ARG C 467 29.52 9.35 22.90
N ARG C 468 28.42 8.62 23.11
CA ARG C 468 28.04 7.51 22.24
C ARG C 468 28.19 7.94 20.79
N GLU C 469 27.81 9.19 20.51
CA GLU C 469 27.91 9.74 19.16
C GLU C 469 29.37 9.98 18.76
N LEU C 470 30.09 10.73 19.59
CA LEU C 470 31.50 11.04 19.34
C LEU C 470 32.28 9.78 18.98
N GLU C 471 31.99 8.71 19.74
CA GLU C 471 32.58 7.40 19.46
C GLU C 471 32.29 7.01 18.00
N ALA C 472 31.03 6.64 17.78
CA ALA C 472 30.48 6.29 16.48
C ALA C 472 31.14 7.01 15.30
N ILE C 473 31.21 8.32 15.38
CA ILE C 473 31.68 9.12 14.24
C ILE C 473 33.15 8.83 13.97
N ASN C 474 33.88 8.55 15.04
CA ASN C 474 35.31 8.29 14.95
C ASN C 474 35.58 6.91 14.38
N ARG C 475 34.83 5.92 14.85
CA ARG C 475 34.77 4.63 14.18
C ARG C 475 34.50 4.86 12.69
N ASN C 476 33.49 5.68 12.40
CA ASN C 476 33.17 6.03 11.03
C ASN C 476 34.39 6.61 10.31
N ARG C 477 34.99 7.62 10.92
CA ARG C 477 36.08 8.38 10.27
C ARG C 477 37.28 7.50 9.93
N ASP C 478 37.57 6.55 10.80
CA ASP C 478 38.66 5.64 10.56
C ASP C 478 38.34 4.76 9.37
N ARG C 479 37.26 3.98 9.52
CA ARG C 479 36.78 3.09 8.48
C ARG C 479 36.93 3.69 7.09
N LEU C 480 36.61 4.98 6.97
CA LEU C 480 36.58 5.59 5.65
C LEU C 480 37.96 6.07 5.19
N HIS C 481 38.83 6.41 6.14
CA HIS C 481 40.23 6.67 5.83
C HIS C 481 40.93 5.40 5.38
N GLU C 482 40.68 4.34 6.15
CA GLU C 482 41.10 3.00 5.78
C GLU C 482 40.47 2.59 4.47
N GLU C 483 39.82 3.54 3.80
CA GLU C 483 39.27 3.23 2.50
C GLU C 483 40.19 3.70 1.39
N LEU C 484 40.54 4.99 1.38
CA LEU C 484 41.36 5.51 0.27
C LEU C 484 42.60 4.62 -0.04
N ALA C 485 42.79 4.34 -1.32
CA ALA C 485 43.76 3.36 -1.76
C ALA C 485 43.44 1.99 -1.15
N ARG D 8 -8.68 -30.03 18.54
CA ARG D 8 -8.40 -30.26 17.11
C ARG D 8 -7.79 -29.06 16.35
N VAL D 9 -6.51 -28.79 16.58
CA VAL D 9 -5.84 -27.60 16.02
C VAL D 9 -5.52 -27.67 14.51
N THR D 10 -4.71 -26.72 14.02
CA THR D 10 -4.36 -26.68 12.59
C THR D 10 -2.89 -26.99 12.31
N SER D 11 -2.10 -27.20 13.35
CA SER D 11 -0.71 -27.66 13.19
C SER D 11 -0.56 -29.08 13.74
N LYS D 12 0.64 -29.63 13.56
CA LYS D 12 0.94 -31.00 13.96
C LYS D 12 2.47 -31.09 14.07
N LEU D 13 2.97 -31.87 15.00
CA LEU D 13 4.42 -31.99 15.11
C LEU D 13 4.90 -33.20 14.31
N VAL D 14 6.19 -33.23 14.02
CA VAL D 14 6.74 -34.26 13.14
C VAL D 14 8.23 -34.30 13.36
N LYS D 15 8.84 -35.46 13.16
CA LYS D 15 10.26 -35.58 13.40
C LYS D 15 11.00 -34.81 12.33
N ALA D 16 12.05 -34.11 12.74
CA ALA D 16 12.87 -33.36 11.82
C ALA D 16 13.75 -34.30 10.98
N HIS D 17 13.99 -33.92 9.74
CA HIS D 17 14.78 -34.70 8.80
C HIS D 17 16.17 -35.04 9.34
N ARG D 18 16.64 -34.26 10.31
CA ARG D 18 17.97 -34.48 10.85
C ARG D 18 17.97 -34.32 12.38
N ALA D 19 17.01 -34.95 13.03
CA ALA D 19 16.78 -34.78 14.47
C ALA D 19 17.99 -35.10 15.34
N MET D 20 18.17 -34.31 16.41
CA MET D 20 19.22 -34.56 17.41
C MET D 20 18.70 -35.37 18.61
N LEU D 21 17.44 -35.19 18.96
CA LEU D 21 16.79 -36.00 19.98
C LEU D 21 15.71 -36.84 19.33
N ASN D 22 15.51 -38.07 19.81
CA ASN D 22 14.41 -38.88 19.30
C ASN D 22 13.22 -38.82 20.25
N SER D 23 13.48 -38.44 21.49
CA SER D 23 12.43 -38.20 22.47
C SER D 23 12.77 -36.93 23.20
N VAL D 24 11.77 -36.25 23.76
CA VAL D 24 12.01 -35.01 24.47
C VAL D 24 11.53 -35.11 25.89
N THR D 25 12.41 -34.77 26.82
CA THR D 25 12.09 -34.83 28.25
C THR D 25 12.25 -33.45 28.87
N GLN D 26 11.81 -33.30 30.10
CA GLN D 26 11.84 -32.00 30.76
C GLN D 26 13.25 -31.46 30.83
N GLU D 27 14.22 -32.35 30.98
CA GLU D 27 15.61 -31.94 31.14
C GLU D 27 16.16 -31.38 29.82
N ASP D 28 15.76 -32.03 28.73
CA ASP D 28 15.99 -31.53 27.39
C ASP D 28 15.48 -30.10 27.22
N LEU D 29 14.39 -29.78 27.90
CA LEU D 29 13.75 -28.48 27.74
C LEU D 29 14.38 -27.42 28.61
N LYS D 30 15.24 -27.82 29.53
CA LYS D 30 15.87 -26.86 30.42
C LYS D 30 16.94 -26.12 29.64
N VAL D 31 16.96 -24.81 29.85
CA VAL D 31 17.82 -23.92 29.10
C VAL D 31 19.16 -23.73 29.79
N ASP D 32 20.23 -23.89 29.03
CA ASP D 32 21.56 -23.76 29.56
C ASP D 32 21.82 -22.29 29.94
N ARG D 33 22.53 -22.06 31.04
CA ARG D 33 22.86 -20.70 31.49
C ARG D 33 24.33 -20.63 31.86
N LEU D 34 25.03 -19.61 31.37
CA LEU D 34 26.36 -19.33 31.81
C LEU D 34 26.33 -19.24 33.33
N PRO D 35 27.31 -19.85 34.00
CA PRO D 35 27.42 -19.93 35.45
C PRO D 35 27.39 -18.56 36.11
N GLY D 36 26.45 -18.36 37.03
CA GLY D 36 26.46 -17.17 37.87
C GLY D 36 25.82 -15.92 37.30
N ALA D 37 25.27 -15.10 38.20
CA ALA D 37 24.58 -13.89 37.81
C ALA D 37 24.78 -12.85 38.89
N ASP D 38 25.87 -12.11 38.81
CA ASP D 38 26.29 -11.26 39.93
C ASP D 38 25.95 -9.78 39.80
N TYR D 39 25.70 -9.33 38.58
CA TYR D 39 25.41 -7.92 38.37
C TYR D 39 23.91 -7.68 38.42
N PRO D 40 23.53 -6.46 38.83
CA PRO D 40 22.12 -6.06 38.84
C PRO D 40 21.68 -5.57 37.46
N ASN D 41 20.40 -5.65 37.19
CA ASN D 41 19.85 -5.25 35.89
C ASN D 41 19.44 -3.77 35.91
N PRO D 42 20.17 -2.92 35.18
CA PRO D 42 19.83 -1.49 35.11
C PRO D 42 18.38 -1.29 34.68
N SER D 43 17.90 -2.17 33.80
CA SER D 43 16.52 -2.15 33.33
C SER D 43 15.53 -2.25 34.50
N LYS D 44 15.78 -3.21 35.40
CA LYS D 44 14.91 -3.44 36.55
C LYS D 44 15.41 -2.70 37.80
N LYS D 45 15.71 -1.41 37.64
CA LYS D 45 16.09 -0.56 38.76
C LYS D 45 14.94 -0.48 39.76
N LYS D 55 13.48 -15.64 39.97
CA LYS D 55 13.57 -17.03 39.51
C LYS D 55 12.72 -17.28 38.27
N THR D 56 12.96 -18.41 37.61
CA THR D 56 12.32 -18.73 36.34
C THR D 56 10.84 -19.16 36.47
N ASP D 57 10.00 -18.58 35.63
CA ASP D 57 8.58 -18.94 35.55
C ASP D 57 8.42 -19.86 34.37
N TYR D 58 7.41 -20.72 34.39
CA TYR D 58 7.17 -21.64 33.28
C TYR D 58 5.74 -21.59 32.77
N ILE D 59 5.52 -22.27 31.64
CA ILE D 59 4.19 -22.38 31.07
C ILE D 59 4.03 -23.81 30.56
N MET D 60 2.84 -24.35 30.67
CA MET D 60 2.61 -25.72 30.22
C MET D 60 2.79 -25.81 28.72
N TYR D 61 3.53 -26.82 28.30
CA TYR D 61 3.66 -27.07 26.89
C TYR D 61 2.28 -27.30 26.30
N ASN D 62 1.41 -27.95 27.06
CA ASN D 62 0.06 -28.24 26.57
C ASN D 62 -1.02 -27.92 27.60
N PRO D 63 -1.89 -26.96 27.31
CA PRO D 63 -2.87 -26.46 28.28
C PRO D 63 -4.19 -27.23 28.26
N ARG D 64 -4.24 -28.38 27.58
CA ARG D 64 -5.42 -29.22 27.61
C ARG D 64 -5.36 -30.12 28.85
N PRO D 65 -6.49 -30.29 29.54
CA PRO D 65 -6.53 -31.00 30.83
C PRO D 65 -6.71 -32.49 30.62
N ARG D 66 -6.23 -33.28 31.59
CA ARG D 66 -6.52 -34.72 31.63
C ARG D 66 -7.76 -35.02 32.50
N ASP D 67 -8.03 -36.32 32.73
CA ASP D 67 -9.22 -36.81 33.48
C ASP D 67 -10.45 -36.91 32.60
N GLU D 72 -11.39 -30.09 41.29
CA GLU D 72 -10.11 -29.52 41.69
C GLU D 72 -9.28 -29.19 40.44
N ASN D 73 -8.26 -28.36 40.61
CA ASN D 73 -7.52 -27.78 39.47
C ASN D 73 -7.06 -28.73 38.38
N PRO D 74 -7.19 -28.29 37.11
CA PRO D 74 -6.89 -29.05 35.90
C PRO D 74 -5.43 -29.47 35.83
N VAL D 75 -5.19 -30.67 35.30
CA VAL D 75 -3.86 -31.21 35.17
C VAL D 75 -3.54 -31.43 33.71
N SER D 76 -2.38 -30.93 33.28
CA SER D 76 -2.02 -31.02 31.87
C SER D 76 -1.98 -32.45 31.40
N VAL D 77 -2.41 -32.64 30.16
CA VAL D 77 -2.33 -33.93 29.52
C VAL D 77 -0.87 -34.27 29.22
N SER D 78 0.03 -33.33 29.51
CA SER D 78 1.46 -33.50 29.29
C SER D 78 2.30 -33.00 30.47
N PRO D 79 3.46 -33.61 30.68
CA PRO D 79 4.34 -33.26 31.82
C PRO D 79 5.23 -32.08 31.49
N LEU D 80 5.25 -31.65 30.22
CA LEU D 80 6.27 -30.70 29.79
C LEU D 80 5.96 -29.24 30.16
N LEU D 81 6.96 -28.57 30.67
CA LEU D 81 6.90 -27.14 30.89
C LEU D 81 7.92 -26.43 30.00
N CYS D 82 7.60 -25.21 29.57
CA CYS D 82 8.56 -24.42 28.82
C CYS D 82 8.88 -23.18 29.64
N GLU D 83 10.14 -22.78 29.60
CA GLU D 83 10.59 -21.59 30.31
C GLU D 83 10.13 -20.30 29.64
N LEU D 84 9.59 -19.39 30.44
CA LEU D 84 9.13 -18.12 29.93
C LEU D 84 10.27 -17.12 29.80
N ALA D 85 10.35 -16.45 28.66
CA ALA D 85 11.35 -15.43 28.47
C ALA D 85 10.95 -14.18 29.23
N ALA D 86 11.92 -13.55 29.89
CA ALA D 86 11.64 -12.33 30.61
C ALA D 86 12.91 -11.60 31.01
N ALA D 87 12.77 -10.29 31.25
CA ALA D 87 13.86 -9.50 31.82
C ALA D 87 14.14 -10.00 33.23
N ARG D 88 15.42 -10.08 33.60
CA ARG D 88 15.79 -10.70 34.88
C ARG D 88 16.46 -9.75 35.89
N SER D 89 16.16 -9.93 37.17
CA SER D 89 16.67 -9.05 38.24
C SER D 89 18.19 -9.02 38.25
N ARG D 90 18.77 -10.20 38.16
CA ARG D 90 20.20 -10.35 38.14
C ARG D 90 20.61 -10.83 36.75
N ILE D 91 21.72 -10.30 36.26
CA ILE D 91 22.25 -10.73 34.98
C ILE D 91 23.68 -11.26 35.09
N HIS D 92 24.14 -11.96 34.05
CA HIS D 92 25.41 -12.67 34.10
C HIS D 92 26.56 -11.86 33.60
N PHE D 93 26.33 -11.08 32.56
CA PHE D 93 27.38 -10.26 31.99
C PHE D 93 27.41 -8.89 32.64
N ASN D 94 28.59 -8.29 32.73
CA ASN D 94 28.69 -6.92 33.21
C ASN D 94 28.31 -5.93 32.11
N PRO D 95 27.08 -5.37 32.20
CA PRO D 95 26.46 -4.53 31.18
C PRO D 95 27.43 -3.59 30.47
N THR D 96 28.06 -2.69 31.21
CA THR D 96 28.86 -1.65 30.57
C THR D 96 30.15 -2.16 29.97
N GLU D 97 30.36 -3.47 30.03
CA GLU D 97 31.59 -4.05 29.48
C GLU D 97 31.27 -5.16 28.49
N THR D 98 29.97 -5.46 28.31
CA THR D 98 29.61 -6.52 27.36
C THR D 98 29.60 -6.05 25.90
N THR D 99 30.16 -6.88 25.05
CA THR D 99 30.13 -6.67 23.61
C THR D 99 29.16 -7.66 22.97
N ILE D 100 28.19 -7.14 22.22
CA ILE D 100 27.20 -7.97 21.56
C ILE D 100 27.53 -8.08 20.08
N GLY D 101 27.35 -9.28 19.53
CA GLY D 101 27.52 -9.53 18.11
C GLY D 101 26.27 -10.06 17.43
N ILE D 102 26.05 -9.65 16.18
CA ILE D 102 24.91 -10.11 15.42
C ILE D 102 25.30 -10.64 14.06
N VAL D 103 24.77 -11.80 13.70
CA VAL D 103 24.98 -12.35 12.37
C VAL D 103 23.62 -12.81 11.81
N THR D 104 23.43 -12.69 10.49
CA THR D 104 22.21 -13.18 9.86
C THR D 104 22.57 -14.17 8.76
N CYS D 105 21.99 -15.36 8.81
CA CYS D 105 22.40 -16.40 7.88
C CYS D 105 21.19 -17.00 7.19
N GLY D 106 21.43 -17.78 6.14
CA GLY D 106 20.34 -18.36 5.37
C GLY D 106 19.64 -17.36 4.47
N GLY D 107 18.47 -17.75 3.99
CA GLY D 107 17.69 -16.92 3.10
C GLY D 107 17.24 -15.67 3.79
N ILE D 108 16.69 -14.72 3.03
CA ILE D 108 16.18 -13.50 3.65
C ILE D 108 14.69 -13.59 3.88
N CYS D 109 14.23 -12.78 4.81
CA CYS D 109 12.86 -12.88 5.29
C CYS D 109 12.50 -11.54 5.90
N PRO D 110 11.23 -11.11 5.74
CA PRO D 110 10.84 -9.80 6.29
C PRO D 110 11.10 -9.74 7.79
N GLY D 111 11.74 -8.68 8.26
CA GLY D 111 11.97 -8.48 9.68
C GLY D 111 13.40 -8.63 10.17
N LEU D 112 14.31 -9.07 9.29
CA LEU D 112 15.73 -9.17 9.62
C LEU D 112 16.28 -7.87 10.19
N ASN D 113 15.95 -6.77 9.55
CA ASN D 113 16.46 -5.45 9.98
C ASN D 113 15.78 -4.97 11.24
N ASP D 114 14.54 -5.40 11.47
CA ASP D 114 13.91 -5.06 12.73
C ASP D 114 14.58 -5.83 13.85
N VAL D 115 14.91 -7.09 13.58
CA VAL D 115 15.66 -7.88 14.55
C VAL D 115 17.02 -7.21 14.85
N ILE D 116 17.79 -6.97 13.80
CA ILE D 116 19.08 -6.33 13.93
C ILE D 116 18.94 -5.05 14.72
N ARG D 117 17.99 -4.22 14.31
CA ARG D 117 17.80 -2.91 14.93
C ARG D 117 17.45 -3.02 16.42
N SER D 118 16.53 -3.91 16.74
CA SER D 118 16.06 -4.03 18.12
C SER D 118 17.13 -4.63 19.03
N ILE D 119 17.91 -5.58 18.52
CA ILE D 119 18.95 -6.14 19.34
C ILE D 119 19.87 -5.02 19.71
N THR D 120 20.31 -4.27 18.70
CA THR D 120 21.24 -3.17 18.91
C THR D 120 20.73 -2.14 19.92
N LEU D 121 19.53 -1.65 19.68
CA LEU D 121 19.00 -0.61 20.53
C LEU D 121 18.76 -1.10 21.95
N THR D 122 18.26 -2.31 22.11
CA THR D 122 18.04 -2.87 23.44
C THR D 122 19.35 -2.97 24.20
N GLY D 123 20.37 -3.43 23.50
CA GLY D 123 21.72 -3.48 24.03
C GLY D 123 22.21 -2.10 24.41
N ILE D 124 22.12 -1.16 23.47
CA ILE D 124 22.62 0.19 23.67
C ILE D 124 21.79 1.06 24.62
N ASN D 125 20.47 0.98 24.53
CA ASN D 125 19.61 1.84 25.34
C ASN D 125 19.35 1.25 26.70
N VAL D 126 19.03 -0.03 26.73
CA VAL D 126 18.63 -0.63 28.00
C VAL D 126 19.82 -1.04 28.84
N TYR D 127 20.78 -1.72 28.22
CA TYR D 127 21.88 -2.28 28.99
C TYR D 127 23.14 -1.44 28.90
N ASN D 128 23.14 -0.52 27.95
CA ASN D 128 24.23 0.41 27.78
C ASN D 128 25.52 -0.39 27.58
N VAL D 129 25.43 -1.40 26.75
CA VAL D 129 26.57 -2.28 26.47
C VAL D 129 27.75 -1.52 25.90
N LYS D 130 28.91 -2.14 25.95
CA LYS D 130 30.12 -1.48 25.52
C LYS D 130 30.00 -1.19 24.04
N ARG D 131 29.79 -2.23 23.23
CA ARG D 131 29.65 -2.04 21.80
C ARG D 131 28.83 -3.14 21.15
N VAL D 132 28.28 -2.85 19.98
CA VAL D 132 27.53 -3.84 19.24
C VAL D 132 28.24 -4.06 17.91
N ILE D 133 28.54 -5.31 17.59
CA ILE D 133 29.18 -5.64 16.32
C ILE D 133 28.26 -6.41 15.37
N GLY D 134 28.21 -6.00 14.12
CA GLY D 134 27.45 -6.67 13.11
C GLY D 134 28.39 -7.41 12.20
N PHE D 135 28.18 -8.71 12.03
CA PHE D 135 29.03 -9.49 11.15
C PHE D 135 28.42 -9.62 9.77
N ARG D 136 29.25 -9.49 8.75
CA ARG D 136 28.75 -9.40 7.37
C ARG D 136 28.55 -10.76 6.76
N PHE D 137 27.50 -10.87 5.96
CA PHE D 137 27.31 -12.03 5.10
C PHE D 137 27.33 -13.36 5.83
N GLY D 138 26.54 -13.43 6.90
CA GLY D 138 26.39 -14.66 7.63
C GLY D 138 27.67 -15.11 8.30
N TYR D 139 27.84 -16.43 8.40
CA TYR D 139 28.96 -16.95 9.18
C TYR D 139 30.29 -16.56 8.58
N TRP D 140 30.30 -16.38 7.25
CA TRP D 140 31.49 -15.92 6.54
C TRP D 140 32.10 -14.68 7.20
N GLY D 141 31.25 -13.82 7.77
CA GLY D 141 31.76 -12.64 8.44
C GLY D 141 32.51 -12.95 9.73
N LEU D 142 32.46 -14.21 10.17
CA LEU D 142 33.15 -14.61 11.40
C LEU D 142 34.47 -15.33 11.08
N SER D 143 34.67 -15.67 9.81
CA SER D 143 35.89 -16.31 9.37
C SER D 143 37.07 -15.34 9.47
N LYS D 144 38.29 -15.88 9.41
CA LYS D 144 39.46 -15.03 9.55
C LYS D 144 39.38 -13.97 8.48
N LYS D 145 39.12 -14.42 7.26
CA LYS D 145 38.99 -13.53 6.12
C LYS D 145 37.84 -12.55 6.32
N GLY D 146 36.65 -13.09 6.57
CA GLY D 146 35.46 -12.29 6.72
C GLY D 146 35.54 -11.24 7.81
N SER D 147 36.16 -11.59 8.92
CA SER D 147 36.17 -10.73 10.09
C SER D 147 36.65 -9.30 9.84
N GLN D 148 37.40 -9.11 8.76
CA GLN D 148 37.95 -7.79 8.49
C GLN D 148 36.83 -6.80 8.12
N THR D 149 35.68 -7.33 7.73
CA THR D 149 34.55 -6.52 7.33
C THR D 149 33.55 -6.26 8.44
N ALA D 150 33.81 -6.74 9.65
CA ALA D 150 32.88 -6.49 10.74
C ALA D 150 32.69 -5.00 10.89
N ILE D 151 31.49 -4.57 11.26
CA ILE D 151 31.23 -3.16 11.47
C ILE D 151 30.65 -2.98 12.85
N GLU D 152 30.74 -1.77 13.36
CA GLU D 152 30.20 -1.47 14.67
C GLU D 152 28.84 -0.85 14.48
N LEU D 153 27.85 -1.44 15.13
CA LEU D 153 26.48 -0.99 15.07
C LEU D 153 26.21 0.02 16.18
N HIS D 154 25.68 1.18 15.81
CA HIS D 154 25.28 2.17 16.79
C HIS D 154 23.94 2.76 16.41
N ARG D 155 23.35 3.51 17.33
CA ARG D 155 22.05 4.08 17.11
C ARG D 155 21.94 4.64 15.70
N GLY D 156 22.92 5.44 15.29
CA GLY D 156 22.83 6.09 14.00
C GLY D 156 22.75 5.15 12.82
N ARG D 157 23.30 3.96 12.99
CA ARG D 157 23.40 3.01 11.91
C ARG D 157 22.09 2.24 11.72
N VAL D 158 21.37 2.01 12.82
CA VAL D 158 20.22 1.13 12.77
C VAL D 158 18.91 1.88 12.88
N THR D 159 18.99 3.19 13.07
CA THR D 159 17.80 4.05 13.25
C THR D 159 16.63 3.80 12.31
N ASN D 160 16.93 3.64 11.01
CA ASN D 160 15.88 3.55 10.00
C ASN D 160 15.85 2.24 9.22
N ILE D 161 16.65 1.26 9.63
CA ILE D 161 16.78 0.06 8.81
C ILE D 161 15.51 -0.78 8.77
N HIS D 162 14.66 -0.65 9.78
CA HIS D 162 13.36 -1.37 9.81
C HIS D 162 12.42 -1.04 8.64
N HIS D 163 12.74 0.01 7.89
CA HIS D 163 11.95 0.37 6.70
C HIS D 163 12.36 -0.42 5.47
N TYR D 164 13.41 -1.24 5.58
CA TYR D 164 13.94 -1.96 4.43
C TYR D 164 13.88 -3.48 4.56
N GLY D 165 13.68 -4.14 3.44
CA GLY D 165 13.73 -5.58 3.41
C GLY D 165 15.17 -5.98 3.37
N GLY D 166 15.44 -7.29 3.40
CA GLY D 166 16.78 -7.81 3.34
C GLY D 166 17.45 -7.68 4.69
N THR D 167 18.77 -7.77 4.69
CA THR D 167 19.57 -7.58 5.90
C THR D 167 20.75 -6.67 5.60
N ILE D 168 20.95 -5.63 6.40
CA ILE D 168 22.06 -4.72 6.12
C ILE D 168 23.37 -5.40 6.34
N LEU D 169 23.37 -6.40 7.23
CA LEU D 169 24.57 -7.15 7.53
C LEU D 169 24.92 -8.03 6.36
N GLY D 170 23.89 -8.40 5.61
CA GLY D 170 24.02 -9.37 4.54
C GLY D 170 24.03 -10.80 5.10
N SER D 171 23.89 -11.77 4.22
CA SER D 171 23.84 -13.15 4.63
C SER D 171 24.66 -13.99 3.66
N SER D 172 24.78 -15.28 3.97
CA SER D 172 25.47 -16.23 3.11
C SER D 172 25.07 -17.68 3.38
N ARG D 173 25.58 -18.54 2.50
CA ARG D 173 25.31 -19.96 2.51
C ARG D 173 26.67 -20.67 2.60
N GLY D 174 26.69 -21.88 3.14
CA GLY D 174 27.95 -22.61 3.28
C GLY D 174 28.63 -22.41 4.63
N PRO D 175 29.32 -23.46 5.12
CA PRO D 175 29.90 -23.52 6.46
C PRO D 175 31.16 -22.68 6.62
N GLN D 176 31.50 -22.35 7.85
CA GLN D 176 32.82 -21.82 8.13
C GLN D 176 33.48 -22.68 9.20
N ASP D 177 34.77 -22.47 9.42
CA ASP D 177 35.51 -23.20 10.43
C ASP D 177 35.19 -22.64 11.82
N PRO D 178 34.63 -23.48 12.68
CA PRO D 178 34.23 -23.02 14.02
C PRO D 178 35.39 -22.45 14.80
N LYS D 179 36.59 -22.94 14.53
CA LYS D 179 37.77 -22.47 15.24
C LYS D 179 38.11 -21.07 14.81
N GLU D 180 38.01 -20.80 13.50
CA GLU D 180 38.14 -19.43 12.98
C GLU D 180 37.10 -18.52 13.61
N MET D 181 35.85 -18.96 13.59
CA MET D 181 34.75 -18.14 14.06
C MET D 181 34.91 -17.74 15.50
N VAL D 182 35.32 -18.67 16.34
CA VAL D 182 35.53 -18.38 17.75
C VAL D 182 36.78 -17.55 17.95
N ASP D 183 37.78 -17.80 17.11
CA ASP D 183 38.96 -16.94 17.08
C ASP D 183 38.49 -15.50 16.94
N THR D 184 37.65 -15.27 15.95
CA THR D 184 37.07 -13.94 15.74
C THR D 184 36.33 -13.40 16.97
N LEU D 185 35.42 -14.20 17.53
CA LEU D 185 34.65 -13.79 18.71
C LEU D 185 35.57 -13.37 19.84
N GLU D 186 36.68 -14.09 20.01
CA GLU D 186 37.65 -13.81 21.07
C GLU D 186 38.42 -12.52 20.79
N ARG D 187 38.97 -12.43 19.59
CA ARG D 187 39.74 -11.28 19.19
C ARG D 187 38.94 -9.97 19.34
N LEU D 188 37.65 -10.03 19.03
CA LEU D 188 36.79 -8.85 19.10
C LEU D 188 36.14 -8.62 20.45
N GLY D 189 36.20 -9.59 21.34
CA GLY D 189 35.69 -9.41 22.68
C GLY D 189 34.20 -9.64 22.81
N VAL D 190 33.66 -10.49 21.94
CA VAL D 190 32.24 -10.75 21.95
C VAL D 190 31.84 -11.58 23.15
N ASN D 191 30.80 -11.13 23.86
CA ASN D 191 30.20 -11.87 24.97
C ASN D 191 28.88 -12.57 24.58
N ILE D 192 28.16 -11.97 23.65
CA ILE D 192 26.98 -12.60 23.13
C ILE D 192 27.01 -12.51 21.62
N LEU D 193 26.84 -13.65 20.97
CA LEU D 193 26.57 -13.72 19.54
C LEU D 193 25.09 -14.04 19.36
N PHE D 194 24.34 -13.15 18.75
CA PHE D 194 23.00 -13.49 18.36
C PHE D 194 22.99 -14.03 16.90
N THR D 195 22.53 -15.26 16.75
CA THR D 195 22.47 -15.92 15.47
C THR D 195 21.04 -15.90 14.93
N VAL D 196 20.83 -15.13 13.86
CA VAL D 196 19.52 -14.94 13.28
C VAL D 196 19.45 -15.74 11.99
N GLY D 197 18.56 -16.72 11.96
CA GLY D 197 18.49 -17.61 10.84
C GLY D 197 17.72 -18.88 11.17
N GLY D 198 17.76 -19.83 10.24
CA GLY D 198 17.02 -21.06 10.42
C GLY D 198 17.71 -22.22 11.13
N ASP D 199 17.19 -23.39 10.81
CA ASP D 199 17.64 -24.65 11.34
C ASP D 199 19.14 -24.73 11.21
N GLY D 200 19.63 -24.53 9.99
CA GLY D 200 21.05 -24.60 9.71
C GLY D 200 21.81 -23.66 10.63
N THR D 201 21.37 -22.41 10.66
CA THR D 201 21.99 -21.39 11.49
C THR D 201 22.13 -21.82 12.93
N GLN D 202 21.03 -22.29 13.51
CA GLN D 202 21.05 -22.65 14.92
C GLN D 202 21.92 -23.89 15.19
N ARG D 203 21.91 -24.86 14.27
CA ARG D 203 22.87 -25.97 14.36
C ARG D 203 24.32 -25.43 14.36
N GLY D 204 24.60 -24.46 13.51
CA GLY D 204 25.89 -23.80 13.54
C GLY D 204 26.18 -23.13 14.87
N ALA D 205 25.15 -22.52 15.45
CA ALA D 205 25.29 -21.86 16.74
C ALA D 205 25.80 -22.86 17.79
N LEU D 206 25.16 -24.02 17.90
CA LEU D 206 25.61 -25.05 18.84
C LEU D 206 27.09 -25.40 18.63
N VAL D 207 27.48 -25.61 17.39
CA VAL D 207 28.89 -25.84 17.13
C VAL D 207 29.76 -24.69 17.71
N ILE D 208 29.41 -23.47 17.37
CA ILE D 208 30.17 -22.29 17.84
C ILE D 208 30.19 -22.26 19.37
N SER D 209 29.03 -22.48 19.98
CA SER D 209 28.90 -22.51 21.43
C SER D 209 29.79 -23.60 22.02
N GLN D 210 29.81 -24.77 21.38
CA GLN D 210 30.60 -25.89 21.87
C GLN D 210 32.10 -25.58 21.84
N GLU D 211 32.57 -25.06 20.71
CA GLU D 211 33.95 -24.67 20.57
C GLU D 211 34.38 -23.59 21.59
N ALA D 212 33.51 -22.65 21.88
CA ALA D 212 33.82 -21.62 22.84
C ALA D 212 33.97 -22.23 24.25
N LYS D 213 33.18 -23.25 24.53
CA LYS D 213 33.26 -23.93 25.81
C LYS D 213 34.59 -24.65 25.90
N ARG D 214 34.95 -25.39 24.85
CA ARG D 214 36.22 -26.09 24.86
C ARG D 214 37.33 -25.14 25.29
N ARG D 215 37.14 -23.85 25.04
CA ARG D 215 38.16 -22.87 25.31
C ARG D 215 37.95 -22.17 26.63
N GLY D 216 36.81 -22.42 27.26
CA GLY D 216 36.48 -21.72 28.48
C GLY D 216 36.24 -20.25 28.21
N VAL D 217 35.58 -19.97 27.09
CA VAL D 217 35.23 -18.59 26.78
C VAL D 217 33.86 -18.23 27.32
N ASP D 218 33.77 -17.05 27.92
CA ASP D 218 32.54 -16.56 28.53
C ASP D 218 31.63 -16.00 27.44
N ILE D 219 30.89 -16.87 26.77
CA ILE D 219 30.15 -16.46 25.58
C ILE D 219 28.80 -17.10 25.52
N SER D 220 27.78 -16.27 25.40
CA SER D 220 26.44 -16.75 25.12
C SER D 220 26.21 -16.82 23.63
N VAL D 221 25.63 -17.92 23.17
CA VAL D 221 25.17 -18.00 21.79
C VAL D 221 23.68 -18.19 21.79
N PHE D 222 22.96 -17.15 21.36
CA PHE D 222 21.51 -17.08 21.45
C PHE D 222 20.91 -16.98 20.06
N GLY D 223 19.90 -17.81 19.78
CA GLY D 223 19.31 -17.83 18.46
C GLY D 223 18.03 -17.05 18.33
N VAL D 224 17.92 -16.23 17.28
CA VAL D 224 16.63 -15.69 16.88
C VAL D 224 16.14 -16.43 15.63
N PRO D 225 15.11 -17.26 15.79
CA PRO D 225 14.66 -18.18 14.73
C PRO D 225 14.11 -17.45 13.52
N LYS D 226 14.58 -17.81 12.33
CA LYS D 226 14.13 -17.22 11.08
C LYS D 226 13.59 -18.28 10.12
N THR D 227 12.28 -18.31 9.96
CA THR D 227 11.67 -19.21 9.02
C THR D 227 10.37 -18.59 8.53
N ILE D 228 10.38 -18.18 7.28
CA ILE D 228 9.24 -17.45 6.77
C ILE D 228 8.06 -18.40 6.72
N ASP D 229 8.35 -19.71 6.82
CA ASP D 229 7.31 -20.75 6.66
C ASP D 229 6.44 -21.00 7.90
N ASN D 230 6.86 -20.49 9.05
CA ASN D 230 6.14 -20.73 10.28
C ASN D 230 6.07 -22.23 10.59
N ASP D 231 7.16 -22.94 10.30
CA ASP D 231 7.20 -24.37 10.55
C ASP D 231 8.09 -24.77 11.73
N LEU D 232 8.46 -23.77 12.55
CA LEU D 232 9.27 -23.97 13.75
C LEU D 232 8.45 -24.69 14.84
N SER D 233 9.06 -25.69 15.47
CA SER D 233 8.37 -26.40 16.54
C SER D 233 8.37 -25.52 17.78
N PHE D 234 7.50 -25.84 18.73
CA PHE D 234 7.38 -25.06 19.97
C PHE D 234 7.13 -23.60 19.65
N SER D 235 6.41 -23.36 18.56
CA SER D 235 6.22 -22.00 18.10
C SER D 235 4.92 -21.93 17.34
N HIS D 236 4.14 -20.88 17.56
CA HIS D 236 2.92 -20.68 16.78
C HIS D 236 3.04 -19.56 15.74
N ARG D 237 4.16 -18.83 15.80
CA ARG D 237 4.38 -17.68 14.93
C ARG D 237 5.83 -17.32 14.88
N THR D 238 6.41 -17.27 13.69
CA THR D 238 7.77 -16.76 13.54
C THR D 238 7.74 -15.43 12.75
N PHE D 239 8.71 -14.55 12.98
CA PHE D 239 8.64 -13.23 12.33
C PHE D 239 8.74 -13.38 10.82
N GLY D 240 8.12 -12.44 10.12
CA GLY D 240 8.06 -12.50 8.66
C GLY D 240 6.79 -13.13 8.10
N PHE D 241 6.24 -14.10 8.83
CA PHE D 241 5.19 -14.97 8.33
C PHE D 241 3.92 -14.23 7.97
N GLN D 242 3.45 -13.36 8.84
CA GLN D 242 2.24 -12.62 8.50
C GLN D 242 2.45 -11.71 7.29
N THR D 243 3.66 -11.18 7.14
CA THR D 243 3.95 -10.31 6.03
C THR D 243 3.91 -11.13 4.74
N ALA D 244 4.46 -12.33 4.79
CA ALA D 244 4.45 -13.24 3.67
C ALA D 244 3.01 -13.50 3.19
N VAL D 245 2.12 -13.76 4.14
CA VAL D 245 0.72 -13.99 3.83
C VAL D 245 0.06 -12.77 3.15
N GLU D 246 0.34 -11.56 3.64
CA GLU D 246 -0.17 -10.34 2.97
C GLU D 246 0.23 -10.34 1.51
N LYS D 247 1.52 -10.52 1.28
CA LYS D 247 2.09 -10.45 -0.05
C LYS D 247 1.58 -11.57 -0.92
N ALA D 248 1.65 -12.81 -0.44
CA ALA D 248 1.06 -13.95 -1.14
C ALA D 248 -0.37 -13.70 -1.62
N VAL D 249 -1.20 -13.15 -0.74
CA VAL D 249 -2.56 -12.83 -1.12
C VAL D 249 -2.61 -11.87 -2.32
N GLN D 250 -1.69 -10.90 -2.33
CA GLN D 250 -1.60 -9.93 -3.41
C GLN D 250 -1.21 -10.64 -4.72
N ALA D 251 -0.29 -11.59 -4.60
CA ALA D 251 0.07 -12.44 -5.71
C ALA D 251 -1.16 -13.17 -6.21
N ILE D 252 -1.95 -13.70 -5.27
CA ILE D 252 -3.11 -14.51 -5.64
C ILE D 252 -4.14 -13.69 -6.42
N ARG D 253 -4.33 -12.44 -6.03
CA ARG D 253 -5.32 -11.61 -6.70
C ARG D 253 -4.90 -11.42 -8.14
N ALA D 254 -3.59 -11.36 -8.36
CA ALA D 254 -3.06 -11.14 -9.70
C ALA D 254 -3.37 -12.34 -10.55
N ALA D 255 -3.04 -13.51 -10.03
CA ALA D 255 -3.33 -14.77 -10.71
C ALA D 255 -4.82 -14.88 -10.99
N TYR D 256 -5.64 -14.42 -10.04
CA TYR D 256 -7.08 -14.47 -10.19
C TYR D 256 -7.53 -13.54 -11.31
N ALA D 257 -6.98 -12.35 -11.33
CA ALA D 257 -7.26 -11.42 -12.41
C ALA D 257 -6.91 -12.05 -13.76
N GLU D 258 -5.77 -12.72 -13.84
CA GLU D 258 -5.34 -13.32 -15.08
C GLU D 258 -6.27 -14.45 -15.53
N ALA D 259 -6.71 -15.27 -14.59
CA ALA D 259 -7.58 -16.41 -14.91
C ALA D 259 -8.95 -15.95 -15.41
N VAL D 260 -9.49 -14.93 -14.76
CA VAL D 260 -10.81 -14.43 -15.05
C VAL D 260 -10.88 -13.76 -16.43
N SER D 261 -9.72 -13.37 -16.92
CA SER D 261 -9.63 -12.60 -18.15
C SER D 261 -9.51 -13.53 -19.34
N ALA D 262 -9.51 -14.84 -19.10
CA ALA D 262 -9.32 -15.79 -20.18
C ALA D 262 -10.31 -16.91 -20.05
N ASN D 263 -10.89 -17.30 -21.18
CA ASN D 263 -11.72 -18.48 -21.23
C ASN D 263 -10.87 -19.72 -20.91
N TYR D 264 -11.30 -20.49 -19.90
CA TYR D 264 -10.49 -21.57 -19.37
C TYR D 264 -9.09 -21.05 -19.06
N GLY D 265 -9.06 -20.06 -18.19
CA GLY D 265 -7.82 -19.47 -17.72
C GLY D 265 -7.41 -20.09 -16.39
N VAL D 266 -6.13 -20.42 -16.27
CA VAL D 266 -5.58 -20.97 -15.04
C VAL D 266 -4.46 -20.08 -14.52
N GLY D 267 -4.60 -19.62 -13.29
CA GLY D 267 -3.54 -18.90 -12.64
C GLY D 267 -2.86 -19.82 -11.65
N VAL D 268 -1.57 -20.06 -11.88
CA VAL D 268 -0.77 -20.89 -11.00
C VAL D 268 0.20 -19.99 -10.27
N VAL D 269 0.17 -19.99 -8.94
CA VAL D 269 1.09 -19.19 -8.16
C VAL D 269 1.77 -20.06 -7.13
N LYS D 270 3.08 -19.99 -7.09
CA LYS D 270 3.86 -20.80 -6.16
C LYS D 270 4.14 -20.01 -4.88
N LEU D 271 3.96 -20.64 -3.74
CA LEU D 271 4.22 -19.98 -2.50
C LEU D 271 5.31 -20.72 -1.70
N MET D 272 5.67 -20.17 -0.55
CA MET D 272 6.97 -20.48 0.04
C MET D 272 7.17 -21.88 0.59
N GLY D 273 6.10 -22.56 0.95
CA GLY D 273 6.24 -23.73 1.82
C GLY D 273 7.15 -24.92 1.47
N ARG D 274 8.38 -24.94 2.01
CA ARG D 274 9.35 -26.01 1.72
C ARG D 274 8.98 -27.39 2.28
N ASP D 275 8.61 -27.44 3.56
CA ASP D 275 8.26 -28.70 4.23
C ASP D 275 6.86 -28.65 4.80
N SER D 276 6.19 -27.52 4.65
CA SER D 276 4.88 -27.34 5.25
C SER D 276 4.12 -26.34 4.39
N GLY D 277 2.80 -26.25 4.60
CA GLY D 277 1.95 -25.43 3.74
C GLY D 277 1.17 -24.34 4.44
N PHE D 278 1.65 -23.85 5.58
CA PHE D 278 0.97 -22.76 6.29
C PHE D 278 0.76 -21.49 5.46
N ILE D 279 1.80 -21.05 4.74
CA ILE D 279 1.64 -19.85 3.95
C ILE D 279 0.65 -20.12 2.84
N ALA D 280 0.83 -21.25 2.15
CA ALA D 280 -0.08 -21.61 1.06
C ALA D 280 -1.50 -21.65 1.57
N ALA D 281 -1.70 -22.31 2.70
CA ALA D 281 -3.02 -22.48 3.24
C ALA D 281 -3.64 -21.17 3.70
N GLN D 282 -2.90 -20.40 4.48
CA GLN D 282 -3.46 -19.16 5.02
C GLN D 282 -3.82 -18.25 3.86
N ALA D 283 -2.91 -18.15 2.90
CA ALA D 283 -3.15 -17.30 1.73
C ALA D 283 -4.33 -17.79 0.93
N ALA D 284 -4.50 -19.10 0.83
CA ALA D 284 -5.65 -19.64 0.10
C ALA D 284 -6.94 -19.19 0.72
N VAL D 285 -7.04 -19.28 2.03
CA VAL D 285 -8.27 -18.87 2.72
C VAL D 285 -8.43 -17.33 2.78
N ALA D 286 -7.37 -16.63 3.19
CA ALA D 286 -7.39 -15.17 3.29
C ALA D 286 -7.89 -14.51 1.98
N SER D 287 -7.46 -15.03 0.84
CA SER D 287 -7.82 -14.43 -0.44
C SER D 287 -9.22 -14.79 -0.91
N ALA D 288 -9.78 -15.88 -0.40
CA ALA D 288 -11.07 -16.37 -0.89
C ALA D 288 -11.02 -16.71 -2.38
N GLN D 289 -9.82 -16.78 -2.95
CA GLN D 289 -9.73 -16.89 -4.39
C GLN D 289 -9.14 -18.20 -4.94
N ALA D 290 -8.59 -19.03 -4.07
CA ALA D 290 -7.94 -20.22 -4.55
C ALA D 290 -8.98 -21.30 -4.87
N ASN D 291 -8.81 -21.98 -6.00
CA ASN D 291 -9.65 -23.13 -6.34
C ASN D 291 -8.95 -24.45 -6.04
N ILE D 292 -7.63 -24.45 -6.12
CA ILE D 292 -6.82 -25.60 -5.79
C ILE D 292 -5.62 -25.17 -4.96
N CYS D 293 -5.41 -25.87 -3.85
CA CYS D 293 -4.32 -25.55 -2.96
C CYS D 293 -3.42 -26.77 -2.69
N LEU D 294 -2.20 -26.73 -3.22
CA LEU D 294 -1.28 -27.85 -3.17
C LEU D 294 -0.20 -27.64 -2.11
N VAL D 295 -0.22 -28.46 -1.08
CA VAL D 295 0.76 -28.39 -0.01
C VAL D 295 1.55 -29.70 0.14
N PRO D 296 2.72 -29.63 0.80
CA PRO D 296 3.56 -30.83 0.98
C PRO D 296 2.94 -31.89 1.89
N GLU D 297 2.11 -31.45 2.84
CA GLU D 297 1.42 -32.34 3.75
C GLU D 297 0.49 -33.29 3.00
N ASN D 298 0.09 -32.91 1.80
CA ASN D 298 -0.94 -33.66 1.09
C ASN D 298 -0.56 -33.97 -0.34
N PRO D 299 0.41 -34.87 -0.52
CA PRO D 299 0.97 -35.21 -1.84
C PRO D 299 -0.06 -35.86 -2.74
N ILE D 300 -0.41 -35.23 -3.84
CA ILE D 300 -1.28 -35.90 -4.79
C ILE D 300 -0.68 -35.93 -6.19
N SER D 301 -1.26 -36.75 -7.04
CA SER D 301 -0.65 -37.08 -8.32
C SER D 301 -1.07 -36.08 -9.36
N GLU D 302 -0.28 -36.01 -10.43
CA GLU D 302 -0.62 -35.15 -11.54
C GLU D 302 -2.06 -35.42 -11.99
N GLN D 303 -2.46 -36.69 -11.93
CA GLN D 303 -3.79 -37.10 -12.40
C GLN D 303 -4.90 -36.54 -11.53
N GLU D 304 -4.65 -36.45 -10.23
CA GLU D 304 -5.66 -35.93 -9.32
C GLU D 304 -5.83 -34.44 -9.52
N VAL D 305 -4.69 -33.74 -9.62
CA VAL D 305 -4.68 -32.30 -9.90
C VAL D 305 -5.43 -32.06 -11.19
N MET D 306 -5.04 -32.75 -12.25
CA MET D 306 -5.75 -32.53 -13.52
C MET D 306 -7.23 -32.77 -13.32
N SER D 307 -7.55 -33.73 -12.47
CA SER D 307 -8.94 -34.11 -12.24
C SER D 307 -9.70 -33.00 -11.49
N LEU D 308 -9.08 -32.43 -10.47
CA LEU D 308 -9.70 -31.29 -9.78
C LEU D 308 -9.93 -30.14 -10.75
N LEU D 309 -8.97 -29.93 -11.66
CA LEU D 309 -9.06 -28.86 -12.64
C LEU D 309 -10.26 -29.07 -13.55
N GLU D 310 -10.40 -30.30 -14.04
CA GLU D 310 -11.57 -30.66 -14.83
C GLU D 310 -12.88 -30.31 -14.12
N ARG D 311 -13.00 -30.73 -12.87
CA ARG D 311 -14.20 -30.43 -12.12
C ARG D 311 -14.42 -28.95 -12.04
N ARG D 312 -13.34 -28.19 -11.89
CA ARG D 312 -13.45 -26.75 -11.72
C ARG D 312 -13.99 -26.19 -13.01
N PHE D 313 -13.47 -26.72 -14.11
CA PHE D 313 -13.84 -26.25 -15.44
C PHE D 313 -15.20 -26.78 -15.90
N CYS D 314 -15.88 -27.53 -15.05
CA CYS D 314 -17.25 -27.97 -15.35
C CYS D 314 -18.26 -26.89 -15.05
N HIS D 315 -17.93 -26.00 -14.10
CA HIS D 315 -18.86 -24.95 -13.68
C HIS D 315 -18.26 -23.54 -13.68
N SER D 316 -17.01 -23.43 -14.12
CA SER D 316 -16.33 -22.14 -14.15
C SER D 316 -15.38 -22.05 -15.32
N ARG D 317 -15.15 -20.81 -15.78
CA ARG D 317 -14.19 -20.54 -16.84
C ARG D 317 -12.80 -20.15 -16.32
N SER D 318 -12.64 -20.26 -14.99
CA SER D 318 -11.41 -19.83 -14.32
C SER D 318 -10.93 -20.80 -13.21
N CYS D 319 -9.62 -20.85 -13.03
CA CYS D 319 -9.04 -21.68 -11.98
C CYS D 319 -7.75 -21.09 -11.47
N VAL D 320 -7.70 -20.87 -10.17
CA VAL D 320 -6.47 -20.46 -9.50
C VAL D 320 -5.90 -21.63 -8.70
N ILE D 321 -4.63 -21.93 -8.97
CA ILE D 321 -3.96 -23.03 -8.29
C ILE D 321 -2.83 -22.48 -7.46
N ILE D 322 -2.87 -22.68 -6.15
CA ILE D 322 -1.77 -22.32 -5.28
C ILE D 322 -0.93 -23.57 -5.10
N VAL D 323 0.37 -23.47 -5.28
CA VAL D 323 1.23 -24.62 -5.02
C VAL D 323 2.42 -24.23 -4.14
N ALA D 324 2.62 -24.95 -3.04
CA ALA D 324 3.75 -24.73 -2.18
C ALA D 324 4.99 -25.35 -2.82
N GLU D 325 6.16 -24.75 -2.61
CA GLU D 325 7.34 -25.16 -3.34
C GLU D 325 7.81 -26.57 -3.03
N GLY D 326 7.42 -27.07 -1.87
CA GLY D 326 7.75 -28.43 -1.49
C GLY D 326 6.75 -29.47 -1.96
N PHE D 327 5.70 -29.04 -2.65
CA PHE D 327 4.75 -29.99 -3.23
C PHE D 327 5.38 -30.66 -4.43
N GLY D 328 4.87 -31.85 -4.76
CA GLY D 328 5.21 -32.52 -6.01
C GLY D 328 6.68 -32.73 -6.26
N GLN D 329 7.47 -32.90 -5.20
CA GLN D 329 8.90 -33.16 -5.37
C GLN D 329 9.09 -34.60 -5.88
N ASP D 330 8.03 -35.40 -5.72
CA ASP D 330 8.03 -36.79 -6.16
C ASP D 330 7.54 -36.86 -7.60
N TRP D 331 7.44 -35.71 -8.25
CA TRP D 331 6.91 -35.65 -9.61
C TRP D 331 8.01 -35.73 -10.67
N GLY D 332 9.26 -35.74 -10.22
CA GLY D 332 10.37 -35.87 -11.16
C GLY D 332 11.69 -36.15 -10.48
N ARG D 333 12.77 -36.08 -11.27
CA ARG D 333 14.11 -36.33 -10.76
C ARG D 333 14.42 -35.56 -9.47
N TYR D 338 22.27 -30.03 -4.34
CA TYR D 338 22.47 -29.39 -3.04
C TYR D 338 23.02 -27.99 -3.17
N ASP D 339 22.76 -27.17 -2.15
CA ASP D 339 23.29 -25.80 -2.12
C ASP D 339 24.55 -25.76 -1.27
N ALA D 340 25.17 -24.59 -1.18
CA ALA D 340 26.44 -24.48 -0.47
C ALA D 340 26.35 -24.95 1.00
N SER D 341 25.16 -24.92 1.57
CA SER D 341 25.00 -25.24 2.98
C SER D 341 24.71 -26.71 3.20
N GLY D 342 24.40 -27.42 2.11
CA GLY D 342 24.08 -28.82 2.18
C GLY D 342 22.60 -29.10 2.10
N ASN D 343 21.82 -28.06 1.89
CA ASN D 343 20.39 -28.19 1.75
C ASN D 343 20.06 -28.82 0.41
N LYS D 344 19.07 -29.72 0.41
CA LYS D 344 18.59 -30.35 -0.80
C LYS D 344 17.86 -29.35 -1.65
N LYS D 345 18.34 -29.11 -2.86
CA LYS D 345 17.63 -28.26 -3.81
C LYS D 345 16.34 -28.92 -4.28
N LEU D 346 15.27 -28.15 -4.33
CA LEU D 346 13.97 -28.65 -4.78
C LEU D 346 13.89 -28.55 -6.29
N ILE D 347 13.11 -29.42 -6.92
CA ILE D 347 12.75 -29.17 -8.32
C ILE D 347 11.66 -28.10 -8.32
N ASP D 348 11.72 -27.19 -9.29
CA ASP D 348 10.71 -26.14 -9.36
C ASP D 348 9.35 -26.69 -9.76
N ILE D 349 8.49 -26.90 -8.76
CA ILE D 349 7.21 -27.52 -9.01
C ILE D 349 6.30 -26.51 -9.69
N GLY D 350 6.59 -25.23 -9.46
CA GLY D 350 5.84 -24.17 -10.10
C GLY D 350 5.95 -24.32 -11.59
N VAL D 351 7.18 -24.43 -12.07
CA VAL D 351 7.41 -24.55 -13.50
C VAL D 351 6.85 -25.87 -14.03
N ILE D 352 7.11 -26.97 -13.32
CA ILE D 352 6.71 -28.30 -13.76
C ILE D 352 5.19 -28.42 -13.78
N LEU D 353 4.54 -27.96 -12.71
CA LEU D 353 3.08 -28.03 -12.65
C LEU D 353 2.47 -27.24 -13.78
N THR D 354 3.04 -26.07 -14.06
CA THR D 354 2.51 -25.20 -15.11
C THR D 354 2.56 -25.93 -16.44
N GLU D 355 3.69 -26.62 -16.67
CA GLU D 355 3.86 -27.34 -17.92
C GLU D 355 2.88 -28.49 -18.02
N LYS D 356 2.77 -29.27 -16.95
CA LYS D 356 1.82 -30.38 -16.98
C LYS D 356 0.41 -29.88 -17.28
N VAL D 357 0.07 -28.70 -16.77
CA VAL D 357 -1.28 -28.17 -16.93
C VAL D 357 -1.48 -27.74 -18.38
N LYS D 358 -0.44 -27.11 -18.93
CA LYS D 358 -0.42 -26.75 -20.35
C LYS D 358 -0.61 -28.01 -21.22
N ALA D 359 0.24 -29.01 -21.00
CA ALA D 359 0.09 -30.31 -21.63
C ALA D 359 -1.35 -30.78 -21.56
N PHE D 360 -1.92 -30.83 -20.36
CA PHE D 360 -3.29 -31.33 -20.18
C PHE D 360 -4.33 -30.58 -21.00
N LEU D 361 -4.25 -29.26 -21.02
CA LEU D 361 -5.28 -28.47 -21.69
C LEU D 361 -5.05 -28.50 -23.19
N LYS D 362 -3.81 -28.74 -23.59
CA LYS D 362 -3.49 -28.88 -25.01
C LYS D 362 -4.09 -30.19 -25.53
N ALA D 363 -3.83 -31.28 -24.80
CA ALA D 363 -4.35 -32.60 -25.16
C ALA D 363 -5.87 -32.70 -25.06
N ASN D 364 -6.52 -31.63 -24.64
CA ASN D 364 -7.97 -31.60 -24.56
C ASN D 364 -8.56 -30.37 -25.24
N LYS D 365 -7.94 -29.92 -26.32
CA LYS D 365 -8.39 -28.74 -27.07
C LYS D 365 -9.86 -28.84 -27.41
N SER D 366 -10.34 -30.06 -27.59
CA SER D 366 -11.74 -30.32 -27.80
C SER D 366 -12.58 -29.64 -26.73
N ARG D 367 -12.50 -30.19 -25.52
CA ARG D 367 -13.33 -29.78 -24.39
C ARG D 367 -13.10 -28.32 -24.00
N TYR D 368 -11.86 -27.89 -24.10
CA TYR D 368 -11.50 -26.52 -23.79
C TYR D 368 -10.99 -25.90 -25.09
N PRO D 369 -11.89 -25.26 -25.84
CA PRO D 369 -11.55 -24.60 -27.12
C PRO D 369 -10.35 -23.71 -26.93
N ASP D 370 -10.59 -22.57 -26.30
CA ASP D 370 -9.54 -21.65 -25.89
C ASP D 370 -9.07 -22.08 -24.50
N SER D 371 -7.95 -21.53 -24.02
CA SER D 371 -7.47 -21.78 -22.65
C SER D 371 -6.06 -21.26 -22.46
N THR D 372 -5.79 -20.71 -21.28
CA THR D 372 -4.50 -20.06 -21.00
C THR D 372 -3.97 -20.44 -19.62
N VAL D 373 -2.67 -20.61 -19.53
CA VAL D 373 -2.03 -20.81 -18.25
C VAL D 373 -1.00 -19.69 -17.98
N LYS D 374 -1.21 -18.96 -16.90
CA LYS D 374 -0.26 -17.93 -16.49
C LYS D 374 0.33 -18.29 -15.14
N TYR D 375 1.66 -18.25 -15.05
CA TYR D 375 2.35 -18.67 -13.84
C TYR D 375 3.01 -17.48 -13.14
N ILE D 376 2.80 -17.39 -11.83
CA ILE D 376 3.41 -16.32 -11.05
C ILE D 376 4.28 -16.90 -9.96
N ASP D 377 5.53 -16.49 -9.94
CA ASP D 377 6.42 -16.86 -8.87
C ASP D 377 6.84 -15.66 -8.04
N PRO D 378 6.05 -15.30 -7.05
CA PRO D 378 6.31 -14.06 -6.33
C PRO D 378 7.34 -14.23 -5.23
N SER D 379 8.17 -15.26 -5.34
CA SER D 379 9.08 -15.62 -4.23
C SER D 379 9.90 -14.48 -3.64
N TYR D 380 10.76 -13.88 -4.45
CA TYR D 380 11.65 -12.87 -3.91
C TYR D 380 10.88 -11.66 -3.41
N MET D 381 9.80 -11.30 -4.09
CA MET D 381 9.03 -10.15 -3.66
C MET D 381 8.42 -10.37 -2.29
N ILE D 382 8.20 -11.63 -1.95
CA ILE D 382 7.68 -11.95 -0.63
C ILE D 382 8.79 -11.88 0.40
N ARG D 383 9.91 -12.51 0.12
CA ARG D 383 10.97 -12.59 1.10
C ARG D 383 11.74 -11.28 1.31
N ALA D 384 11.81 -10.46 0.26
CA ALA D 384 12.69 -9.31 0.24
C ALA D 384 11.92 -8.03 0.46
N CYS D 385 10.74 -8.15 1.06
CA CYS D 385 9.93 -6.97 1.26
C CYS D 385 9.85 -6.62 2.72
N PRO D 386 9.61 -5.34 3.02
CA PRO D 386 9.62 -4.86 4.42
C PRO D 386 8.44 -5.41 5.20
N PRO D 387 8.59 -5.51 6.53
CA PRO D 387 7.60 -6.10 7.44
C PRO D 387 6.36 -5.25 7.56
N SER D 388 5.21 -5.93 7.67
CA SER D 388 3.99 -5.33 8.17
C SER D 388 4.28 -4.67 9.53
N ALA D 389 3.46 -3.71 9.93
CA ALA D 389 3.60 -3.09 11.25
C ALA D 389 3.60 -4.15 12.37
N ASN D 390 2.69 -5.11 12.26
CA ASN D 390 2.61 -6.18 13.25
C ASN D 390 3.81 -7.09 13.30
N ASP D 391 4.38 -7.41 12.14
CA ASP D 391 5.64 -8.15 12.15
C ASP D 391 6.77 -7.34 12.81
N ALA D 392 6.79 -6.03 12.59
CA ALA D 392 7.83 -5.21 13.17
C ALA D 392 7.74 -5.31 14.68
N LEU D 393 6.53 -5.14 15.20
CA LEU D 393 6.32 -5.17 16.63
C LEU D 393 6.84 -6.50 17.14
N PHE D 394 6.57 -7.55 16.37
CA PHE D 394 6.91 -8.90 16.78
C PHE D 394 8.42 -9.08 16.82
N CYS D 395 9.07 -8.76 15.73
CA CYS D 395 10.52 -8.72 15.68
C CYS D 395 11.18 -7.99 16.86
N ALA D 396 10.68 -6.79 17.18
CA ALA D 396 11.24 -5.98 18.26
C ALA D 396 11.09 -6.63 19.63
N THR D 397 9.94 -7.27 19.84
CA THR D 397 9.69 -7.95 21.09
C THR D 397 10.65 -9.15 21.22
N LEU D 398 10.70 -10.00 20.21
CA LEU D 398 11.58 -11.15 20.22
C LEU D 398 12.98 -10.71 20.48
N ALA D 399 13.44 -9.72 19.74
CA ALA D 399 14.83 -9.23 19.87
C ALA D 399 15.11 -8.67 21.27
N THR D 400 14.13 -7.95 21.81
CA THR D 400 14.28 -7.31 23.10
C THR D 400 14.44 -8.40 24.14
N LEU D 401 13.51 -9.33 24.15
CA LEU D 401 13.57 -10.44 25.08
C LEU D 401 14.85 -11.25 24.90
N ALA D 402 15.30 -11.35 23.65
CA ALA D 402 16.50 -12.11 23.34
C ALA D 402 17.66 -11.52 24.08
N VAL D 403 17.72 -10.19 24.10
CA VAL D 403 18.81 -9.49 24.76
C VAL D 403 18.71 -9.63 26.26
N HIS D 404 17.49 -9.56 26.79
CA HIS D 404 17.29 -9.72 28.22
C HIS D 404 17.83 -11.04 28.67
N GLU D 405 17.39 -12.12 28.00
CA GLU D 405 17.76 -13.45 28.46
C GLU D 405 19.24 -13.74 28.28
N ALA D 406 19.83 -13.34 27.17
CA ALA D 406 21.26 -13.53 26.97
C ALA D 406 22.08 -12.72 27.97
N MET D 407 21.63 -11.51 28.29
CA MET D 407 22.32 -10.76 29.34
C MET D 407 22.28 -11.58 30.64
N ALA D 408 21.16 -12.24 30.90
CA ALA D 408 21.04 -13.12 32.05
C ALA D 408 21.64 -14.49 31.73
N GLY D 409 22.59 -14.53 30.80
CA GLY D 409 23.32 -15.75 30.51
C GLY D 409 22.65 -16.94 29.86
N ALA D 410 21.51 -16.75 29.21
CA ALA D 410 20.94 -17.87 28.48
C ALA D 410 21.75 -18.12 27.22
N THR D 411 21.90 -19.38 26.84
CA THR D 411 22.72 -19.78 25.70
C THR D 411 22.31 -21.15 25.18
N GLY D 412 22.59 -21.43 23.91
CA GLY D 412 22.27 -22.71 23.31
C GLY D 412 20.79 -22.84 23.02
N CYS D 413 20.09 -21.71 23.07
CA CYS D 413 18.65 -21.72 22.87
C CYS D 413 18.21 -20.66 21.87
N ILE D 414 16.94 -20.78 21.49
CA ILE D 414 16.26 -19.78 20.70
C ILE D 414 15.09 -19.16 21.49
N ILE D 415 14.65 -17.95 21.12
CA ILE D 415 13.41 -17.42 21.64
C ILE D 415 12.28 -17.74 20.67
N ALA D 416 11.11 -18.06 21.22
CA ALA D 416 9.97 -18.46 20.41
C ALA D 416 8.67 -18.00 21.03
N MET D 417 7.59 -18.16 20.31
CA MET D 417 6.31 -17.78 20.84
C MET D 417 5.25 -18.87 20.72
N ARG D 418 4.71 -19.24 21.89
CA ARG D 418 3.65 -20.24 21.96
C ARG D 418 2.58 -19.70 22.86
N HIS D 419 1.33 -19.93 22.46
CA HIS D 419 0.17 -19.60 23.26
C HIS D 419 0.24 -18.17 23.76
N ASN D 420 0.55 -17.28 22.84
CA ASN D 420 0.66 -15.86 23.14
C ASN D 420 1.71 -15.53 24.19
N ASN D 421 2.64 -16.43 24.41
CA ASN D 421 3.73 -16.17 25.35
C ASN D 421 5.08 -16.41 24.71
N TYR D 422 6.07 -15.70 25.22
CA TYR D 422 7.44 -15.86 24.75
C TYR D 422 8.16 -16.84 25.64
N ILE D 423 8.78 -17.83 25.00
CA ILE D 423 9.47 -18.90 25.70
C ILE D 423 10.91 -19.07 25.24
N LEU D 424 11.72 -19.67 26.10
CA LEU D 424 13.05 -20.09 25.71
C LEU D 424 13.03 -21.58 25.38
N VAL D 425 13.71 -21.95 24.30
CA VAL D 425 13.76 -23.34 23.85
C VAL D 425 15.14 -23.69 23.37
N PRO D 426 15.73 -24.74 23.92
CA PRO D 426 17.05 -25.25 23.54
C PRO D 426 17.14 -25.67 22.06
N ILE D 427 18.19 -25.24 21.40
CA ILE D 427 18.33 -25.52 20.00
C ILE D 427 18.09 -27.00 19.69
N LYS D 428 18.68 -27.88 20.49
CA LYS D 428 18.53 -29.32 20.27
C LYS D 428 17.07 -29.78 20.11
N VAL D 429 16.20 -29.32 21.01
CA VAL D 429 14.79 -29.65 20.96
C VAL D 429 14.16 -29.10 19.70
N ALA D 430 14.37 -27.81 19.49
CA ALA D 430 13.75 -27.10 18.37
C ALA D 430 14.12 -27.67 17.00
N THR D 431 15.40 -28.02 16.82
CA THR D 431 15.86 -28.60 15.57
C THR D 431 15.51 -30.08 15.42
N SER D 432 14.81 -30.65 16.40
CA SER D 432 14.49 -32.07 16.37
C SER D 432 13.11 -32.32 15.86
N VAL D 433 12.25 -31.32 15.98
CA VAL D 433 10.88 -31.44 15.50
C VAL D 433 10.47 -30.24 14.63
N ARG D 434 9.44 -30.44 13.83
CA ARG D 434 8.96 -29.36 12.97
C ARG D 434 7.43 -29.31 12.93
N ARG D 435 6.92 -28.09 12.78
CA ARG D 435 5.48 -27.87 12.72
C ARG D 435 4.99 -28.14 11.30
N VAL D 436 3.80 -28.71 11.20
CA VAL D 436 3.28 -29.15 9.91
C VAL D 436 1.76 -29.00 9.91
N LEU D 437 1.17 -28.71 8.76
CA LEU D 437 -0.29 -28.65 8.67
C LEU D 437 -0.96 -29.92 9.18
N ASP D 438 -2.04 -29.76 9.93
CA ASP D 438 -2.88 -30.90 10.30
C ASP D 438 -4.08 -30.93 9.35
N LEU D 439 -4.17 -31.96 8.52
CA LEU D 439 -5.23 -31.99 7.52
C LEU D 439 -6.61 -32.15 8.15
N ARG D 440 -6.64 -32.45 9.44
CA ARG D 440 -7.91 -32.54 10.17
C ARG D 440 -8.22 -31.23 10.90
N GLY D 441 -7.35 -30.23 10.76
CA GLY D 441 -7.51 -28.97 11.47
C GLY D 441 -8.43 -27.96 10.79
N GLN D 442 -8.84 -26.92 11.51
CA GLN D 442 -9.74 -25.92 10.94
C GLN D 442 -9.20 -25.21 9.71
N LEU D 443 -7.90 -24.88 9.72
CA LEU D 443 -7.32 -24.17 8.59
C LEU D 443 -7.50 -25.05 7.38
N TRP D 444 -6.93 -26.24 7.42
CA TRP D 444 -7.07 -27.11 6.27
C TRP D 444 -8.55 -27.47 5.95
N ARG D 445 -9.40 -27.60 6.96
CA ARG D 445 -10.82 -27.78 6.69
C ARG D 445 -11.38 -26.60 5.88
N GLN D 446 -10.92 -25.39 6.16
CA GLN D 446 -11.38 -24.24 5.38
C GLN D 446 -10.86 -24.29 3.93
N VAL D 447 -9.64 -24.77 3.74
CA VAL D 447 -9.11 -24.91 2.40
C VAL D 447 -9.99 -25.90 1.62
N ARG D 448 -10.39 -27.00 2.28
CA ARG D 448 -11.25 -27.99 1.61
C ARG D 448 -12.60 -27.38 1.21
N GLU D 449 -13.21 -26.62 2.13
CA GLU D 449 -14.45 -25.87 1.83
C GLU D 449 -14.35 -25.04 0.53
N ILE D 450 -13.41 -24.10 0.48
CA ILE D 450 -13.35 -23.12 -0.62
C ILE D 450 -12.84 -23.67 -1.97
N THR D 451 -12.09 -24.77 -1.93
CA THR D 451 -11.55 -25.34 -3.13
C THR D 451 -12.51 -26.37 -3.77
N VAL D 452 -12.35 -26.55 -5.08
CA VAL D 452 -12.95 -27.64 -5.81
C VAL D 452 -12.83 -28.92 -4.98
N ASP D 453 -13.85 -29.77 -5.04
CA ASP D 453 -13.80 -31.05 -4.34
C ASP D 453 -13.93 -32.23 -5.31
N LEU D 454 -13.11 -33.27 -5.12
CA LEU D 454 -13.26 -34.51 -5.90
C LEU D 454 -14.58 -35.20 -5.58
N GLY D 455 -14.82 -35.38 -4.28
CA GLY D 455 -15.90 -36.21 -3.78
C GLY D 455 -17.28 -35.60 -3.86
N SER D 456 -17.55 -34.92 -4.96
CA SER D 456 -18.88 -34.39 -5.22
C SER D 456 -19.34 -34.84 -6.60
N ASP D 457 -20.54 -35.40 -6.66
CA ASP D 457 -21.15 -35.73 -7.95
C ASP D 457 -21.12 -34.45 -8.76
N VAL D 458 -20.24 -34.38 -9.75
CA VAL D 458 -20.11 -33.20 -10.59
C VAL D 458 -21.48 -32.66 -11.00
N ARG D 459 -22.36 -33.56 -11.43
CA ARG D 459 -23.70 -33.21 -11.91
C ARG D 459 -24.59 -32.55 -10.83
N LEU D 460 -25.04 -33.36 -9.88
CA LEU D 460 -25.93 -32.85 -8.82
C LEU D 460 -25.35 -31.67 -8.04
N ALA D 461 -24.02 -31.59 -8.00
CA ALA D 461 -23.37 -30.46 -7.34
C ALA D 461 -23.68 -29.16 -8.08
N ARG D 462 -23.54 -29.17 -9.39
CA ARG D 462 -23.83 -27.99 -10.18
C ARG D 462 -25.32 -27.77 -10.25
N LYS D 463 -26.08 -28.87 -10.24
CA LYS D 463 -27.54 -28.77 -10.29
C LYS D 463 -28.03 -28.00 -9.06
N LEU D 464 -27.39 -28.27 -7.93
CA LEU D 464 -27.77 -27.63 -6.69
C LEU D 464 -27.07 -26.28 -6.58
N GLU D 465 -26.20 -26.00 -7.54
CA GLU D 465 -25.66 -24.65 -7.68
C GLU D 465 -26.68 -23.76 -8.38
N ILE D 466 -26.83 -23.93 -9.68
CA ILE D 466 -27.68 -23.03 -10.47
C ILE D 466 -29.09 -22.88 -9.89
N ARG D 467 -29.51 -23.85 -9.07
CA ARG D 467 -30.79 -23.75 -8.40
C ARG D 467 -30.75 -22.75 -7.25
N ARG D 468 -29.72 -22.85 -6.41
CA ARG D 468 -29.36 -21.78 -5.47
C ARG D 468 -29.37 -20.42 -6.20
N GLU D 469 -28.92 -20.43 -7.44
CA GLU D 469 -28.85 -19.22 -8.25
C GLU D 469 -30.25 -18.80 -8.68
N LEU D 470 -30.97 -19.72 -9.32
CA LEU D 470 -32.33 -19.45 -9.77
C LEU D 470 -33.16 -18.80 -8.67
N GLU D 471 -33.04 -19.33 -7.45
CA GLU D 471 -33.70 -18.77 -6.28
C GLU D 471 -33.33 -17.30 -6.14
N ALA D 472 -32.10 -17.06 -5.70
CA ALA D 472 -31.49 -15.74 -5.57
C ALA D 472 -32.00 -14.71 -6.59
N ILE D 473 -31.95 -15.05 -7.87
CA ILE D 473 -32.27 -14.08 -8.92
C ILE D 473 -33.73 -13.68 -8.80
N ASN D 474 -34.56 -14.64 -8.39
CA ASN D 474 -35.99 -14.40 -8.26
C ASN D 474 -36.33 -13.56 -7.05
N ARG D 475 -35.68 -13.84 -5.93
CA ARG D 475 -35.68 -12.92 -4.80
C ARG D 475 -35.26 -11.52 -5.28
N ASN D 476 -34.17 -11.46 -6.02
CA ASN D 476 -33.75 -10.22 -6.66
C ASN D 476 -34.87 -9.57 -7.48
N ARG D 477 -35.43 -10.33 -8.42
CA ARG D 477 -36.41 -9.78 -9.36
C ARG D 477 -37.62 -9.19 -8.65
N ASP D 478 -38.03 -9.85 -7.58
CA ASP D 478 -39.18 -9.38 -6.82
C ASP D 478 -38.84 -8.06 -6.17
N ARG D 479 -37.84 -8.09 -5.29
CA ARG D 479 -37.36 -6.92 -4.60
C ARG D 479 -37.36 -5.68 -5.49
N LEU D 480 -36.94 -5.85 -6.73
CA LEU D 480 -36.77 -4.69 -7.59
C LEU D 480 -38.07 -4.26 -8.26
N HIS D 481 -38.98 -5.22 -8.48
CA HIS D 481 -40.34 -4.90 -8.91
C HIS D 481 -41.08 -4.15 -7.81
N GLU D 482 -40.98 -4.68 -6.59
CA GLU D 482 -41.45 -4.00 -5.40
C GLU D 482 -40.73 -2.67 -5.25
#